data_7TBQ
#
_entry.id   7TBQ
#
_cell.length_a   93.212
_cell.length_b   93.212
_cell.length_c   233.136
_cell.angle_alpha   90
_cell.angle_beta   90
_cell.angle_gamma   120
#
_symmetry.space_group_name_H-M   'P 32'
#
loop_
_entity.id
_entity.type
_entity.pdbx_description
1 polymer 'D7 LOV2-DARPin fusion'
2 non-polymer 'FLAVIN MONONUCLEOTIDE'
3 non-polymer GLYCEROL
4 non-polymer 'MAGNESIUM ION'
5 non-polymer 'CHLORIDE ION'
6 water water
#
_entity_poly.entity_id   1
_entity_poly.type   'polypeptide(L)'
_entity_poly.pdbx_seq_one_letter_code
;GPGSGFLAAALERIEKNFVITDPRLPDNPIIFASDSFLQLTEYSREEILGRNARFLQGPETDRATVRKIRDAIDNQTEVT
VQLINYTKSGKKFWNLFHLQPMRDQKGDVQYFIGVQLDGTEHVRDAAEREAVMLIKKTAAEIDAAAKLAALKAAIEAIIK
RIEEAEKNGDEDKVKELREKLDKLRRAYLILALLIAALKGQIEEVRRLLEQGADANGADGGGTTPLHLAATSGQLTIVEI
LLRQGADVNAADNTGTTPLHLAAYSGHLEIVEVLLKHGADVDASDVFGYTPLHLAAYWGHLEIVEVLLKNGADVNAMDSD
GMTPLHLAAKWGYLEIVEVLLKHGADVNAQDKFGKTPFDLAIDNGNEDIAEVLQKAA
;
_entity_poly.pdbx_strand_id   A,B,C,D,E
#
loop_
_chem_comp.id
_chem_comp.type
_chem_comp.name
_chem_comp.formula
CL non-polymer 'CHLORIDE ION' 'Cl -1'
FMN non-polymer 'FLAVIN MONONUCLEOTIDE' 'C17 H21 N4 O9 P'
GOL non-polymer GLYCEROL 'C3 H8 O3'
MG non-polymer 'MAGNESIUM ION' 'Mg 2'
#
# COMPACT_ATOMS: atom_id res chain seq x y z
N GLY A 3 22.88 -25.91 -29.18
CA GLY A 3 22.25 -24.61 -29.01
C GLY A 3 21.61 -24.07 -30.28
N SER A 4 21.15 -22.80 -30.24
CA SER A 4 20.52 -22.08 -31.36
C SER A 4 20.23 -20.63 -30.97
N GLY A 5 20.91 -19.72 -31.63
CA GLY A 5 20.77 -18.28 -31.38
C GLY A 5 19.45 -17.66 -31.78
N PHE A 6 18.69 -18.31 -32.69
CA PHE A 6 17.42 -17.74 -33.14
C PHE A 6 16.36 -17.83 -32.03
N LEU A 7 16.18 -19.02 -31.48
CA LEU A 7 15.19 -19.27 -30.46
C LEU A 7 15.52 -18.50 -29.21
N ALA A 8 16.81 -18.51 -28.83
CA ALA A 8 17.35 -17.79 -27.69
C ALA A 8 16.83 -16.34 -27.59
N ALA A 9 16.81 -15.64 -28.72
CA ALA A 9 16.33 -14.27 -28.78
C ALA A 9 14.84 -14.12 -28.54
N ALA A 10 14.01 -14.97 -29.15
CA ALA A 10 12.56 -14.84 -29.02
C ALA A 10 12.03 -15.21 -27.64
N LEU A 11 12.53 -16.32 -27.11
CA LEU A 11 12.03 -16.92 -25.89
C LEU A 11 12.75 -16.45 -24.61
N GLU A 12 13.74 -15.55 -24.74
CA GLU A 12 14.49 -15.01 -23.59
C GLU A 12 13.66 -14.23 -22.56
N ARG A 13 12.47 -13.76 -22.95
CA ARG A 13 11.64 -12.94 -22.06
C ARG A 13 10.59 -13.71 -21.30
N ILE A 14 10.29 -14.97 -21.70
CA ILE A 14 9.22 -15.77 -21.08
C ILE A 14 9.36 -15.93 -19.56
N GLU A 15 10.49 -16.46 -19.05
CA GLU A 15 10.69 -16.62 -17.61
C GLU A 15 9.54 -17.47 -16.96
N LYS A 16 9.53 -18.72 -17.38
CA LYS A 16 8.78 -19.91 -16.99
C LYS A 16 9.77 -21.07 -17.25
N ASN A 17 9.61 -22.21 -16.58
CA ASN A 17 10.51 -23.35 -16.82
C ASN A 17 10.12 -24.03 -18.11
N PHE A 18 10.99 -23.94 -19.12
CA PHE A 18 10.76 -24.61 -20.39
C PHE A 18 12.05 -24.81 -21.16
N VAL A 19 12.05 -25.84 -22.00
CA VAL A 19 13.15 -26.18 -22.91
C VAL A 19 12.57 -26.49 -24.28
N ILE A 20 13.38 -26.31 -25.31
CA ILE A 20 13.06 -26.61 -26.69
C ILE A 20 14.08 -27.66 -27.10
N THR A 21 13.69 -28.72 -27.82
CA THR A 21 14.62 -29.76 -28.27
C THR A 21 14.53 -29.96 -29.78
N ASP A 22 15.63 -30.39 -30.42
CA ASP A 22 15.69 -30.57 -31.87
C ASP A 22 15.45 -32.02 -32.19
N PRO A 23 14.27 -32.37 -32.71
CA PRO A 23 14.04 -33.78 -33.06
C PRO A 23 14.88 -34.21 -34.27
N ARG A 24 15.44 -33.27 -35.05
CA ARG A 24 16.25 -33.62 -36.23
C ARG A 24 17.66 -34.08 -35.91
N LEU A 25 18.12 -33.93 -34.70
CA LEU A 25 19.46 -34.32 -34.30
C LEU A 25 19.36 -35.58 -33.49
N PRO A 26 20.42 -36.41 -33.47
CA PRO A 26 20.35 -37.64 -32.67
C PRO A 26 19.97 -37.43 -31.19
N ASP A 27 18.90 -38.13 -30.79
CA ASP A 27 18.44 -38.19 -29.42
C ASP A 27 17.72 -36.94 -28.96
N ASN A 28 17.12 -36.15 -29.89
CA ASN A 28 16.32 -34.98 -29.52
C ASN A 28 17.00 -34.11 -28.43
N PRO A 29 18.20 -33.58 -28.71
CA PRO A 29 18.91 -32.83 -27.67
C PRO A 29 18.26 -31.48 -27.39
N ILE A 30 18.45 -30.96 -26.17
CA ILE A 30 17.95 -29.67 -25.75
C ILE A 30 18.74 -28.59 -26.51
N ILE A 31 18.02 -27.67 -27.19
CA ILE A 31 18.68 -26.59 -27.92
C ILE A 31 18.44 -25.21 -27.30
N PHE A 32 17.61 -25.13 -26.25
CA PHE A 32 17.33 -23.88 -25.56
C PHE A 32 16.74 -24.24 -24.24
N ALA A 33 17.24 -23.64 -23.19
CA ALA A 33 16.72 -23.87 -21.86
C ALA A 33 16.53 -22.53 -21.24
N SER A 34 15.38 -22.33 -20.61
CA SER A 34 15.06 -21.06 -19.98
C SER A 34 15.89 -20.87 -18.71
N ASP A 35 16.03 -19.60 -18.30
CA ASP A 35 16.73 -19.26 -17.07
C ASP A 35 15.96 -19.81 -15.85
N SER A 36 14.63 -19.84 -15.92
CA SER A 36 13.83 -20.40 -14.84
C SER A 36 14.04 -21.91 -14.75
N PHE A 37 14.27 -22.59 -15.88
CA PHE A 37 14.55 -24.03 -15.87
C PHE A 37 15.90 -24.23 -15.20
N LEU A 38 16.90 -23.45 -15.64
CA LEU A 38 18.26 -23.43 -15.13
C LEU A 38 18.28 -23.21 -13.62
N GLN A 39 17.38 -22.35 -13.10
CA GLN A 39 17.23 -22.10 -11.67
C GLN A 39 16.66 -23.37 -11.02
N LEU A 40 15.46 -23.79 -11.44
CA LEU A 40 14.77 -24.97 -10.94
C LEU A 40 15.66 -26.22 -10.84
N THR A 41 16.39 -26.56 -11.91
CA THR A 41 17.19 -27.78 -11.98
C THR A 41 18.59 -27.63 -11.36
N GLU A 42 19.13 -26.40 -11.32
CA GLU A 42 20.44 -26.15 -10.74
C GLU A 42 21.62 -26.42 -11.68
N TYR A 43 21.37 -26.95 -12.89
CA TYR A 43 22.45 -27.17 -13.85
C TYR A 43 22.63 -25.88 -14.66
N SER A 44 23.85 -25.64 -15.11
CA SER A 44 24.17 -24.48 -15.95
C SER A 44 23.69 -24.71 -17.38
N ARG A 45 23.66 -23.65 -18.20
CA ARG A 45 23.27 -23.75 -19.60
C ARG A 45 24.21 -24.69 -20.37
N GLU A 46 25.50 -24.67 -20.05
CA GLU A 46 26.51 -25.50 -20.70
C GLU A 46 26.34 -26.97 -20.37
N GLU A 47 25.93 -27.28 -19.15
CA GLU A 47 25.72 -28.66 -18.70
C GLU A 47 24.41 -29.27 -19.27
N ILE A 48 23.51 -28.42 -19.80
CA ILE A 48 22.22 -28.80 -20.30
C ILE A 48 22.18 -28.92 -21.82
N LEU A 49 22.59 -27.87 -22.56
CA LEU A 49 22.51 -27.86 -24.01
C LEU A 49 23.21 -29.04 -24.66
N GLY A 50 22.56 -29.58 -25.69
CA GLY A 50 23.04 -30.74 -26.42
C GLY A 50 22.73 -32.06 -25.74
N ARG A 51 21.96 -32.05 -24.65
CA ARG A 51 21.61 -33.26 -23.92
C ARG A 51 20.11 -33.61 -23.97
N ASN A 52 19.78 -34.91 -23.96
CA ASN A 52 18.38 -35.31 -23.90
C ASN A 52 17.94 -35.05 -22.45
N ALA A 53 16.74 -34.47 -22.26
CA ALA A 53 16.21 -34.09 -20.96
C ALA A 53 15.97 -35.24 -19.95
N ARG A 54 16.38 -36.49 -20.26
CA ARG A 54 16.19 -37.59 -19.32
C ARG A 54 17.14 -37.56 -18.12
N PHE A 55 18.01 -36.53 -18.02
CA PHE A 55 18.90 -36.42 -16.86
C PHE A 55 18.10 -36.10 -15.60
N LEU A 56 16.97 -35.39 -15.75
CA LEU A 56 16.09 -35.07 -14.63
C LEU A 56 15.48 -36.31 -14.01
N GLN A 57 15.53 -37.47 -14.67
CA GLN A 57 14.95 -38.70 -14.14
C GLN A 57 15.80 -39.36 -13.01
N GLY A 58 15.13 -40.17 -12.18
CA GLY A 58 15.75 -40.87 -11.05
C GLY A 58 15.02 -42.11 -10.59
N PRO A 59 15.29 -42.57 -9.36
CA PRO A 59 14.69 -43.84 -8.88
C PRO A 59 13.20 -43.80 -8.57
N GLU A 60 12.71 -42.76 -7.87
CA GLU A 60 11.28 -42.65 -7.55
C GLU A 60 10.40 -42.20 -8.72
N THR A 61 10.99 -42.04 -9.94
CA THR A 61 10.32 -41.64 -11.17
C THR A 61 9.57 -42.82 -11.79
N ASP A 62 8.24 -42.69 -11.87
CA ASP A 62 7.36 -43.72 -12.40
C ASP A 62 7.69 -44.00 -13.84
N ARG A 63 8.41 -45.10 -14.09
CA ARG A 63 8.83 -45.56 -15.41
C ARG A 63 7.67 -45.73 -16.41
N ALA A 64 6.44 -45.86 -15.90
CA ALA A 64 5.23 -45.99 -16.71
C ALA A 64 4.78 -44.63 -17.21
N THR A 65 4.92 -43.60 -16.35
CA THR A 65 4.62 -42.23 -16.75
C THR A 65 5.67 -41.76 -17.76
N VAL A 66 6.94 -42.12 -17.59
CA VAL A 66 7.97 -41.77 -18.56
C VAL A 66 7.64 -42.33 -19.95
N ARG A 67 7.07 -43.55 -20.03
CA ARG A 67 6.73 -44.13 -21.33
C ARG A 67 5.59 -43.41 -22.02
N LYS A 68 4.71 -42.75 -21.26
CA LYS A 68 3.64 -41.93 -21.84
C LYS A 68 4.23 -40.77 -22.68
N ILE A 69 5.37 -40.20 -22.21
CA ILE A 69 6.13 -39.13 -22.86
C ILE A 69 6.84 -39.67 -24.10
N ARG A 70 7.45 -40.86 -24.03
CA ARG A 70 8.07 -41.46 -25.21
C ARG A 70 7.02 -41.73 -26.28
N ASP A 71 5.83 -42.20 -25.87
CA ASP A 71 4.75 -42.43 -26.81
C ASP A 71 4.32 -41.13 -27.49
N ALA A 72 4.21 -40.01 -26.73
CA ALA A 72 3.82 -38.73 -27.29
C ALA A 72 4.85 -38.18 -28.21
N ILE A 73 6.15 -38.37 -27.90
CA ILE A 73 7.20 -37.85 -28.78
C ILE A 73 7.18 -38.64 -30.07
N ASP A 74 7.17 -39.96 -29.95
CA ASP A 74 7.09 -40.85 -31.08
C ASP A 74 5.89 -40.61 -31.96
N ASN A 75 4.69 -40.45 -31.35
CA ASN A 75 3.47 -40.18 -32.10
C ASN A 75 3.28 -38.71 -32.45
N GLN A 76 4.25 -37.85 -32.13
CA GLN A 76 4.22 -36.42 -32.38
C GLN A 76 2.94 -35.76 -31.92
N THR A 77 2.49 -36.11 -30.73
CA THR A 77 1.32 -35.48 -30.12
C THR A 77 1.72 -34.80 -28.80
N GLU A 78 0.87 -33.92 -28.30
CA GLU A 78 1.11 -33.27 -27.03
C GLU A 78 0.73 -34.22 -25.88
N VAL A 79 1.24 -33.96 -24.69
CA VAL A 79 0.95 -34.78 -23.53
C VAL A 79 1.18 -33.98 -22.26
N THR A 80 0.34 -34.20 -21.24
CA THR A 80 0.50 -33.51 -19.95
C THR A 80 0.53 -34.56 -18.88
N VAL A 81 1.66 -34.73 -18.21
CA VAL A 81 1.81 -35.77 -17.20
C VAL A 81 2.35 -35.19 -15.87
N GLN A 82 2.33 -36.01 -14.80
CA GLN A 82 2.86 -35.60 -13.51
C GLN A 82 3.85 -36.66 -13.11
N LEU A 83 5.09 -36.26 -12.83
CA LEU A 83 6.12 -37.21 -12.46
C LEU A 83 7.18 -36.60 -11.53
N ILE A 84 7.84 -37.42 -10.71
CA ILE A 84 8.90 -36.97 -9.80
C ILE A 84 10.22 -36.74 -10.56
N ASN A 85 10.80 -35.54 -10.43
CA ASN A 85 12.08 -35.23 -11.07
C ASN A 85 13.16 -34.80 -10.05
N TYR A 86 14.43 -34.82 -10.45
CA TYR A 86 15.56 -34.55 -9.56
C TYR A 86 16.46 -33.45 -10.07
N THR A 87 16.91 -32.58 -9.17
CA THR A 87 17.81 -31.49 -9.53
C THR A 87 19.29 -31.99 -9.57
N LYS A 88 20.21 -31.16 -10.09
CA LYS A 88 21.63 -31.46 -10.24
C LYS A 88 22.25 -32.05 -8.98
N SER A 89 21.80 -31.55 -7.84
CA SER A 89 22.25 -31.92 -6.52
C SER A 89 21.72 -33.29 -6.09
N GLY A 90 20.48 -33.58 -6.46
CA GLY A 90 19.77 -34.81 -6.11
C GLY A 90 18.45 -34.54 -5.41
N LYS A 91 18.12 -33.24 -5.17
CA LYS A 91 16.89 -32.78 -4.53
C LYS A 91 15.64 -33.14 -5.37
N LYS A 92 14.87 -34.14 -4.92
CA LYS A 92 13.64 -34.58 -5.59
C LYS A 92 12.59 -33.44 -5.56
N PHE A 93 11.72 -33.38 -6.60
CA PHE A 93 10.65 -32.39 -6.74
C PHE A 93 9.60 -32.90 -7.74
N TRP A 94 8.32 -32.49 -7.58
CA TRP A 94 7.28 -32.93 -8.53
C TRP A 94 7.22 -32.07 -9.78
N ASN A 95 7.14 -32.74 -10.94
CA ASN A 95 7.05 -32.09 -12.23
C ASN A 95 5.69 -32.30 -12.88
N LEU A 96 4.94 -31.22 -13.07
CA LEU A 96 3.73 -31.26 -13.85
C LEU A 96 4.30 -30.84 -15.20
N PHE A 97 4.53 -31.81 -16.07
CA PHE A 97 5.19 -31.63 -17.36
C PHE A 97 4.20 -31.55 -18.54
N HIS A 98 4.46 -30.64 -19.53
CA HIS A 98 3.66 -30.53 -20.74
C HIS A 98 4.48 -30.52 -22.03
N LEU A 99 4.31 -31.56 -22.83
CA LEU A 99 4.98 -31.65 -24.12
C LEU A 99 4.07 -31.05 -25.17
N GLN A 100 4.63 -30.31 -26.10
CA GLN A 100 3.86 -29.70 -27.15
C GLN A 100 4.74 -29.61 -28.40
N PRO A 101 4.40 -30.31 -29.48
CA PRO A 101 5.18 -30.18 -30.71
C PRO A 101 5.00 -28.78 -31.31
N MET A 102 6.06 -28.18 -31.82
CA MET A 102 6.01 -26.89 -32.49
C MET A 102 5.83 -27.23 -33.96
N ARG A 103 4.68 -26.91 -34.58
CA ARG A 103 4.47 -27.29 -35.99
C ARG A 103 4.57 -26.05 -36.95
N ASP A 104 4.91 -26.25 -38.21
CA ASP A 104 4.99 -25.19 -39.20
C ASP A 104 3.59 -24.95 -39.84
N GLN A 105 3.46 -24.11 -40.92
CA GLN A 105 2.11 -23.90 -41.49
C GLN A 105 1.61 -25.17 -42.21
N LYS A 106 2.49 -25.96 -42.83
CA LYS A 106 2.10 -27.23 -43.44
C LYS A 106 1.66 -28.30 -42.37
N GLY A 107 1.86 -28.00 -41.08
CA GLY A 107 1.50 -28.86 -39.95
C GLY A 107 2.54 -29.88 -39.50
N ASP A 108 3.76 -29.81 -40.09
CA ASP A 108 4.88 -30.69 -39.77
C ASP A 108 5.65 -30.22 -38.53
N VAL A 109 6.10 -31.14 -37.65
CA VAL A 109 6.84 -30.82 -36.41
C VAL A 109 8.22 -30.25 -36.71
N GLN A 110 8.64 -29.20 -35.99
CA GLN A 110 9.96 -28.61 -36.18
C GLN A 110 10.81 -28.78 -34.96
N TYR A 111 10.20 -28.56 -33.78
CA TYR A 111 10.85 -28.60 -32.47
C TYR A 111 9.87 -29.15 -31.44
N PHE A 112 10.33 -29.46 -30.23
CA PHE A 112 9.43 -29.85 -29.15
C PHE A 112 9.53 -28.82 -28.01
N ILE A 113 8.39 -28.44 -27.41
CA ILE A 113 8.33 -27.51 -26.30
C ILE A 113 7.98 -28.34 -25.08
N GLY A 114 8.72 -28.15 -24.00
CA GLY A 114 8.52 -28.91 -22.78
C GLY A 114 8.43 -27.98 -21.60
N VAL A 115 7.21 -27.78 -21.09
CA VAL A 115 6.99 -26.87 -19.98
C VAL A 115 6.99 -27.67 -18.68
N GLN A 116 7.65 -27.14 -17.66
CA GLN A 116 7.77 -27.81 -16.38
C GLN A 116 7.19 -26.92 -15.29
N LEU A 117 6.31 -27.47 -14.45
CA LEU A 117 5.71 -26.72 -13.37
C LEU A 117 5.99 -27.48 -12.11
N ASP A 118 6.94 -26.97 -11.34
CA ASP A 118 7.37 -27.60 -10.12
C ASP A 118 6.37 -27.47 -8.97
N GLY A 119 6.07 -28.61 -8.37
CA GLY A 119 5.18 -28.73 -7.22
C GLY A 119 5.84 -29.52 -6.12
N THR A 120 5.45 -29.26 -4.86
CA THR A 120 6.02 -29.99 -3.73
C THR A 120 5.36 -31.39 -3.58
N GLU A 121 4.19 -31.61 -4.22
CA GLU A 121 3.44 -32.87 -4.12
C GLU A 121 2.57 -33.12 -5.40
N HIS A 122 2.17 -34.39 -5.69
CA HIS A 122 1.31 -34.68 -6.85
C HIS A 122 -0.05 -34.04 -6.67
N VAL A 123 -0.31 -32.90 -7.34
CA VAL A 123 -1.59 -32.21 -7.27
C VAL A 123 -2.71 -32.94 -8.02
N ARG A 124 -3.97 -32.79 -7.58
CA ARG A 124 -5.09 -33.51 -8.20
C ARG A 124 -6.42 -32.72 -8.19
N ASP A 125 -7.43 -33.24 -8.93
CA ASP A 125 -8.77 -32.69 -9.07
C ASP A 125 -8.72 -31.23 -9.60
N ALA A 126 -9.55 -30.29 -9.11
CA ALA A 126 -9.60 -28.92 -9.61
C ALA A 126 -8.24 -28.19 -9.64
N ALA A 127 -7.33 -28.49 -8.70
CA ALA A 127 -6.01 -27.87 -8.67
C ALA A 127 -5.11 -28.40 -9.81
N GLU A 128 -5.29 -29.68 -10.18
CA GLU A 128 -4.56 -30.27 -11.30
C GLU A 128 -5.08 -29.61 -12.57
N ARG A 129 -6.41 -29.52 -12.75
CA ARG A 129 -7.05 -28.89 -13.90
C ARG A 129 -6.73 -27.40 -14.04
N GLU A 130 -6.52 -26.71 -12.93
CA GLU A 130 -6.18 -25.30 -12.95
C GLU A 130 -4.77 -25.11 -13.48
N ALA A 131 -3.83 -26.00 -13.08
CA ALA A 131 -2.42 -25.93 -13.48
C ALA A 131 -2.20 -26.42 -14.87
N VAL A 132 -2.91 -27.47 -15.28
CA VAL A 132 -2.83 -28.03 -16.63
C VAL A 132 -3.28 -26.98 -17.63
N MET A 133 -4.35 -26.23 -17.34
CA MET A 133 -4.83 -25.17 -18.22
C MET A 133 -3.79 -24.08 -18.36
N LEU A 134 -3.05 -23.78 -17.27
CA LEU A 134 -2.02 -22.75 -17.25
C LEU A 134 -0.75 -23.14 -18.02
N ILE A 135 -0.18 -24.39 -17.83
CA ILE A 135 0.98 -24.79 -18.63
C ILE A 135 0.62 -24.89 -20.08
N LYS A 136 -0.59 -25.33 -20.43
CA LYS A 136 -1.04 -25.38 -21.82
C LYS A 136 -0.99 -23.98 -22.45
N LYS A 137 -1.44 -22.98 -21.68
CA LYS A 137 -1.41 -21.57 -22.10
C LYS A 137 0.04 -21.07 -22.22
N THR A 138 1.00 -21.63 -21.44
CA THR A 138 2.40 -21.20 -21.50
C THR A 138 3.01 -21.69 -22.77
N ALA A 139 2.83 -23.00 -23.07
CA ALA A 139 3.35 -23.58 -24.30
C ALA A 139 2.73 -22.90 -25.53
N ALA A 140 1.45 -22.53 -25.46
CA ALA A 140 0.78 -21.81 -26.54
C ALA A 140 1.44 -20.49 -26.86
N GLU A 141 1.99 -19.81 -25.80
CA GLU A 141 2.66 -18.51 -25.88
C GLU A 141 4.09 -18.66 -26.31
N ILE A 142 4.77 -19.75 -25.93
CA ILE A 142 6.14 -20.01 -26.38
C ILE A 142 6.07 -20.27 -27.90
N ASP A 143 5.05 -21.02 -28.37
CA ASP A 143 4.89 -21.29 -29.79
C ASP A 143 4.69 -19.99 -30.55
N ALA A 144 3.79 -19.11 -30.05
CA ALA A 144 3.48 -17.83 -30.69
C ALA A 144 4.63 -16.87 -30.62
N ALA A 145 5.41 -16.89 -29.53
CA ALA A 145 6.60 -16.05 -29.42
C ALA A 145 7.59 -16.43 -30.54
N ALA A 146 7.86 -17.74 -30.76
CA ALA A 146 8.74 -18.19 -31.82
C ALA A 146 8.13 -17.86 -33.18
N LYS A 147 6.86 -18.13 -33.38
CA LYS A 147 6.17 -17.80 -34.63
C LYS A 147 6.30 -16.32 -35.01
N LEU A 148 6.18 -15.41 -34.05
CA LEU A 148 6.29 -13.97 -34.32
C LEU A 148 7.71 -13.61 -34.64
N ALA A 149 8.68 -14.16 -33.91
CA ALA A 149 10.09 -13.93 -34.11
C ALA A 149 10.52 -14.36 -35.50
N ALA A 150 9.96 -15.45 -36.01
CA ALA A 150 10.23 -15.97 -37.33
C ALA A 150 9.75 -14.97 -38.39
N LEU A 151 8.57 -14.37 -38.18
CA LEU A 151 7.98 -13.36 -39.08
C LEU A 151 8.80 -12.08 -39.05
N LYS A 152 9.22 -11.63 -37.85
CA LYS A 152 10.07 -10.45 -37.72
C LYS A 152 11.38 -10.63 -38.54
N ALA A 153 11.99 -11.83 -38.42
CA ALA A 153 13.22 -12.17 -39.12
C ALA A 153 13.05 -12.10 -40.60
N ALA A 154 11.96 -12.62 -41.14
CA ALA A 154 11.71 -12.56 -42.58
C ALA A 154 11.57 -11.11 -43.08
N ILE A 155 10.93 -10.25 -42.27
CA ILE A 155 10.80 -8.83 -42.59
C ILE A 155 12.17 -8.18 -42.68
N GLU A 156 13.00 -8.23 -41.59
CA GLU A 156 14.34 -7.62 -41.63
C GLU A 156 15.17 -8.17 -42.79
N ALA A 157 15.02 -9.46 -43.13
CA ALA A 157 15.77 -10.07 -44.24
C ALA A 157 15.38 -9.48 -45.59
N ILE A 158 14.08 -9.31 -45.86
CA ILE A 158 13.63 -8.73 -47.11
C ILE A 158 13.94 -7.23 -47.12
N ILE A 159 13.88 -6.54 -45.97
CA ILE A 159 14.25 -5.12 -45.91
C ILE A 159 15.74 -4.97 -46.33
N LYS A 160 16.60 -5.90 -45.85
CA LYS A 160 18.02 -5.96 -46.21
C LYS A 160 18.21 -6.14 -47.71
N ARG A 161 17.45 -7.07 -48.32
CA ARG A 161 17.47 -7.36 -49.75
C ARG A 161 17.01 -6.15 -50.57
N ILE A 162 16.04 -5.38 -50.04
CA ILE A 162 15.50 -4.16 -50.62
C ILE A 162 16.58 -3.07 -50.72
N GLU A 163 17.35 -2.85 -49.64
CA GLU A 163 18.43 -1.88 -49.63
C GLU A 163 19.48 -2.26 -50.67
N GLU A 164 19.91 -3.53 -50.74
CA GLU A 164 20.90 -3.94 -51.75
C GLU A 164 20.38 -3.74 -53.17
N ALA A 165 19.14 -4.16 -53.46
CA ALA A 165 18.58 -4.02 -54.80
C ALA A 165 18.38 -2.55 -55.19
N GLU A 166 18.01 -1.69 -54.22
CA GLU A 166 17.87 -0.25 -54.43
C GLU A 166 19.24 0.34 -54.79
N LYS A 167 20.29 -0.07 -54.05
CA LYS A 167 21.68 0.35 -54.26
C LYS A 167 22.29 -0.23 -55.54
N ASN A 168 21.73 -1.34 -56.04
CA ASN A 168 22.17 -1.98 -57.29
C ASN A 168 21.44 -1.41 -58.56
N GLY A 169 20.52 -0.46 -58.36
CA GLY A 169 19.74 0.10 -59.45
C GLY A 169 18.48 -0.71 -59.67
N ASP A 170 18.66 -2.04 -59.83
CA ASP A 170 17.69 -3.12 -60.06
C ASP A 170 16.31 -2.88 -59.48
N GLU A 171 15.45 -2.18 -60.24
CA GLU A 171 14.11 -1.89 -59.80
C GLU A 171 13.19 -3.10 -59.95
N ASP A 172 13.40 -3.95 -60.95
CA ASP A 172 12.60 -5.16 -61.16
C ASP A 172 12.62 -6.06 -59.92
N LYS A 173 13.79 -6.13 -59.25
CA LYS A 173 13.94 -6.93 -58.06
C LYS A 173 13.18 -6.28 -56.90
N VAL A 174 13.31 -4.94 -56.71
CA VAL A 174 12.61 -4.23 -55.65
C VAL A 174 11.10 -4.33 -55.82
N LYS A 175 10.58 -4.14 -57.05
CA LYS A 175 9.13 -4.24 -57.33
C LYS A 175 8.58 -5.58 -56.81
N GLU A 176 9.33 -6.68 -57.09
CA GLU A 176 9.05 -8.09 -56.79
C GLU A 176 9.23 -8.45 -55.30
N LEU A 177 10.22 -7.83 -54.64
CA LEU A 177 10.53 -8.00 -53.22
C LEU A 177 9.50 -7.31 -52.34
N ARG A 178 8.98 -6.17 -52.79
CA ARG A 178 7.99 -5.41 -52.07
C ARG A 178 6.65 -6.09 -52.02
N GLU A 179 6.30 -6.89 -53.04
CA GLU A 179 5.03 -7.61 -53.02
C GLU A 179 5.06 -8.78 -52.00
N LYS A 180 6.26 -9.39 -51.79
CA LYS A 180 6.47 -10.45 -50.78
C LYS A 180 6.47 -9.78 -49.40
N LEU A 181 7.13 -8.61 -49.24
CA LEU A 181 7.16 -7.88 -47.97
C LEU A 181 5.74 -7.47 -47.57
N ASP A 182 4.95 -7.01 -48.54
CA ASP A 182 3.58 -6.61 -48.27
C ASP A 182 2.70 -7.77 -47.80
N LYS A 183 3.15 -9.03 -47.97
CA LYS A 183 2.41 -10.18 -47.44
C LYS A 183 2.96 -10.57 -46.05
N LEU A 184 4.28 -10.38 -45.80
CA LEU A 184 4.89 -10.64 -44.50
C LEU A 184 4.32 -9.66 -43.47
N ARG A 185 4.18 -8.37 -43.87
CA ARG A 185 3.59 -7.32 -43.06
C ARG A 185 2.14 -7.71 -42.79
N ARG A 186 1.40 -8.12 -43.85
CA ARG A 186 0.01 -8.58 -43.75
C ARG A 186 -0.16 -9.66 -42.69
N ALA A 187 0.72 -10.70 -42.72
CA ALA A 187 0.70 -11.86 -41.82
C ALA A 187 1.16 -11.55 -40.43
N TYR A 188 2.11 -10.59 -40.30
CA TYR A 188 2.66 -10.20 -39.01
C TYR A 188 1.59 -9.58 -38.17
N LEU A 189 0.73 -8.71 -38.74
CA LEU A 189 -0.33 -8.09 -37.96
C LEU A 189 -1.43 -9.08 -37.64
N ILE A 190 -1.73 -10.04 -38.53
CA ILE A 190 -2.72 -11.10 -38.24
C ILE A 190 -2.30 -11.90 -36.96
N LEU A 191 -0.99 -12.26 -36.85
CA LEU A 191 -0.44 -12.98 -35.71
C LEU A 191 -0.26 -12.08 -34.49
N ALA A 192 0.07 -10.81 -34.72
CA ALA A 192 0.17 -9.80 -33.68
C ALA A 192 -1.19 -9.65 -32.99
N LEU A 193 -2.29 -9.68 -33.78
CA LEU A 193 -3.62 -9.59 -33.20
C LEU A 193 -4.02 -10.91 -32.56
N LEU A 194 -3.55 -12.06 -33.07
CA LEU A 194 -3.87 -13.36 -32.46
C LEU A 194 -3.22 -13.48 -31.06
N ILE A 195 -2.00 -12.99 -30.93
CA ILE A 195 -1.23 -13.00 -29.68
C ILE A 195 -1.80 -11.99 -28.71
N ALA A 196 -2.22 -10.81 -29.20
CA ALA A 196 -2.79 -9.75 -28.36
C ALA A 196 -4.03 -10.25 -27.65
N ALA A 197 -4.88 -11.04 -28.34
CA ALA A 197 -6.07 -11.59 -27.73
C ALA A 197 -5.69 -12.68 -26.71
N LEU A 198 -4.73 -13.56 -27.07
CA LEU A 198 -4.24 -14.64 -26.21
C LEU A 198 -3.67 -14.12 -24.87
N LYS A 199 -2.85 -13.08 -24.95
CA LYS A 199 -2.21 -12.47 -23.80
C LYS A 199 -3.08 -11.45 -23.08
N GLY A 200 -4.26 -11.11 -23.61
CA GLY A 200 -5.14 -10.15 -22.97
C GLY A 200 -4.70 -8.69 -23.02
N GLN A 201 -3.95 -8.31 -24.06
CA GLN A 201 -3.46 -6.96 -24.22
C GLN A 201 -4.54 -6.08 -24.88
N ILE A 202 -5.51 -5.61 -24.10
CA ILE A 202 -6.62 -4.78 -24.62
C ILE A 202 -6.19 -3.56 -25.51
N GLU A 203 -5.15 -2.81 -25.12
CA GLU A 203 -4.75 -1.65 -25.91
C GLU A 203 -4.10 -2.06 -27.22
N GLU A 204 -3.36 -3.19 -27.23
CA GLU A 204 -2.74 -3.69 -28.47
C GLU A 204 -3.84 -4.06 -29.47
N VAL A 205 -4.90 -4.76 -28.97
CA VAL A 205 -6.07 -5.15 -29.73
C VAL A 205 -6.73 -3.91 -30.36
N ARG A 206 -7.02 -2.87 -29.56
CA ARG A 206 -7.64 -1.66 -30.08
C ARG A 206 -6.76 -0.98 -31.11
N ARG A 207 -5.44 -0.87 -30.84
CA ARG A 207 -4.45 -0.22 -31.72
C ARG A 207 -4.34 -0.89 -33.09
N LEU A 208 -4.18 -2.23 -33.12
CA LEU A 208 -4.05 -2.97 -34.36
C LEU A 208 -5.32 -2.87 -35.18
N LEU A 209 -6.50 -3.06 -34.55
CA LEU A 209 -7.78 -2.91 -35.26
C LEU A 209 -7.94 -1.49 -35.79
N GLU A 210 -7.60 -0.47 -34.97
CA GLU A 210 -7.64 0.97 -35.32
C GLU A 210 -6.72 1.24 -36.53
N GLN A 211 -5.57 0.58 -36.57
CA GLN A 211 -4.61 0.70 -37.67
C GLN A 211 -4.94 -0.12 -38.92
N GLY A 212 -6.04 -0.89 -38.91
CA GLY A 212 -6.45 -1.63 -40.09
C GLY A 212 -6.49 -3.13 -40.00
N ALA A 213 -6.11 -3.73 -38.87
CA ALA A 213 -6.12 -5.20 -38.73
C ALA A 213 -7.50 -5.78 -38.95
N ASP A 214 -7.59 -6.86 -39.73
CA ASP A 214 -8.85 -7.55 -39.97
C ASP A 214 -9.23 -8.24 -38.67
N ALA A 215 -10.44 -7.97 -38.15
CA ALA A 215 -10.94 -8.57 -36.91
C ALA A 215 -11.23 -10.08 -37.03
N ASN A 216 -11.17 -10.63 -38.26
CA ASN A 216 -11.42 -12.04 -38.62
C ASN A 216 -10.21 -12.75 -39.26
N GLY A 217 -9.08 -12.08 -39.32
CA GLY A 217 -7.86 -12.61 -39.89
C GLY A 217 -7.40 -13.76 -39.06
N ALA A 218 -7.26 -14.91 -39.70
CA ALA A 218 -6.93 -16.13 -39.03
C ALA A 218 -5.62 -16.65 -39.47
N ASP A 219 -4.93 -17.39 -38.60
CA ASP A 219 -3.70 -18.05 -38.99
C ASP A 219 -4.00 -19.20 -39.99
N GLY A 220 -2.96 -19.83 -40.55
CA GLY A 220 -3.16 -20.90 -41.52
C GLY A 220 -4.11 -22.02 -41.09
N GLY A 221 -4.22 -22.20 -39.77
CA GLY A 221 -5.03 -23.23 -39.15
C GLY A 221 -6.47 -22.86 -38.92
N GLY A 222 -6.85 -21.62 -39.21
CA GLY A 222 -8.23 -21.18 -39.04
C GLY A 222 -8.51 -20.47 -37.73
N THR A 223 -7.49 -20.18 -36.92
CA THR A 223 -7.69 -19.52 -35.65
C THR A 223 -7.91 -18.02 -35.75
N THR A 224 -9.09 -17.54 -35.34
CA THR A 224 -9.39 -16.10 -35.34
C THR A 224 -9.09 -15.50 -33.97
N PRO A 225 -8.92 -14.16 -33.86
CA PRO A 225 -8.62 -13.58 -32.53
C PRO A 225 -9.69 -13.90 -31.50
N LEU A 226 -10.96 -14.04 -31.94
CA LEU A 226 -12.12 -14.34 -31.10
C LEU A 226 -11.99 -15.75 -30.48
N HIS A 227 -11.33 -16.70 -31.16
CA HIS A 227 -11.11 -18.07 -30.65
C HIS A 227 -10.13 -18.01 -29.47
N LEU A 228 -9.07 -17.16 -29.59
CA LEU A 228 -8.05 -17.04 -28.57
C LEU A 228 -8.49 -16.21 -27.39
N ALA A 229 -9.28 -15.17 -27.65
CA ALA A 229 -9.84 -14.34 -26.62
C ALA A 229 -10.83 -15.19 -25.80
N ALA A 230 -11.64 -16.02 -26.45
CA ALA A 230 -12.55 -16.94 -25.76
C ALA A 230 -11.80 -17.97 -24.92
N THR A 231 -10.72 -18.56 -25.43
CA THR A 231 -9.94 -19.55 -24.72
C THR A 231 -9.25 -18.95 -23.46
N SER A 232 -8.89 -17.64 -23.53
CA SER A 232 -8.17 -16.96 -22.46
C SER A 232 -9.01 -16.43 -21.33
N GLY A 233 -10.24 -16.02 -21.61
CA GLY A 233 -11.09 -15.40 -20.58
C GLY A 233 -10.92 -13.89 -20.60
N GLN A 234 -11.06 -13.31 -21.78
CA GLN A 234 -10.88 -11.89 -21.99
C GLN A 234 -12.20 -11.31 -22.49
N LEU A 235 -13.13 -11.02 -21.57
CA LEU A 235 -14.43 -10.49 -21.98
C LEU A 235 -14.34 -9.20 -22.78
N THR A 236 -13.47 -8.26 -22.37
CA THR A 236 -13.34 -7.00 -23.06
C THR A 236 -12.92 -7.17 -24.51
N ILE A 237 -11.82 -7.92 -24.78
CA ILE A 237 -11.32 -8.17 -26.13
C ILE A 237 -12.41 -8.86 -26.96
N VAL A 238 -13.14 -9.86 -26.36
CA VAL A 238 -14.24 -10.57 -27.01
C VAL A 238 -15.27 -9.55 -27.49
N GLU A 239 -15.76 -8.72 -26.56
CA GLU A 239 -16.73 -7.67 -26.84
C GLU A 239 -16.26 -6.66 -27.91
N ILE A 240 -14.95 -6.28 -27.90
CA ILE A 240 -14.30 -5.34 -28.84
C ILE A 240 -14.31 -5.93 -30.24
N LEU A 241 -13.97 -7.24 -30.33
CA LEU A 241 -13.91 -8.04 -31.57
C LEU A 241 -15.30 -8.22 -32.13
N LEU A 242 -16.31 -8.43 -31.27
CA LEU A 242 -17.68 -8.58 -31.72
C LEU A 242 -18.28 -7.24 -32.15
N ARG A 243 -17.86 -6.12 -31.54
CA ARG A 243 -18.29 -4.77 -31.94
C ARG A 243 -17.70 -4.50 -33.31
N GLN A 244 -16.40 -4.82 -33.51
CA GLN A 244 -15.73 -4.63 -34.79
C GLN A 244 -16.13 -5.67 -35.84
N GLY A 245 -17.29 -6.27 -35.68
CA GLY A 245 -17.84 -7.27 -36.60
C GLY A 245 -17.04 -8.54 -36.82
N ALA A 246 -16.81 -9.33 -35.76
CA ALA A 246 -16.13 -10.61 -35.93
C ALA A 246 -17.17 -11.71 -36.00
N ASP A 247 -16.84 -12.76 -36.73
CA ASP A 247 -17.68 -13.91 -36.92
C ASP A 247 -17.66 -14.76 -35.66
N VAL A 248 -18.80 -14.77 -34.95
CA VAL A 248 -19.06 -15.53 -33.72
C VAL A 248 -19.17 -17.07 -34.00
N ASN A 249 -19.35 -17.47 -35.27
CA ASN A 249 -19.43 -18.90 -35.61
C ASN A 249 -18.22 -19.35 -36.43
N ALA A 250 -17.08 -18.66 -36.31
CA ALA A 250 -15.89 -19.01 -37.08
C ALA A 250 -15.38 -20.38 -36.67
N ALA A 251 -14.95 -21.18 -37.63
CA ALA A 251 -14.46 -22.51 -37.34
C ALA A 251 -13.06 -22.65 -37.82
N ASP A 252 -12.19 -23.26 -37.01
CA ASP A 252 -10.83 -23.48 -37.44
C ASP A 252 -10.71 -24.80 -38.24
N ASN A 253 -9.49 -25.20 -38.66
CA ASN A 253 -9.24 -26.43 -39.42
C ASN A 253 -9.82 -27.68 -38.72
N THR A 254 -10.13 -27.58 -37.40
CA THR A 254 -10.70 -28.67 -36.63
C THR A 254 -12.19 -28.48 -36.31
N GLY A 255 -12.86 -27.55 -36.96
CA GLY A 255 -14.28 -27.30 -36.74
C GLY A 255 -14.59 -26.74 -35.36
N THR A 256 -13.58 -26.19 -34.68
CA THR A 256 -13.77 -25.64 -33.36
C THR A 256 -14.21 -24.19 -33.45
N THR A 257 -15.27 -23.85 -32.74
CA THR A 257 -15.78 -22.48 -32.75
C THR A 257 -15.36 -21.73 -31.47
N PRO A 258 -15.39 -20.37 -31.42
CA PRO A 258 -15.05 -19.67 -30.17
C PRO A 258 -15.82 -20.22 -28.96
N LEU A 259 -17.08 -20.70 -29.18
CA LEU A 259 -17.96 -21.22 -28.16
C LEU A 259 -17.52 -22.58 -27.64
N HIS A 260 -16.85 -23.38 -28.47
CA HIS A 260 -16.29 -24.66 -28.03
C HIS A 260 -15.14 -24.34 -27.03
N LEU A 261 -14.28 -23.38 -27.39
CA LEU A 261 -13.15 -23.00 -26.57
C LEU A 261 -13.55 -22.33 -25.29
N ALA A 262 -14.67 -21.59 -25.29
CA ALA A 262 -15.23 -20.94 -24.13
C ALA A 262 -15.77 -22.03 -23.16
N ALA A 263 -16.51 -23.04 -23.67
CA ALA A 263 -17.00 -24.18 -22.86
C ALA A 263 -15.84 -25.05 -22.32
N TYR A 264 -14.76 -25.24 -23.10
CA TYR A 264 -13.63 -26.06 -22.69
C TYR A 264 -12.84 -25.34 -21.55
N SER A 265 -12.62 -24.03 -21.69
CA SER A 265 -11.84 -23.25 -20.73
C SER A 265 -12.55 -22.93 -19.42
N GLY A 266 -13.87 -23.09 -19.39
CA GLY A 266 -14.64 -22.86 -18.19
C GLY A 266 -14.85 -21.40 -17.91
N HIS A 267 -14.96 -20.59 -18.97
CA HIS A 267 -15.19 -19.16 -18.84
C HIS A 267 -16.65 -18.90 -19.09
N LEU A 268 -17.41 -18.88 -17.99
CA LEU A 268 -18.86 -18.77 -18.00
C LEU A 268 -19.39 -17.50 -18.64
N GLU A 269 -18.76 -16.35 -18.34
CA GLU A 269 -19.20 -15.03 -18.81
C GLU A 269 -19.11 -14.92 -20.31
N ILE A 270 -18.01 -15.42 -20.88
CA ILE A 270 -17.76 -15.39 -22.32
C ILE A 270 -18.83 -16.20 -23.06
N VAL A 271 -19.18 -17.42 -22.56
CA VAL A 271 -20.20 -18.28 -23.18
C VAL A 271 -21.53 -17.51 -23.34
N GLU A 272 -21.94 -16.81 -22.28
CA GLU A 272 -23.18 -16.07 -22.28
C GLU A 272 -23.18 -14.98 -23.30
N VAL A 273 -22.05 -14.30 -23.48
CA VAL A 273 -21.95 -13.20 -24.44
C VAL A 273 -21.93 -13.68 -25.87
N LEU A 274 -21.29 -14.84 -26.11
CA LEU A 274 -21.19 -15.44 -27.44
C LEU A 274 -22.55 -15.96 -27.87
N LEU A 275 -23.28 -16.62 -26.97
CA LEU A 275 -24.63 -17.07 -27.29
C LEU A 275 -25.56 -15.88 -27.48
N LYS A 276 -25.37 -14.82 -26.66
CA LYS A 276 -26.11 -13.56 -26.78
C LYS A 276 -25.88 -12.86 -28.13
N HIS A 277 -24.83 -13.25 -28.88
CA HIS A 277 -24.46 -12.65 -30.15
C HIS A 277 -24.65 -13.59 -31.38
N GLY A 278 -25.28 -14.75 -31.18
CA GLY A 278 -25.57 -15.68 -32.28
C GLY A 278 -24.75 -16.95 -32.40
N ALA A 279 -24.12 -17.42 -31.31
CA ALA A 279 -23.32 -18.64 -31.38
C ALA A 279 -24.22 -19.88 -31.49
N ASP A 280 -23.82 -20.83 -32.34
CA ASP A 280 -24.56 -22.07 -32.55
C ASP A 280 -24.29 -23.00 -31.37
N VAL A 281 -25.26 -23.19 -30.48
CA VAL A 281 -25.09 -24.06 -29.29
C VAL A 281 -24.82 -25.53 -29.65
N ASP A 282 -25.17 -25.92 -30.87
CA ASP A 282 -25.02 -27.27 -31.33
C ASP A 282 -23.99 -27.42 -32.47
N ALA A 283 -23.05 -26.48 -32.58
CA ALA A 283 -21.99 -26.57 -33.57
C ALA A 283 -21.08 -27.75 -33.19
N SER A 284 -20.73 -28.60 -34.17
CA SER A 284 -19.93 -29.77 -33.88
C SER A 284 -18.56 -29.73 -34.55
N ASP A 285 -17.51 -30.06 -33.81
CA ASP A 285 -16.16 -30.07 -34.36
C ASP A 285 -15.92 -31.34 -35.23
N VAL A 286 -14.70 -31.54 -35.77
CA VAL A 286 -14.41 -32.70 -36.61
C VAL A 286 -14.71 -34.04 -35.91
N PHE A 287 -14.67 -34.07 -34.58
CA PHE A 287 -14.99 -35.30 -33.86
C PHE A 287 -16.47 -35.43 -33.51
N GLY A 288 -17.29 -34.42 -33.77
CA GLY A 288 -18.71 -34.44 -33.43
C GLY A 288 -19.05 -33.86 -32.07
N TYR A 289 -18.07 -33.25 -31.38
CA TYR A 289 -18.31 -32.68 -30.06
C TYR A 289 -18.95 -31.33 -30.18
N THR A 290 -20.05 -31.16 -29.49
CA THR A 290 -20.69 -29.87 -29.38
C THR A 290 -20.11 -29.17 -28.11
N PRO A 291 -20.34 -27.86 -27.88
CA PRO A 291 -19.85 -27.26 -26.62
C PRO A 291 -20.32 -28.00 -25.36
N LEU A 292 -21.54 -28.64 -25.40
CA LEU A 292 -22.09 -29.44 -24.30
C LEU A 292 -21.19 -30.64 -24.00
N HIS A 293 -20.65 -31.29 -25.03
CA HIS A 293 -19.74 -32.40 -24.83
C HIS A 293 -18.46 -31.90 -24.14
N LEU A 294 -17.96 -30.71 -24.53
CA LEU A 294 -16.74 -30.15 -23.93
C LEU A 294 -16.93 -29.68 -22.48
N ALA A 295 -18.15 -29.24 -22.16
CA ALA A 295 -18.47 -28.78 -20.83
C ALA A 295 -18.46 -30.01 -19.88
N ALA A 296 -19.11 -31.10 -20.31
CA ALA A 296 -19.22 -32.36 -19.59
C ALA A 296 -17.87 -33.05 -19.36
N TYR A 297 -17.01 -33.11 -20.37
CA TYR A 297 -15.73 -33.81 -20.26
C TYR A 297 -14.73 -33.07 -19.35
N TRP A 298 -14.86 -31.73 -19.28
CA TRP A 298 -13.88 -30.93 -18.55
C TRP A 298 -14.22 -30.57 -17.13
N GLY A 299 -15.42 -30.91 -16.67
CA GLY A 299 -15.81 -30.65 -15.30
C GLY A 299 -16.39 -29.28 -15.06
N HIS A 300 -16.92 -28.67 -16.13
CA HIS A 300 -17.51 -27.33 -16.01
C HIS A 300 -19.02 -27.49 -15.75
N LEU A 301 -19.34 -27.59 -14.46
CA LEU A 301 -20.69 -27.72 -13.96
C LEU A 301 -21.58 -26.57 -14.43
N GLU A 302 -21.18 -25.33 -14.15
CA GLU A 302 -21.97 -24.12 -14.40
C GLU A 302 -22.38 -23.86 -15.87
N ILE A 303 -21.46 -24.13 -16.82
CA ILE A 303 -21.67 -23.91 -18.25
C ILE A 303 -22.74 -24.81 -18.87
N VAL A 304 -22.81 -26.09 -18.46
CA VAL A 304 -23.84 -27.02 -18.95
C VAL A 304 -25.27 -26.46 -18.77
N GLU A 305 -25.59 -25.95 -17.55
CA GLU A 305 -26.91 -25.39 -17.26
C GLU A 305 -27.24 -24.23 -18.18
N VAL A 306 -26.23 -23.41 -18.54
CA VAL A 306 -26.46 -22.27 -19.42
C VAL A 306 -26.63 -22.72 -20.88
N LEU A 307 -25.79 -23.66 -21.35
CA LEU A 307 -25.83 -24.17 -22.72
C LEU A 307 -27.16 -24.84 -23.05
N LEU A 308 -27.65 -25.73 -22.17
CA LEU A 308 -28.93 -26.40 -22.39
C LEU A 308 -30.10 -25.41 -22.51
N LYS A 309 -30.05 -24.31 -21.74
CA LYS A 309 -31.08 -23.26 -21.76
C LYS A 309 -31.18 -22.48 -23.09
N ASN A 310 -30.19 -22.68 -24.00
CA ASN A 310 -30.16 -21.99 -25.30
C ASN A 310 -30.45 -22.89 -26.52
N GLY A 311 -30.70 -24.19 -26.28
CA GLY A 311 -31.02 -25.13 -27.36
C GLY A 311 -30.11 -26.33 -27.49
N ALA A 312 -29.22 -26.56 -26.52
CA ALA A 312 -28.29 -27.68 -26.58
C ALA A 312 -28.99 -29.02 -26.45
N ASP A 313 -28.70 -29.92 -27.39
CA ASP A 313 -29.27 -31.27 -27.40
C ASP A 313 -28.53 -32.09 -26.35
N VAL A 314 -29.19 -32.38 -25.21
CA VAL A 314 -28.58 -33.16 -24.12
C VAL A 314 -28.26 -34.63 -24.50
N ASN A 315 -28.68 -35.06 -25.70
CA ASN A 315 -28.40 -36.38 -26.22
C ASN A 315 -27.60 -36.27 -27.51
N ALA A 316 -26.57 -35.39 -27.50
CA ALA A 316 -25.75 -35.16 -28.69
C ALA A 316 -24.78 -36.29 -28.84
N MET A 317 -24.61 -36.78 -30.06
CA MET A 317 -23.71 -37.87 -30.33
C MET A 317 -22.37 -37.43 -30.91
N ASP A 318 -21.26 -37.70 -30.21
CA ASP A 318 -19.94 -37.42 -30.78
C ASP A 318 -19.64 -38.49 -31.89
N SER A 319 -18.42 -38.53 -32.46
CA SER A 319 -18.11 -39.51 -33.51
C SER A 319 -18.22 -40.95 -33.05
N ASP A 320 -18.07 -41.18 -31.73
CA ASP A 320 -18.17 -42.52 -31.15
C ASP A 320 -19.49 -42.75 -30.43
N GLY A 321 -20.54 -42.03 -30.83
CA GLY A 321 -21.90 -42.12 -30.29
C GLY A 321 -22.07 -41.80 -28.82
N MET A 322 -21.15 -41.01 -28.25
CA MET A 322 -21.22 -40.65 -26.83
C MET A 322 -21.92 -39.34 -26.56
N THR A 323 -22.78 -39.37 -25.57
CA THR A 323 -23.54 -38.21 -25.13
C THR A 323 -22.78 -37.54 -23.98
N PRO A 324 -23.18 -36.33 -23.59
CA PRO A 324 -22.53 -35.70 -22.40
C PRO A 324 -22.66 -36.59 -21.14
N LEU A 325 -23.82 -37.28 -21.00
CA LEU A 325 -24.11 -38.21 -19.89
C LEU A 325 -23.12 -39.40 -19.82
N HIS A 326 -22.43 -39.71 -20.93
CA HIS A 326 -21.45 -40.78 -20.97
C HIS A 326 -20.14 -40.28 -20.34
N LEU A 327 -19.55 -39.17 -20.93
CA LEU A 327 -18.28 -38.49 -20.56
C LEU A 327 -18.23 -38.07 -19.10
N ALA A 328 -19.38 -37.74 -18.54
CA ALA A 328 -19.48 -37.37 -17.15
C ALA A 328 -19.06 -38.59 -16.25
N ALA A 329 -19.68 -39.76 -16.52
CA ALA A 329 -19.46 -40.98 -15.77
C ALA A 329 -18.11 -41.67 -16.07
N LYS A 330 -17.56 -41.52 -17.28
CA LYS A 330 -16.24 -42.10 -17.58
C LYS A 330 -15.14 -41.41 -16.73
N TRP A 331 -15.16 -40.07 -16.69
CA TRP A 331 -14.16 -39.34 -15.93
C TRP A 331 -14.50 -39.14 -14.44
N GLY A 332 -15.59 -39.76 -13.98
CA GLY A 332 -16.00 -39.78 -12.59
C GLY A 332 -16.41 -38.48 -11.96
N TYR A 333 -16.94 -37.52 -12.74
CA TYR A 333 -17.41 -36.28 -12.13
C TYR A 333 -18.84 -36.53 -11.63
N LEU A 334 -18.97 -36.79 -10.35
CA LEU A 334 -20.24 -37.10 -9.71
C LEU A 334 -21.32 -36.02 -9.94
N GLU A 335 -21.10 -34.82 -9.42
CA GLU A 335 -22.05 -33.72 -9.47
C GLU A 335 -22.58 -33.43 -10.89
N ILE A 336 -21.74 -33.64 -11.92
CA ILE A 336 -22.09 -33.46 -13.33
C ILE A 336 -23.12 -34.47 -13.83
N VAL A 337 -22.97 -35.77 -13.48
CA VAL A 337 -23.94 -36.78 -13.94
C VAL A 337 -25.34 -36.47 -13.39
N GLU A 338 -25.41 -35.95 -12.15
CA GLU A 338 -26.67 -35.64 -11.51
C GLU A 338 -27.36 -34.48 -12.18
N VAL A 339 -26.61 -33.42 -12.48
CA VAL A 339 -27.16 -32.25 -13.13
C VAL A 339 -27.54 -32.52 -14.59
N LEU A 340 -26.77 -33.36 -15.27
CA LEU A 340 -27.06 -33.73 -16.65
C LEU A 340 -28.29 -34.63 -16.76
N LEU A 341 -28.40 -35.65 -15.89
CA LEU A 341 -29.53 -36.57 -15.92
C LEU A 341 -30.83 -35.85 -15.61
N LYS A 342 -30.77 -34.85 -14.69
CA LYS A 342 -31.87 -33.98 -14.28
C LYS A 342 -32.53 -33.39 -15.52
N HIS A 343 -31.71 -32.80 -16.41
CA HIS A 343 -32.21 -32.24 -17.67
C HIS A 343 -32.39 -33.31 -18.77
N GLY A 344 -33.22 -34.32 -18.50
CA GLY A 344 -33.60 -35.41 -19.39
C GLY A 344 -32.56 -36.08 -20.28
N ALA A 345 -31.49 -36.62 -19.69
CA ALA A 345 -30.45 -37.33 -20.45
C ALA A 345 -30.68 -38.85 -20.39
N ASP A 346 -30.62 -39.51 -21.55
CA ASP A 346 -30.85 -40.95 -21.73
C ASP A 346 -29.83 -41.84 -21.01
N VAL A 347 -30.28 -42.62 -20.00
CA VAL A 347 -29.39 -43.56 -19.31
C VAL A 347 -29.07 -44.76 -20.19
N ASN A 348 -30.04 -45.21 -21.00
CA ASN A 348 -29.81 -46.31 -21.92
C ASN A 348 -29.51 -45.73 -23.30
N ALA A 349 -28.32 -45.14 -23.43
CA ALA A 349 -27.85 -44.52 -24.66
C ALA A 349 -26.72 -45.39 -25.20
N GLN A 350 -26.78 -45.72 -26.48
CA GLN A 350 -25.81 -46.60 -27.09
C GLN A 350 -24.61 -45.92 -27.74
N ASP A 351 -23.42 -46.04 -27.13
CA ASP A 351 -22.20 -45.53 -27.75
C ASP A 351 -21.76 -46.51 -28.89
N LYS A 352 -20.51 -46.41 -29.42
CA LYS A 352 -20.07 -47.32 -30.48
C LYS A 352 -20.08 -48.77 -30.03
N PHE A 353 -19.72 -49.01 -28.76
CA PHE A 353 -19.68 -50.37 -28.18
C PHE A 353 -20.97 -50.76 -27.44
N GLY A 354 -22.05 -50.05 -27.70
CA GLY A 354 -23.33 -50.31 -27.02
C GLY A 354 -23.32 -49.92 -25.55
N LYS A 355 -22.24 -49.27 -25.06
CA LYS A 355 -22.11 -48.89 -23.66
C LYS A 355 -23.03 -47.77 -23.26
N THR A 356 -23.36 -47.77 -21.98
CA THR A 356 -24.23 -46.82 -21.30
C THR A 356 -23.41 -46.21 -20.15
N PRO A 357 -23.83 -45.05 -19.59
CA PRO A 357 -23.08 -44.44 -18.49
C PRO A 357 -22.53 -45.39 -17.40
N PHE A 358 -23.39 -46.33 -16.90
CA PHE A 358 -23.02 -47.31 -15.87
C PHE A 358 -21.85 -48.20 -16.28
N ASP A 359 -21.81 -48.61 -17.55
CA ASP A 359 -20.72 -49.49 -18.01
C ASP A 359 -19.35 -48.82 -17.97
N LEU A 360 -19.27 -47.56 -18.47
CA LEU A 360 -18.04 -46.74 -18.46
C LEU A 360 -17.66 -46.24 -17.04
N ALA A 361 -18.52 -46.47 -16.05
CA ALA A 361 -18.28 -46.09 -14.67
C ALA A 361 -17.66 -47.29 -13.92
N ILE A 362 -18.11 -48.51 -14.20
CA ILE A 362 -17.54 -49.70 -13.56
C ILE A 362 -16.19 -50.11 -14.19
N ASP A 363 -16.01 -49.79 -15.47
CA ASP A 363 -14.80 -50.04 -16.25
C ASP A 363 -13.64 -49.18 -15.73
N ASN A 364 -13.94 -47.94 -15.27
CA ASN A 364 -12.92 -46.99 -14.81
C ASN A 364 -12.81 -46.88 -13.29
N GLY A 365 -13.30 -47.88 -12.56
CA GLY A 365 -13.19 -47.92 -11.10
C GLY A 365 -14.10 -47.03 -10.26
N ASN A 366 -14.76 -46.01 -10.89
CA ASN A 366 -15.68 -45.04 -10.25
C ASN A 366 -16.91 -45.73 -9.62
N GLU A 367 -16.75 -46.23 -8.39
CA GLU A 367 -17.77 -47.00 -7.73
C GLU A 367 -18.89 -46.18 -7.12
N ASP A 368 -18.68 -44.88 -6.89
CA ASP A 368 -19.75 -44.06 -6.33
C ASP A 368 -20.66 -43.62 -7.46
N ILE A 369 -20.07 -43.13 -8.55
CA ILE A 369 -20.76 -42.71 -9.78
C ILE A 369 -21.67 -43.84 -10.28
N ALA A 370 -21.12 -45.05 -10.48
CA ALA A 370 -21.92 -46.17 -10.98
C ALA A 370 -23.14 -46.48 -10.10
N GLU A 371 -23.11 -46.09 -8.82
CA GLU A 371 -24.21 -46.31 -7.90
C GLU A 371 -25.28 -45.23 -8.05
N VAL A 372 -24.85 -43.97 -8.20
CA VAL A 372 -25.80 -42.88 -8.47
C VAL A 372 -26.12 -42.85 -9.99
N LEU A 373 -26.32 -44.05 -10.56
CA LEU A 373 -26.70 -44.33 -11.93
C LEU A 373 -27.74 -45.44 -11.89
N GLN A 374 -27.48 -46.53 -11.14
CA GLN A 374 -28.49 -47.60 -10.99
C GLN A 374 -29.57 -47.25 -9.95
N LYS A 375 -29.29 -46.26 -9.10
CA LYS A 375 -30.24 -45.73 -8.13
C LYS A 375 -31.02 -44.67 -8.91
N ALA A 376 -30.31 -43.76 -9.63
CA ALA A 376 -30.85 -42.68 -10.44
C ALA A 376 -31.22 -43.12 -11.87
N ALA A 377 -32.05 -44.20 -11.96
CA ALA A 377 -32.60 -44.76 -13.19
C ALA A 377 -33.99 -45.39 -12.87
N GLY B 3 -30.50 23.36 -16.67
CA GLY B 3 -29.91 24.66 -17.03
C GLY B 3 -29.34 25.45 -15.86
N SER B 4 -28.03 25.27 -15.54
CA SER B 4 -27.37 25.96 -14.41
C SER B 4 -27.12 27.47 -14.59
N GLY B 5 -27.51 28.21 -13.55
CA GLY B 5 -27.41 29.67 -13.46
C GLY B 5 -26.07 30.16 -12.93
N PHE B 6 -25.31 29.30 -12.22
CA PHE B 6 -23.99 29.69 -11.73
C PHE B 6 -23.05 29.67 -12.93
N LEU B 7 -23.05 28.55 -13.66
CA LEU B 7 -22.20 28.36 -14.84
C LEU B 7 -22.58 29.27 -16.00
N ALA B 8 -23.82 29.81 -16.03
CA ALA B 8 -24.24 30.69 -17.09
C ALA B 8 -23.49 32.00 -16.93
N ALA B 9 -23.49 32.59 -15.71
CA ALA B 9 -22.75 33.82 -15.44
C ALA B 9 -21.26 33.57 -15.59
N ALA B 10 -20.78 32.42 -15.13
CA ALA B 10 -19.37 32.10 -15.14
C ALA B 10 -18.74 32.04 -16.54
N LEU B 11 -19.39 31.32 -17.45
CA LEU B 11 -18.86 31.03 -18.76
C LEU B 11 -19.51 31.79 -19.90
N GLU B 12 -20.53 32.61 -19.65
CA GLU B 12 -21.25 33.34 -20.72
C GLU B 12 -20.39 34.11 -21.73
N ARG B 13 -19.14 34.42 -21.37
CA ARG B 13 -18.27 35.23 -22.25
C ARG B 13 -17.19 34.46 -22.99
N ILE B 14 -17.20 33.10 -22.93
CA ILE B 14 -16.14 32.34 -23.58
C ILE B 14 -16.19 32.49 -25.11
N GLU B 15 -17.32 32.08 -25.72
CA GLU B 15 -17.53 32.22 -27.17
C GLU B 15 -16.56 31.38 -27.96
N LYS B 16 -16.76 30.06 -27.76
CA LYS B 16 -16.24 28.86 -28.40
C LYS B 16 -17.40 27.83 -28.32
N ASN B 17 -17.35 26.75 -29.13
CA ASN B 17 -18.35 25.68 -29.05
C ASN B 17 -18.10 24.80 -27.81
N PHE B 18 -19.10 24.70 -26.91
CA PHE B 18 -18.97 23.89 -25.71
C PHE B 18 -20.26 23.75 -24.92
N VAL B 19 -20.33 22.67 -24.12
CA VAL B 19 -21.43 22.32 -23.23
C VAL B 19 -20.84 21.82 -21.92
N ILE B 20 -21.61 21.90 -20.85
CA ILE B 20 -21.23 21.36 -19.55
C ILE B 20 -22.38 20.45 -19.19
N THR B 21 -22.10 19.19 -18.80
CA THR B 21 -23.14 18.25 -18.43
C THR B 21 -23.03 17.85 -16.95
N ASP B 22 -24.18 17.52 -16.33
CA ASP B 22 -24.21 17.08 -14.95
C ASP B 22 -24.19 15.55 -14.83
N PRO B 23 -23.04 14.96 -14.43
CA PRO B 23 -23.01 13.51 -14.28
C PRO B 23 -23.82 12.99 -13.07
N ARG B 24 -24.31 13.88 -12.21
CA ARG B 24 -25.08 13.49 -11.04
C ARG B 24 -26.56 13.26 -11.37
N LEU B 25 -27.06 13.71 -12.54
CA LEU B 25 -28.46 13.57 -12.96
C LEU B 25 -28.56 12.48 -14.02
N PRO B 26 -29.71 11.77 -14.12
CA PRO B 26 -29.80 10.69 -15.09
C PRO B 26 -29.46 11.03 -16.54
N ASP B 27 -28.57 10.22 -17.11
CA ASP B 27 -28.07 10.26 -18.47
C ASP B 27 -27.21 11.47 -18.75
N ASN B 28 -26.50 11.99 -17.73
CA ASN B 28 -25.53 13.09 -17.87
C ASN B 28 -26.02 14.23 -18.76
N PRO B 29 -27.10 14.90 -18.36
CA PRO B 29 -27.69 15.93 -19.24
C PRO B 29 -26.92 17.22 -19.32
N ILE B 30 -27.03 17.94 -20.45
CA ILE B 30 -26.41 19.25 -20.69
C ILE B 30 -27.03 20.28 -19.76
N ILE B 31 -26.24 21.02 -18.98
CA ILE B 31 -26.76 22.06 -18.09
C ILE B 31 -26.34 23.47 -18.54
N PHE B 32 -25.40 23.59 -19.45
CA PHE B 32 -24.97 24.86 -20.00
C PHE B 32 -24.50 24.59 -21.42
N ALA B 33 -24.97 25.40 -22.39
CA ALA B 33 -24.55 25.31 -23.79
C ALA B 33 -24.24 26.71 -24.21
N SER B 34 -22.99 26.96 -24.60
CA SER B 34 -22.59 28.29 -25.00
C SER B 34 -23.31 28.73 -26.26
N ASP B 35 -23.49 30.06 -26.44
CA ASP B 35 -24.14 30.62 -27.62
C ASP B 35 -23.50 30.12 -28.92
N SER B 36 -22.17 29.97 -28.95
CA SER B 36 -21.48 29.47 -30.15
C SER B 36 -21.87 28.04 -30.50
N PHE B 37 -22.19 27.21 -29.48
CA PHE B 37 -22.65 25.83 -29.68
C PHE B 37 -24.05 25.87 -30.31
N LEU B 38 -24.93 26.74 -29.77
CA LEU B 38 -26.28 26.92 -30.28
C LEU B 38 -26.24 27.43 -31.71
N GLN B 39 -25.28 28.30 -32.04
CA GLN B 39 -25.14 28.80 -33.41
C GLN B 39 -24.74 27.64 -34.33
N LEU B 40 -23.69 26.89 -33.96
CA LEU B 40 -23.22 25.76 -34.76
C LEU B 40 -24.29 24.68 -34.97
N THR B 41 -24.92 24.19 -33.90
CA THR B 41 -25.88 23.10 -34.01
C THR B 41 -27.26 23.53 -34.52
N GLU B 42 -27.57 24.81 -34.44
CA GLU B 42 -28.87 25.32 -34.88
C GLU B 42 -30.03 25.01 -33.93
N TYR B 43 -29.75 24.45 -32.74
CA TYR B 43 -30.79 24.22 -31.74
C TYR B 43 -30.82 25.44 -30.80
N SER B 44 -31.95 25.67 -30.14
CA SER B 44 -32.04 26.77 -29.18
C SER B 44 -31.61 26.27 -27.78
N ARG B 45 -31.31 27.18 -26.86
CA ARG B 45 -30.93 26.84 -25.49
C ARG B 45 -31.93 25.91 -24.82
N GLU B 46 -33.20 26.07 -25.13
CA GLU B 46 -34.28 25.27 -24.55
C GLU B 46 -34.50 23.93 -25.24
N GLU B 47 -33.99 23.76 -26.47
CA GLU B 47 -34.15 22.53 -27.24
C GLU B 47 -33.12 21.44 -26.92
N ILE B 48 -32.16 21.74 -26.02
CA ILE B 48 -31.07 20.82 -25.67
C ILE B 48 -30.86 20.66 -24.15
N LEU B 49 -31.10 21.75 -23.40
CA LEU B 49 -30.90 21.82 -21.96
C LEU B 49 -31.72 20.75 -21.26
N GLY B 50 -31.04 19.84 -20.59
CA GLY B 50 -31.69 18.73 -19.92
C GLY B 50 -31.63 17.42 -20.70
N ARG B 51 -31.03 17.45 -21.92
CA ARG B 51 -30.85 16.25 -22.73
C ARG B 51 -29.37 15.85 -22.91
N ASN B 52 -29.11 14.56 -23.02
CA ASN B 52 -27.76 14.03 -23.24
C ASN B 52 -27.28 14.48 -24.63
N ALA B 53 -25.97 14.79 -24.81
CA ALA B 53 -25.51 15.33 -26.10
C ALA B 53 -25.48 14.33 -27.26
N ARG B 54 -26.03 13.12 -27.08
CA ARG B 54 -26.03 12.13 -28.17
C ARG B 54 -27.02 12.46 -29.31
N PHE B 55 -27.86 13.49 -29.14
CA PHE B 55 -28.76 13.94 -30.20
C PHE B 55 -27.96 14.44 -31.43
N LEU B 56 -26.71 14.87 -31.22
CA LEU B 56 -25.85 15.31 -32.30
C LEU B 56 -25.37 14.16 -33.18
N GLN B 57 -25.57 12.91 -32.78
CA GLN B 57 -25.16 11.75 -33.54
C GLN B 57 -26.15 11.40 -34.67
N GLY B 58 -25.67 10.66 -35.66
CA GLY B 58 -26.46 10.24 -36.80
C GLY B 58 -25.93 8.98 -37.48
N PRO B 59 -26.50 8.63 -38.64
CA PRO B 59 -26.13 7.36 -39.29
C PRO B 59 -24.65 7.25 -39.70
N GLU B 60 -24.06 8.36 -40.16
CA GLU B 60 -22.66 8.33 -40.56
C GLU B 60 -21.68 8.28 -39.36
N THR B 61 -22.18 8.47 -38.13
CA THR B 61 -21.31 8.50 -36.96
C THR B 61 -20.63 7.16 -36.68
N ASP B 62 -19.29 7.11 -36.71
CA ASP B 62 -18.54 5.90 -36.44
C ASP B 62 -18.79 5.46 -34.99
N ARG B 63 -19.67 4.46 -34.80
CA ARG B 63 -20.00 3.99 -33.46
C ARG B 63 -18.77 3.57 -32.61
N ALA B 64 -17.62 3.27 -33.25
CA ALA B 64 -16.41 2.91 -32.49
C ALA B 64 -15.83 4.14 -31.84
N THR B 65 -15.88 5.31 -32.52
CA THR B 65 -15.43 6.58 -31.95
C THR B 65 -16.35 6.97 -30.78
N VAL B 66 -17.67 6.78 -30.95
CA VAL B 66 -18.68 7.02 -29.90
C VAL B 66 -18.37 6.18 -28.64
N ARG B 67 -17.80 4.97 -28.85
CA ARG B 67 -17.42 4.10 -27.74
C ARG B 67 -16.25 4.67 -26.98
N LYS B 68 -15.33 5.37 -27.64
CA LYS B 68 -14.19 5.99 -26.99
C LYS B 68 -14.67 7.08 -26.00
N ILE B 69 -15.72 7.81 -26.38
CA ILE B 69 -16.27 8.84 -25.52
C ILE B 69 -16.96 8.21 -24.33
N ARG B 70 -17.69 7.10 -24.51
CA ARG B 70 -18.33 6.40 -23.39
C ARG B 70 -17.29 5.87 -22.41
N ASP B 71 -16.19 5.36 -22.94
CA ASP B 71 -15.11 4.81 -22.15
C ASP B 71 -14.56 5.85 -21.20
N ALA B 72 -14.24 7.05 -21.72
CA ALA B 72 -13.64 8.17 -21.01
C ALA B 72 -14.58 8.72 -19.97
N ILE B 73 -15.89 8.70 -20.22
CA ILE B 73 -16.86 9.23 -19.27
C ILE B 73 -16.94 8.30 -18.11
N ASP B 74 -17.12 6.99 -18.38
CA ASP B 74 -17.14 5.95 -17.36
C ASP B 74 -15.83 5.92 -16.55
N ASN B 75 -14.67 6.02 -17.22
CA ASN B 75 -13.34 6.05 -16.59
C ASN B 75 -13.00 7.38 -15.93
N GLN B 76 -13.82 8.42 -16.17
CA GLN B 76 -13.61 9.76 -15.65
C GLN B 76 -12.28 10.33 -16.10
N THR B 77 -11.96 10.18 -17.39
CA THR B 77 -10.74 10.75 -17.97
C THR B 77 -11.07 11.67 -19.17
N GLU B 78 -10.08 12.42 -19.67
CA GLU B 78 -10.30 13.24 -20.86
C GLU B 78 -10.14 12.38 -22.11
N VAL B 79 -10.63 12.86 -23.24
CA VAL B 79 -10.53 12.16 -24.51
C VAL B 79 -10.65 13.19 -25.64
N THR B 80 -9.95 12.95 -26.75
CA THR B 80 -9.98 13.88 -27.89
C THR B 80 -10.22 13.01 -29.13
N VAL B 81 -11.40 13.14 -29.78
CA VAL B 81 -11.79 12.30 -30.92
C VAL B 81 -12.29 13.12 -32.13
N GLN B 82 -12.50 12.51 -33.29
CA GLN B 82 -13.03 13.20 -34.47
C GLN B 82 -14.18 12.39 -34.98
N LEU B 83 -15.39 12.96 -35.01
CA LEU B 83 -16.55 12.19 -35.43
C LEU B 83 -17.60 12.99 -36.18
N ILE B 84 -18.38 12.29 -37.00
CA ILE B 84 -19.44 12.92 -37.78
C ILE B 84 -20.64 13.31 -36.89
N ASN B 85 -20.90 14.60 -36.80
CA ASN B 85 -22.06 15.09 -36.06
C ASN B 85 -23.08 15.72 -37.02
N TYR B 86 -24.30 16.02 -36.54
CA TYR B 86 -25.34 16.55 -37.42
C TYR B 86 -26.01 17.75 -36.81
N THR B 87 -26.16 18.83 -37.59
CA THR B 87 -26.89 20.02 -37.12
C THR B 87 -28.41 19.68 -36.99
N LYS B 88 -29.24 20.60 -36.48
CA LYS B 88 -30.68 20.34 -36.31
C LYS B 88 -31.34 19.98 -37.66
N SER B 89 -31.03 20.77 -38.71
CA SER B 89 -31.53 20.60 -40.07
C SER B 89 -31.12 19.28 -40.74
N GLY B 90 -30.05 18.67 -40.25
CA GLY B 90 -29.50 17.44 -40.81
C GLY B 90 -28.17 17.63 -41.51
N LYS B 91 -27.63 18.87 -41.49
CA LYS B 91 -26.35 19.21 -42.10
C LYS B 91 -25.22 18.41 -41.43
N LYS B 92 -24.58 17.56 -42.23
CA LYS B 92 -23.51 16.67 -41.77
C LYS B 92 -22.24 17.49 -41.58
N PHE B 93 -21.67 17.46 -40.36
CA PHE B 93 -20.43 18.21 -40.10
C PHE B 93 -19.45 17.44 -39.27
N TRP B 94 -18.17 17.53 -39.63
CA TRP B 94 -17.13 16.89 -38.86
C TRP B 94 -16.96 17.64 -37.55
N ASN B 95 -16.74 16.89 -36.48
CA ASN B 95 -16.58 17.48 -35.17
C ASN B 95 -15.31 16.92 -34.53
N LEU B 96 -14.34 17.81 -34.19
CA LEU B 96 -13.17 17.43 -33.43
C LEU B 96 -13.65 17.73 -32.01
N PHE B 97 -13.89 16.70 -31.21
CA PHE B 97 -14.46 16.86 -29.89
C PHE B 97 -13.49 16.58 -28.80
N HIS B 98 -13.45 17.47 -27.78
CA HIS B 98 -12.58 17.24 -26.63
C HIS B 98 -13.33 17.17 -25.29
N LEU B 99 -13.40 15.99 -24.65
CA LEU B 99 -14.04 15.85 -23.33
C LEU B 99 -13.02 16.11 -22.24
N GLN B 100 -13.39 16.80 -21.17
CA GLN B 100 -12.51 17.06 -20.06
C GLN B 100 -13.31 17.19 -18.75
N PRO B 101 -13.01 16.35 -17.75
CA PRO B 101 -13.71 16.44 -16.47
C PRO B 101 -13.32 17.66 -15.64
N MET B 102 -14.28 18.37 -15.05
CA MET B 102 -14.01 19.51 -14.19
C MET B 102 -13.94 18.93 -12.79
N ARG B 103 -12.78 18.94 -12.15
CA ARG B 103 -12.61 18.29 -10.84
C ARG B 103 -12.55 19.29 -9.68
N ASP B 104 -12.96 18.88 -8.50
CA ASP B 104 -12.92 19.72 -7.31
C ASP B 104 -11.47 19.78 -6.73
N GLN B 105 -11.32 20.39 -5.53
CA GLN B 105 -10.04 20.49 -4.84
C GLN B 105 -9.46 19.10 -4.53
N LYS B 106 -10.24 18.13 -3.98
CA LYS B 106 -9.69 16.79 -3.71
C LYS B 106 -9.75 15.83 -4.91
N GLY B 107 -9.81 16.40 -6.13
CA GLY B 107 -9.75 15.67 -7.39
C GLY B 107 -10.94 14.93 -7.95
N ASP B 108 -12.11 15.02 -7.31
CA ASP B 108 -13.30 14.29 -7.78
C ASP B 108 -14.04 15.01 -8.87
N VAL B 109 -14.57 14.27 -9.87
CA VAL B 109 -15.33 14.85 -11.00
C VAL B 109 -16.56 15.59 -10.50
N GLN B 110 -16.84 16.82 -11.02
CA GLN B 110 -17.98 17.63 -10.65
C GLN B 110 -18.92 17.76 -11.82
N TYR B 111 -18.36 18.18 -12.94
CA TYR B 111 -19.12 18.24 -14.18
C TYR B 111 -18.18 17.78 -15.29
N PHE B 112 -18.70 17.62 -16.50
CA PHE B 112 -17.88 17.31 -17.66
C PHE B 112 -17.92 18.49 -18.63
N ILE B 113 -16.77 18.93 -19.15
CA ILE B 113 -16.68 19.98 -20.17
C ILE B 113 -16.49 19.26 -21.52
N GLY B 114 -17.23 19.70 -22.55
CA GLY B 114 -17.14 19.09 -23.87
C GLY B 114 -17.06 20.19 -24.87
N VAL B 115 -15.92 20.31 -25.54
CA VAL B 115 -15.65 21.38 -26.50
C VAL B 115 -15.70 20.83 -27.92
N GLN B 116 -16.36 21.54 -28.84
CA GLN B 116 -16.42 21.07 -30.22
C GLN B 116 -15.71 22.05 -31.17
N LEU B 117 -14.97 21.50 -32.13
CA LEU B 117 -14.30 22.28 -33.15
C LEU B 117 -14.92 21.84 -34.47
N ASP B 118 -15.83 22.66 -34.98
CA ASP B 118 -16.56 22.46 -36.22
C ASP B 118 -15.65 22.38 -37.46
N GLY B 119 -15.56 21.19 -38.03
CA GLY B 119 -14.73 20.94 -39.21
C GLY B 119 -15.47 20.72 -40.51
N THR B 120 -14.88 21.17 -41.62
CA THR B 120 -15.48 20.99 -42.94
C THR B 120 -15.30 19.53 -43.44
N GLU B 121 -14.22 18.86 -42.97
CA GLU B 121 -13.83 17.47 -43.22
C GLU B 121 -12.96 16.98 -42.03
N HIS B 122 -12.58 15.69 -41.98
CA HIS B 122 -11.75 15.13 -40.91
C HIS B 122 -10.29 15.66 -41.04
N VAL B 123 -9.70 16.21 -39.96
CA VAL B 123 -8.34 16.75 -40.01
C VAL B 123 -7.27 15.71 -39.71
N ARG B 124 -6.02 15.94 -40.18
CA ARG B 124 -4.95 14.96 -39.99
C ARG B 124 -3.54 15.58 -39.88
N ASP B 125 -2.52 14.71 -39.64
CA ASP B 125 -1.08 14.94 -39.52
C ASP B 125 -0.70 16.17 -38.67
N ALA B 126 -0.55 17.37 -39.28
CA ALA B 126 -0.12 18.55 -38.55
C ALA B 126 -1.27 19.40 -38.07
N ALA B 127 -2.28 19.64 -38.92
CA ALA B 127 -3.44 20.46 -38.55
C ALA B 127 -4.19 19.81 -37.41
N GLU B 128 -4.27 18.45 -37.39
CA GLU B 128 -4.90 17.70 -36.31
C GLU B 128 -4.16 17.98 -35.00
N ARG B 129 -2.81 18.02 -35.04
CA ARG B 129 -2.01 18.32 -33.86
C ARG B 129 -2.22 19.76 -33.38
N GLU B 130 -2.41 20.73 -34.31
CA GLU B 130 -2.65 22.12 -33.94
C GLU B 130 -4.02 22.23 -33.26
N ALA B 131 -5.03 21.64 -33.90
CA ALA B 131 -6.39 21.63 -33.42
C ALA B 131 -6.55 20.99 -32.05
N VAL B 132 -5.82 19.89 -31.76
CA VAL B 132 -5.89 19.24 -30.45
C VAL B 132 -5.39 20.19 -29.35
N MET B 133 -4.31 20.94 -29.63
CA MET B 133 -3.75 21.85 -28.64
C MET B 133 -4.68 23.02 -28.38
N LEU B 134 -5.36 23.53 -29.42
CA LEU B 134 -6.21 24.69 -29.28
C LEU B 134 -7.53 24.38 -28.60
N ILE B 135 -8.11 23.23 -28.88
CA ILE B 135 -9.31 22.77 -28.20
C ILE B 135 -8.99 22.43 -26.74
N LYS B 136 -7.78 21.98 -26.42
CA LYS B 136 -7.38 21.70 -25.04
C LYS B 136 -7.29 23.01 -24.25
N LYS B 137 -6.71 24.03 -24.88
CA LYS B 137 -6.56 25.37 -24.33
C LYS B 137 -7.93 25.94 -23.98
N THR B 138 -8.93 25.70 -24.84
CA THR B 138 -10.30 26.16 -24.60
C THR B 138 -10.85 25.54 -23.32
N ALA B 139 -10.73 24.19 -23.15
CA ALA B 139 -11.20 23.47 -21.97
C ALA B 139 -10.53 23.95 -20.69
N ALA B 140 -9.21 24.18 -20.76
CA ALA B 140 -8.45 24.74 -19.64
C ALA B 140 -8.99 26.12 -19.24
N GLU B 141 -9.45 26.90 -20.25
CA GLU B 141 -10.02 28.22 -20.04
C GLU B 141 -11.36 28.11 -19.33
N ILE B 142 -12.23 27.23 -19.82
CA ILE B 142 -13.54 27.02 -19.24
C ILE B 142 -13.40 26.51 -17.80
N ASP B 143 -12.44 25.61 -17.50
CA ASP B 143 -12.26 25.14 -16.11
C ASP B 143 -11.90 26.30 -15.21
N ALA B 144 -10.86 27.05 -15.55
CA ALA B 144 -10.42 28.23 -14.80
C ALA B 144 -11.49 29.30 -14.67
N ALA B 145 -12.29 29.55 -15.73
CA ALA B 145 -13.36 30.56 -15.65
C ALA B 145 -14.36 30.18 -14.53
N ALA B 146 -14.89 28.93 -14.57
CA ALA B 146 -15.76 28.32 -13.58
C ALA B 146 -15.12 28.33 -12.16
N LYS B 147 -13.84 28.05 -12.04
CA LYS B 147 -13.11 28.05 -10.76
C LYS B 147 -12.94 29.47 -10.15
N LEU B 148 -12.67 30.47 -10.99
CA LEU B 148 -12.52 31.86 -10.57
C LEU B 148 -13.87 32.42 -10.17
N ALA B 149 -14.93 32.12 -10.93
CA ALA B 149 -16.29 32.51 -10.63
C ALA B 149 -16.76 31.92 -9.30
N ALA B 150 -16.34 30.73 -8.94
CA ALA B 150 -16.70 30.11 -7.68
C ALA B 150 -16.07 30.86 -6.50
N LEU B 151 -14.81 31.31 -6.65
CA LEU B 151 -14.11 32.07 -5.61
C LEU B 151 -14.76 33.47 -5.51
N LYS B 152 -15.10 34.08 -6.66
CA LYS B 152 -15.78 35.37 -6.69
C LYS B 152 -17.10 35.27 -5.94
N ALA B 153 -17.85 34.20 -6.14
CA ALA B 153 -19.12 33.98 -5.45
C ALA B 153 -18.96 33.76 -3.96
N ALA B 154 -17.86 33.17 -3.54
CA ALA B 154 -17.59 32.88 -2.13
C ALA B 154 -17.29 34.15 -1.37
N ILE B 155 -16.55 35.08 -2.01
CA ILE B 155 -16.20 36.37 -1.46
C ILE B 155 -17.47 37.19 -1.33
N GLU B 156 -18.33 37.20 -2.37
CA GLU B 156 -19.59 37.94 -2.29
C GLU B 156 -20.46 37.40 -1.19
N ALA B 157 -20.48 36.06 -0.98
CA ALA B 157 -21.28 35.46 0.09
C ALA B 157 -20.75 35.83 1.46
N ILE B 158 -19.41 35.79 1.66
CA ILE B 158 -18.81 36.11 2.94
C ILE B 158 -18.90 37.60 3.21
N ILE B 159 -18.89 38.47 2.20
CA ILE B 159 -19.07 39.91 2.42
C ILE B 159 -20.50 40.12 2.91
N LYS B 160 -21.48 39.47 2.26
CA LYS B 160 -22.87 39.53 2.66
C LYS B 160 -23.06 39.01 4.11
N ARG B 161 -22.25 38.05 4.54
CA ARG B 161 -22.26 37.50 5.90
C ARG B 161 -21.61 38.49 6.87
N ILE B 162 -20.53 39.18 6.46
CA ILE B 162 -19.84 40.19 7.28
C ILE B 162 -20.79 41.37 7.54
N GLU B 163 -21.54 41.79 6.52
CA GLU B 163 -22.49 42.88 6.66
C GLU B 163 -23.57 42.51 7.63
N GLU B 164 -24.14 41.31 7.54
CA GLU B 164 -25.17 40.90 8.53
C GLU B 164 -24.61 40.67 9.93
N ALA B 165 -23.35 40.20 10.04
CA ALA B 165 -22.73 39.97 11.35
C ALA B 165 -22.36 41.26 12.06
N GLU B 166 -22.04 42.31 11.30
CA GLU B 166 -21.72 43.63 11.87
C GLU B 166 -23.00 44.32 12.30
N LYS B 167 -24.04 44.25 11.46
CA LYS B 167 -25.36 44.81 11.79
C LYS B 167 -26.07 44.03 12.94
N ASN B 168 -25.36 43.08 13.58
CA ASN B 168 -25.82 42.26 14.69
C ASN B 168 -25.05 42.51 16.00
N GLY B 169 -23.98 43.28 15.95
CA GLY B 169 -23.18 43.58 17.13
C GLY B 169 -22.10 42.57 17.48
N ASP B 170 -22.12 41.38 16.87
CA ASP B 170 -21.13 40.32 17.15
C ASP B 170 -19.74 40.70 16.63
N GLU B 171 -18.96 41.44 17.44
CA GLU B 171 -17.62 41.87 17.04
C GLU B 171 -16.56 40.76 17.07
N ASP B 172 -16.99 39.49 17.06
CA ASP B 172 -16.04 38.37 17.08
C ASP B 172 -16.16 37.53 15.80
N LYS B 173 -17.40 37.25 15.39
CA LYS B 173 -17.74 36.52 14.16
C LYS B 173 -17.17 37.24 12.94
N VAL B 174 -17.14 38.58 12.97
CA VAL B 174 -16.62 39.43 11.92
C VAL B 174 -15.12 39.23 11.71
N LYS B 175 -14.38 38.83 12.77
CA LYS B 175 -12.94 38.54 12.65
C LYS B 175 -12.72 37.15 12.06
N GLU B 176 -13.59 36.18 12.40
CA GLU B 176 -13.57 34.82 11.86
C GLU B 176 -13.84 34.93 10.34
N LEU B 177 -14.88 35.70 9.97
CA LEU B 177 -15.29 35.95 8.60
C LEU B 177 -14.26 36.71 7.76
N ARG B 178 -13.64 37.77 8.29
CA ARG B 178 -12.60 38.50 7.54
C ARG B 178 -11.34 37.68 7.39
N GLU B 179 -11.08 36.73 8.32
CA GLU B 179 -9.93 35.85 8.18
C GLU B 179 -10.18 34.87 7.00
N LYS B 180 -11.43 34.45 6.78
CA LYS B 180 -11.77 33.58 5.66
C LYS B 180 -11.74 34.36 4.35
N LEU B 181 -12.28 35.58 4.33
CA LEU B 181 -12.34 36.45 3.13
C LEU B 181 -10.95 36.74 2.59
N ASP B 182 -10.00 36.96 3.48
CA ASP B 182 -8.64 37.23 3.06
C ASP B 182 -8.03 35.99 2.47
N LYS B 183 -8.21 34.81 3.09
CA LYS B 183 -7.65 33.57 2.52
C LYS B 183 -8.29 33.24 1.16
N LEU B 184 -9.57 33.61 0.95
CA LEU B 184 -10.26 33.47 -0.32
C LEU B 184 -9.66 34.46 -1.34
N ARG B 185 -9.35 35.71 -0.90
CA ARG B 185 -8.75 36.80 -1.68
C ARG B 185 -7.31 36.50 -2.14
N ARG B 186 -6.53 35.75 -1.32
CA ARG B 186 -5.17 35.36 -1.70
C ARG B 186 -5.31 34.35 -2.83
N ALA B 187 -6.21 33.34 -2.64
CA ALA B 187 -6.50 32.28 -3.61
C ALA B 187 -7.11 32.82 -4.89
N TYR B 188 -7.86 33.92 -4.81
CA TYR B 188 -8.48 34.52 -5.98
C TYR B 188 -7.40 35.18 -6.81
N LEU B 189 -6.48 35.93 -6.19
CA LEU B 189 -5.41 36.58 -6.94
C LEU B 189 -4.47 35.60 -7.61
N ILE B 190 -4.14 34.48 -6.93
CA ILE B 190 -3.28 33.46 -7.52
C ILE B 190 -3.92 32.89 -8.79
N LEU B 191 -5.25 32.68 -8.75
CA LEU B 191 -6.00 32.22 -9.89
C LEU B 191 -6.16 33.31 -10.95
N ALA B 192 -6.20 34.58 -10.56
CA ALA B 192 -6.37 35.68 -11.50
C ALA B 192 -5.11 35.80 -12.34
N LEU B 193 -3.92 35.70 -11.72
CA LEU B 193 -2.65 35.78 -12.45
C LEU B 193 -2.52 34.56 -13.34
N LEU B 194 -2.86 33.36 -12.82
CA LEU B 194 -2.81 32.13 -13.60
C LEU B 194 -3.58 32.23 -14.92
N ILE B 195 -4.83 32.68 -14.87
CA ILE B 195 -5.70 32.87 -16.05
C ILE B 195 -5.16 33.92 -17.02
N ALA B 196 -4.49 34.94 -16.50
CA ALA B 196 -3.95 36.01 -17.32
C ALA B 196 -2.76 35.47 -18.14
N ALA B 197 -1.90 34.68 -17.49
CA ALA B 197 -0.78 34.02 -18.13
C ALA B 197 -1.29 33.06 -19.21
N LEU B 198 -2.41 32.37 -18.92
CA LEU B 198 -3.07 31.43 -19.80
C LEU B 198 -3.78 32.09 -21.01
N LYS B 199 -4.67 33.06 -20.79
CA LYS B 199 -5.40 33.78 -21.85
C LYS B 199 -4.52 34.73 -22.69
N GLY B 200 -3.27 34.94 -22.27
CA GLY B 200 -2.34 35.80 -22.98
C GLY B 200 -2.59 37.28 -22.84
N GLN B 201 -3.23 37.66 -21.73
CA GLN B 201 -3.56 39.05 -21.42
C GLN B 201 -2.31 39.81 -20.95
N ILE B 202 -1.44 40.25 -21.88
CA ILE B 202 -0.18 40.94 -21.56
C ILE B 202 -0.32 42.00 -20.48
N GLU B 203 -1.08 43.09 -20.75
CA GLU B 203 -1.26 44.21 -19.82
C GLU B 203 -2.03 43.83 -18.52
N GLU B 204 -2.82 42.74 -18.54
CA GLU B 204 -3.53 42.30 -17.33
C GLU B 204 -2.55 41.56 -16.39
N VAL B 205 -1.55 40.82 -16.96
CA VAL B 205 -0.48 40.17 -16.19
C VAL B 205 0.33 41.29 -15.49
N ARG B 206 0.70 42.34 -16.27
CA ARG B 206 1.42 43.48 -15.76
C ARG B 206 0.62 44.15 -14.62
N ARG B 207 -0.69 44.27 -14.82
CA ARG B 207 -1.59 44.86 -13.85
C ARG B 207 -1.65 44.06 -12.54
N LEU B 208 -1.68 42.71 -12.65
CA LEU B 208 -1.79 41.87 -11.47
C LEU B 208 -0.53 41.76 -10.66
N LEU B 209 0.63 41.64 -11.32
CA LEU B 209 1.93 41.61 -10.66
C LEU B 209 2.24 42.97 -9.98
N GLU B 210 1.74 44.09 -10.54
CA GLU B 210 1.95 45.41 -9.95
C GLU B 210 1.26 45.56 -8.61
N GLN B 211 0.08 44.94 -8.45
CA GLN B 211 -0.66 45.06 -7.20
C GLN B 211 -0.07 44.30 -6.03
N GLY B 212 0.82 43.35 -6.32
CA GLY B 212 1.45 42.55 -5.30
C GLY B 212 1.20 41.07 -5.46
N ALA B 213 0.84 40.64 -6.67
CA ALA B 213 0.66 39.23 -6.94
C ALA B 213 2.05 38.61 -7.03
N ASP B 214 2.19 37.45 -6.40
CA ASP B 214 3.42 36.67 -6.38
C ASP B 214 3.54 36.07 -7.77
N ALA B 215 4.69 36.25 -8.45
CA ALA B 215 4.97 35.68 -9.78
C ALA B 215 5.22 34.19 -9.76
N ASN B 216 5.55 33.66 -8.58
CA ASN B 216 5.80 32.25 -8.28
C ASN B 216 4.51 31.53 -7.80
N GLY B 217 3.54 32.30 -7.32
CA GLY B 217 2.26 31.86 -6.77
C GLY B 217 1.59 30.79 -7.58
N ALA B 218 1.45 29.60 -6.96
CA ALA B 218 0.90 28.43 -7.63
C ALA B 218 -0.42 27.96 -7.07
N ASP B 219 -1.24 27.37 -7.94
CA ASP B 219 -2.51 26.80 -7.50
C ASP B 219 -2.29 25.49 -6.69
N GLY B 220 -3.38 24.83 -6.30
CA GLY B 220 -3.34 23.59 -5.53
C GLY B 220 -2.52 22.46 -6.12
N GLY B 221 -2.21 22.57 -7.41
CA GLY B 221 -1.45 21.55 -8.10
C GLY B 221 -0.05 21.93 -8.55
N GLY B 222 0.45 23.07 -8.07
CA GLY B 222 1.80 23.52 -8.43
C GLY B 222 1.90 24.32 -9.72
N THR B 223 0.76 24.57 -10.39
CA THR B 223 0.76 25.33 -11.62
C THR B 223 1.06 26.79 -11.35
N THR B 224 2.12 27.29 -11.97
CA THR B 224 2.55 28.68 -11.83
C THR B 224 2.25 29.45 -13.13
N PRO B 225 2.29 30.80 -13.09
CA PRO B 225 2.00 31.57 -14.30
C PRO B 225 2.97 31.26 -15.42
N LEU B 226 4.24 30.96 -15.10
CA LEU B 226 5.24 30.61 -16.10
C LEU B 226 4.81 29.32 -16.82
N HIS B 227 4.28 28.32 -16.08
CA HIS B 227 3.78 27.05 -16.67
C HIS B 227 2.73 27.33 -17.73
N LEU B 228 1.80 28.25 -17.41
CA LEU B 228 0.71 28.57 -18.31
C LEU B 228 1.12 29.48 -19.46
N ALA B 229 2.14 30.29 -19.26
CA ALA B 229 2.63 31.16 -20.31
C ALA B 229 3.37 30.31 -21.36
N ALA B 230 4.15 29.34 -20.88
CA ALA B 230 4.88 28.41 -21.72
C ALA B 230 3.92 27.64 -22.64
N THR B 231 2.75 27.28 -22.12
CA THR B 231 1.73 26.53 -22.86
C THR B 231 1.02 27.35 -23.95
N SER B 232 0.70 28.62 -23.65
CA SER B 232 -0.03 29.50 -24.58
C SER B 232 0.83 30.07 -25.71
N GLY B 233 2.14 30.11 -25.49
CA GLY B 233 3.06 30.70 -26.45
C GLY B 233 3.12 32.20 -26.29
N GLN B 234 2.97 32.71 -25.05
CA GLN B 234 3.04 34.13 -24.75
C GLN B 234 4.47 34.47 -24.33
N LEU B 235 5.34 34.87 -25.28
CA LEU B 235 6.74 35.14 -24.92
C LEU B 235 6.91 36.48 -24.19
N THR B 236 6.09 37.52 -24.52
CA THR B 236 6.21 38.79 -23.81
C THR B 236 5.93 38.60 -22.32
N ILE B 237 4.96 37.69 -22.01
CA ILE B 237 4.53 37.35 -20.66
C ILE B 237 5.56 36.45 -20.00
N VAL B 238 6.08 35.45 -20.73
CA VAL B 238 7.11 34.55 -20.23
C VAL B 238 8.34 35.35 -19.77
N GLU B 239 8.71 36.37 -20.56
CA GLU B 239 9.85 37.19 -20.21
C GLU B 239 9.53 38.01 -18.97
N ILE B 240 8.30 38.56 -18.87
CA ILE B 240 7.88 39.36 -17.72
C ILE B 240 7.97 38.52 -16.44
N LEU B 241 7.37 37.35 -16.46
CA LEU B 241 7.35 36.46 -15.30
C LEU B 241 8.76 36.08 -14.83
N LEU B 242 9.60 35.59 -15.75
CA LEU B 242 11.00 35.21 -15.49
C LEU B 242 11.81 36.33 -14.83
N ARG B 243 11.61 37.56 -15.29
CA ARG B 243 12.27 38.75 -14.82
C ARG B 243 11.79 39.15 -13.43
N GLN B 244 10.49 38.92 -13.15
CA GLN B 244 9.86 39.28 -11.90
C GLN B 244 10.20 38.33 -10.73
N GLY B 245 10.90 37.23 -11.00
CA GLY B 245 11.29 36.31 -9.95
C GLY B 245 11.04 34.84 -10.26
N ALA B 246 10.07 34.57 -11.17
CA ALA B 246 9.67 33.22 -11.59
C ALA B 246 10.75 32.13 -11.60
N ASP B 247 10.44 30.97 -10.99
CA ASP B 247 11.27 29.76 -10.90
C ASP B 247 11.30 29.17 -12.30
N VAL B 248 12.47 29.07 -12.91
CA VAL B 248 12.59 28.57 -14.28
C VAL B 248 12.39 27.04 -14.34
N ASN B 249 12.82 26.32 -13.29
CA ASN B 249 12.69 24.86 -13.21
C ASN B 249 11.56 24.49 -12.24
N ALA B 250 10.44 25.21 -12.30
CA ALA B 250 9.29 24.99 -11.45
C ALA B 250 8.54 23.78 -11.92
N ALA B 251 8.36 22.78 -11.05
CA ALA B 251 7.65 21.54 -11.40
C ALA B 251 6.39 21.42 -10.54
N ASP B 252 5.28 21.04 -11.17
CA ASP B 252 4.00 20.94 -10.47
C ASP B 252 3.82 19.56 -9.79
N ASN B 253 2.58 19.08 -9.57
CA ASN B 253 2.30 17.76 -8.97
C ASN B 253 2.86 16.63 -9.85
N THR B 254 2.70 16.76 -11.16
CA THR B 254 3.21 15.77 -12.10
C THR B 254 4.67 15.99 -12.48
N GLY B 255 5.40 16.82 -11.74
CA GLY B 255 6.79 17.13 -12.05
C GLY B 255 6.98 17.86 -13.37
N THR B 256 5.90 18.44 -13.91
CA THR B 256 5.97 19.14 -15.18
C THR B 256 6.58 20.54 -15.06
N THR B 257 7.64 20.81 -15.81
CA THR B 257 8.29 22.13 -15.79
C THR B 257 7.79 23.01 -16.94
N PRO B 258 8.05 24.33 -16.92
CA PRO B 258 7.62 25.17 -18.04
C PRO B 258 8.27 24.74 -19.36
N LEU B 259 9.55 24.26 -19.31
CA LEU B 259 10.21 23.77 -20.51
C LEU B 259 9.44 22.58 -21.13
N HIS B 260 8.93 21.66 -20.30
CA HIS B 260 8.11 20.53 -20.75
C HIS B 260 6.89 21.02 -21.54
N LEU B 261 6.30 22.11 -21.09
CA LEU B 261 5.11 22.65 -21.69
C LEU B 261 5.38 23.39 -22.99
N ALA B 262 6.54 24.05 -23.10
CA ALA B 262 6.93 24.74 -24.34
C ALA B 262 7.31 23.75 -25.46
N ALA B 263 7.90 22.61 -25.06
CA ALA B 263 8.26 21.47 -25.92
C ALA B 263 6.99 20.74 -26.38
N TYR B 264 6.02 20.56 -25.49
CA TYR B 264 4.76 19.92 -25.86
C TYR B 264 3.98 20.81 -26.85
N SER B 265 3.84 22.11 -26.54
CA SER B 265 3.06 23.05 -27.35
C SER B 265 3.74 23.60 -28.62
N GLY B 266 4.96 23.20 -28.87
CA GLY B 266 5.67 23.58 -30.09
C GLY B 266 6.16 25.01 -30.19
N HIS B 267 6.25 25.73 -29.06
CA HIS B 267 6.73 27.11 -29.10
C HIS B 267 8.25 27.20 -29.01
N LEU B 268 8.90 27.30 -30.18
CA LEU B 268 10.35 27.35 -30.31
C LEU B 268 11.00 28.49 -29.60
N GLU B 269 10.48 29.72 -29.79
CA GLU B 269 10.99 30.96 -29.19
C GLU B 269 10.96 30.86 -27.68
N ILE B 270 9.85 30.37 -27.13
CA ILE B 270 9.71 30.20 -25.70
C ILE B 270 10.69 29.13 -25.17
N VAL B 271 10.95 28.06 -25.96
CA VAL B 271 11.91 27.02 -25.56
C VAL B 271 13.30 27.63 -25.38
N GLU B 272 13.77 28.36 -26.39
CA GLU B 272 15.09 29.00 -26.40
C GLU B 272 15.22 30.02 -25.28
N VAL B 273 14.17 30.84 -25.08
CA VAL B 273 14.11 31.85 -24.02
C VAL B 273 14.17 31.23 -22.61
N LEU B 274 13.48 30.09 -22.43
CA LEU B 274 13.50 29.37 -21.15
C LEU B 274 14.92 28.79 -20.94
N LEU B 275 15.51 28.22 -21.99
CA LEU B 275 16.83 27.63 -21.91
C LEU B 275 17.94 28.64 -21.61
N LYS B 276 17.85 29.86 -22.14
CA LYS B 276 18.85 30.89 -21.83
C LYS B 276 18.86 31.23 -20.32
N HIS B 277 17.68 31.05 -19.66
CA HIS B 277 17.45 31.41 -18.26
C HIS B 277 17.73 30.28 -17.26
N GLY B 278 18.59 29.34 -17.65
CA GLY B 278 19.02 28.24 -16.79
C GLY B 278 18.01 27.12 -16.66
N ALA B 279 17.17 26.93 -17.69
CA ALA B 279 16.18 25.86 -17.65
C ALA B 279 16.84 24.49 -17.81
N ASP B 280 16.37 23.54 -16.99
CA ASP B 280 16.82 22.15 -16.92
C ASP B 280 16.36 21.40 -18.15
N VAL B 281 17.30 21.11 -19.06
CA VAL B 281 16.99 20.42 -20.30
C VAL B 281 16.61 18.97 -20.02
N ASP B 282 17.29 18.30 -19.07
CA ASP B 282 17.06 16.88 -18.78
C ASP B 282 16.02 16.64 -17.67
N ALA B 283 15.06 17.55 -17.53
CA ALA B 283 14.03 17.41 -16.52
C ALA B 283 13.05 16.32 -16.91
N SER B 284 12.85 15.32 -16.03
CA SER B 284 11.89 14.24 -16.29
C SER B 284 10.76 14.31 -15.27
N ASP B 285 9.51 14.09 -15.70
CA ASP B 285 8.32 14.16 -14.83
C ASP B 285 8.00 12.83 -14.09
N VAL B 286 6.79 12.67 -13.45
CA VAL B 286 6.40 11.41 -12.76
C VAL B 286 6.45 10.23 -13.71
N PHE B 287 6.01 10.45 -14.94
CA PHE B 287 6.03 9.50 -16.05
C PHE B 287 7.44 9.27 -16.66
N GLY B 288 8.42 10.07 -16.25
CA GLY B 288 9.80 9.96 -16.70
C GLY B 288 10.10 10.63 -18.02
N TYR B 289 9.14 11.38 -18.57
CA TYR B 289 9.32 12.08 -19.84
C TYR B 289 10.14 13.34 -19.67
N THR B 290 11.05 13.57 -20.60
CA THR B 290 11.84 14.79 -20.69
C THR B 290 11.23 15.69 -21.79
N PRO B 291 11.61 16.98 -21.88
CA PRO B 291 11.10 17.79 -22.99
C PRO B 291 11.48 17.18 -24.36
N LEU B 292 12.57 16.38 -24.44
CA LEU B 292 12.93 15.71 -25.69
C LEU B 292 11.87 14.66 -26.04
N HIS B 293 11.39 13.90 -25.03
CA HIS B 293 10.34 12.93 -25.20
C HIS B 293 9.07 13.60 -25.71
N LEU B 294 8.74 14.77 -25.15
CA LEU B 294 7.54 15.48 -25.54
C LEU B 294 7.63 16.13 -26.92
N ALA B 295 8.78 16.66 -27.31
CA ALA B 295 8.93 17.27 -28.64
C ALA B 295 8.81 16.15 -29.69
N ALA B 296 9.49 15.01 -29.44
CA ALA B 296 9.46 13.82 -30.29
C ALA B 296 8.07 13.18 -30.36
N TYR B 297 7.35 13.10 -29.22
CA TYR B 297 6.01 12.55 -29.15
C TYR B 297 5.01 13.45 -29.88
N TRP B 298 5.17 14.78 -29.73
CA TRP B 298 4.24 15.75 -30.31
C TRP B 298 4.59 16.24 -31.70
N GLY B 299 5.63 15.65 -32.32
CA GLY B 299 6.00 15.98 -33.69
C GLY B 299 6.57 17.36 -33.92
N HIS B 300 7.37 17.87 -32.98
CA HIS B 300 7.96 19.19 -33.12
C HIS B 300 9.43 19.06 -33.51
N LEU B 301 9.71 19.05 -34.80
CA LEU B 301 11.05 18.87 -35.35
C LEU B 301 12.06 19.97 -34.93
N GLU B 302 11.68 21.24 -35.00
CA GLU B 302 12.60 22.33 -34.64
C GLU B 302 12.96 22.32 -33.16
N ILE B 303 11.99 22.01 -32.30
CA ILE B 303 12.20 21.92 -30.86
C ILE B 303 13.13 20.75 -30.52
N VAL B 304 12.99 19.60 -31.21
CA VAL B 304 13.85 18.42 -31.02
C VAL B 304 15.31 18.80 -31.29
N GLU B 305 15.55 19.51 -32.39
CA GLU B 305 16.89 19.96 -32.74
C GLU B 305 17.47 20.93 -31.70
N VAL B 306 16.69 21.94 -31.29
CA VAL B 306 17.15 22.94 -30.32
C VAL B 306 17.45 22.31 -28.94
N LEU B 307 16.64 21.33 -28.53
CA LEU B 307 16.88 20.65 -27.25
C LEU B 307 18.17 19.86 -27.33
N LEU B 308 18.38 19.14 -28.44
CA LEU B 308 19.60 18.38 -28.66
C LEU B 308 20.85 19.25 -28.59
N LYS B 309 20.81 20.43 -29.22
CA LYS B 309 21.89 21.40 -29.19
C LYS B 309 22.25 21.82 -27.74
N ASN B 310 21.29 21.77 -26.81
CA ASN B 310 21.55 22.17 -25.43
C ASN B 310 21.85 21.00 -24.46
N GLY B 311 22.41 19.92 -24.98
CA GLY B 311 22.84 18.80 -24.15
C GLY B 311 21.80 17.81 -23.66
N ALA B 312 20.66 17.72 -24.35
CA ALA B 312 19.63 16.77 -23.98
C ALA B 312 20.15 15.34 -24.19
N ASP B 313 19.81 14.43 -23.28
CA ASP B 313 20.19 13.02 -23.41
C ASP B 313 19.30 12.47 -24.50
N VAL B 314 19.89 12.15 -25.65
CA VAL B 314 19.19 11.65 -26.82
C VAL B 314 18.52 10.29 -26.58
N ASN B 315 19.03 9.50 -25.63
CA ASN B 315 18.51 8.16 -25.36
C ASN B 315 17.88 7.98 -23.98
N ALA B 316 17.27 9.03 -23.42
CA ALA B 316 16.62 9.02 -22.12
C ALA B 316 15.43 8.08 -22.14
N MET B 317 15.23 7.29 -21.07
CA MET B 317 14.15 6.32 -20.99
C MET B 317 13.10 6.72 -20.00
N ASP B 318 11.84 6.77 -20.44
CA ASP B 318 10.68 7.10 -19.60
C ASP B 318 10.32 5.94 -18.61
N SER B 319 9.11 5.94 -18.03
CA SER B 319 8.70 4.90 -17.09
C SER B 319 8.57 3.54 -17.79
N ASP B 320 8.00 3.54 -19.00
CA ASP B 320 7.81 2.34 -19.79
C ASP B 320 9.07 1.89 -20.58
N GLY B 321 10.22 2.50 -20.28
CA GLY B 321 11.49 2.18 -20.94
C GLY B 321 11.67 2.73 -22.34
N MET B 322 10.78 3.62 -22.77
CA MET B 322 10.85 4.18 -24.11
C MET B 322 11.75 5.41 -24.24
N THR B 323 12.39 5.52 -25.39
CA THR B 323 13.27 6.63 -25.69
C THR B 323 12.64 7.49 -26.77
N PRO B 324 13.17 8.72 -27.02
CA PRO B 324 12.61 9.54 -28.10
C PRO B 324 12.60 8.85 -29.48
N LEU B 325 13.54 7.90 -29.74
CA LEU B 325 13.54 7.17 -31.00
C LEU B 325 12.35 6.20 -31.07
N HIS B 326 11.97 5.61 -29.94
CA HIS B 326 10.83 4.70 -29.85
C HIS B 326 9.55 5.47 -30.15
N LEU B 327 9.44 6.70 -29.60
CA LEU B 327 8.29 7.57 -29.71
C LEU B 327 8.13 8.03 -31.16
N ALA B 328 9.23 8.45 -31.79
CA ALA B 328 9.23 8.90 -33.19
C ALA B 328 8.84 7.76 -34.13
N ALA B 329 9.44 6.57 -33.92
CA ALA B 329 9.19 5.39 -34.71
C ALA B 329 7.73 4.93 -34.54
N LYS B 330 7.18 4.96 -33.31
CA LYS B 330 5.78 4.59 -33.11
C LYS B 330 4.82 5.60 -33.81
N TRP B 331 4.99 6.91 -33.53
CA TRP B 331 4.09 7.90 -34.10
C TRP B 331 4.46 8.37 -35.52
N GLY B 332 5.43 7.70 -36.16
CA GLY B 332 5.79 7.88 -37.55
C GLY B 332 6.34 9.21 -37.98
N TYR B 333 7.14 9.84 -37.12
CA TYR B 333 7.75 11.11 -37.47
C TYR B 333 9.09 10.82 -38.15
N LEU B 334 9.06 10.49 -39.44
CA LEU B 334 10.27 10.10 -40.17
C LEU B 334 11.44 11.06 -40.03
N GLU B 335 11.24 12.35 -40.35
CA GLU B 335 12.32 13.32 -40.26
C GLU B 335 12.86 13.48 -38.85
N ILE B 336 12.03 13.24 -37.81
CA ILE B 336 12.43 13.31 -36.41
C ILE B 336 13.33 12.11 -36.07
N VAL B 337 13.00 10.89 -36.57
CA VAL B 337 13.89 9.72 -36.34
C VAL B 337 15.24 9.95 -37.05
N GLU B 338 15.22 10.59 -38.23
CA GLU B 338 16.42 10.86 -38.99
C GLU B 338 17.33 11.82 -38.24
N VAL B 339 16.76 12.84 -37.57
CA VAL B 339 17.52 13.81 -36.78
C VAL B 339 17.98 13.19 -35.45
N LEU B 340 17.14 12.33 -34.86
CA LEU B 340 17.51 11.65 -33.62
C LEU B 340 18.69 10.72 -33.88
N LEU B 341 18.68 10.00 -35.03
CA LEU B 341 19.76 9.08 -35.37
C LEU B 341 21.06 9.83 -35.63
N LYS B 342 20.98 10.93 -36.39
CA LYS B 342 22.10 11.82 -36.67
C LYS B 342 22.77 12.29 -35.35
N HIS B 343 21.98 12.49 -34.29
CA HIS B 343 22.46 12.96 -33.02
C HIS B 343 22.71 11.89 -31.95
N GLY B 344 23.16 10.71 -32.38
CA GLY B 344 23.59 9.68 -31.44
C GLY B 344 22.59 8.70 -30.87
N ALA B 345 21.37 8.63 -31.46
CA ALA B 345 20.35 7.66 -31.02
C ALA B 345 20.88 6.21 -31.07
N ASP B 346 20.26 5.32 -30.29
CA ASP B 346 20.61 3.92 -30.13
C ASP B 346 19.45 3.08 -30.70
N VAL B 347 19.71 2.40 -31.83
CA VAL B 347 18.73 1.60 -32.55
C VAL B 347 18.33 0.29 -31.82
N ASN B 348 19.15 -0.14 -30.86
CA ASN B 348 18.91 -1.41 -30.15
C ASN B 348 18.21 -1.28 -28.79
N ALA B 349 17.86 -0.06 -28.38
CA ALA B 349 17.26 0.16 -27.07
C ALA B 349 15.94 -0.56 -26.95
N GLN B 350 15.73 -1.30 -25.84
CA GLN B 350 14.48 -2.04 -25.65
C GLN B 350 13.69 -1.48 -24.51
N ASP B 351 12.36 -1.41 -24.70
CA ASP B 351 11.45 -0.90 -23.67
C ASP B 351 11.08 -1.99 -22.63
N LYS B 352 10.09 -1.72 -21.77
CA LYS B 352 9.56 -2.65 -20.77
C LYS B 352 9.02 -3.97 -21.44
N PHE B 353 8.92 -4.00 -22.78
CA PHE B 353 8.42 -5.10 -23.58
C PHE B 353 9.46 -5.76 -24.51
N GLY B 354 10.68 -5.23 -24.54
CA GLY B 354 11.73 -5.76 -25.40
C GLY B 354 11.73 -5.19 -26.81
N LYS B 355 10.81 -4.24 -27.09
CA LYS B 355 10.64 -3.62 -28.39
C LYS B 355 11.67 -2.55 -28.59
N THR B 356 12.25 -2.57 -29.76
CA THR B 356 13.21 -1.57 -30.17
C THR B 356 12.49 -0.62 -31.14
N PRO B 357 13.09 0.53 -31.50
CA PRO B 357 12.42 1.44 -32.42
C PRO B 357 11.95 0.79 -33.73
N PHE B 358 12.71 -0.21 -34.25
CA PHE B 358 12.34 -0.96 -35.46
C PHE B 358 11.07 -1.79 -35.23
N ASP B 359 10.91 -2.38 -34.04
CA ASP B 359 9.72 -3.18 -33.75
C ASP B 359 8.48 -2.33 -33.72
N LEU B 360 8.57 -1.10 -33.18
CA LEU B 360 7.44 -0.20 -33.15
C LEU B 360 7.08 0.31 -34.54
N ALA B 361 8.07 0.49 -35.41
CA ALA B 361 7.83 0.91 -36.79
C ALA B 361 7.04 -0.17 -37.54
N ILE B 362 7.36 -1.44 -37.30
CA ILE B 362 6.73 -2.57 -37.98
C ILE B 362 5.32 -2.86 -37.44
N ASP B 363 5.12 -2.65 -36.11
CA ASP B 363 3.84 -2.79 -35.44
C ASP B 363 2.88 -1.69 -35.92
N ASN B 364 3.37 -0.45 -35.96
CA ASN B 364 2.52 0.69 -36.31
C ASN B 364 2.47 1.00 -37.82
N GLY B 365 2.92 0.08 -38.65
CA GLY B 365 2.84 0.23 -40.11
C GLY B 365 3.72 1.27 -40.75
N ASN B 366 4.58 1.93 -39.98
CA ASN B 366 5.52 2.95 -40.46
C ASN B 366 6.67 2.28 -41.24
N GLU B 367 6.44 1.98 -42.52
CA GLU B 367 7.42 1.27 -43.34
C GLU B 367 8.69 2.03 -43.69
N ASP B 368 8.58 3.29 -44.07
CA ASP B 368 9.75 4.10 -44.44
C ASP B 368 10.65 4.27 -43.23
N ILE B 369 10.09 4.47 -42.02
CA ILE B 369 10.89 4.61 -40.81
C ILE B 369 11.64 3.29 -40.50
N ALA B 370 10.96 2.14 -40.70
CA ALA B 370 11.58 0.83 -40.47
C ALA B 370 12.81 0.63 -41.33
N GLU B 371 12.72 1.02 -42.62
CA GLU B 371 13.80 0.88 -43.55
C GLU B 371 14.97 1.80 -43.21
N VAL B 372 14.68 3.01 -42.66
CA VAL B 372 15.73 3.93 -42.23
C VAL B 372 16.43 3.36 -41.01
N LEU B 373 15.65 2.84 -40.05
CA LEU B 373 16.17 2.25 -38.83
C LEU B 373 17.08 1.06 -39.07
N GLN B 374 16.76 0.23 -40.08
CA GLN B 374 17.53 -0.96 -40.45
C GLN B 374 18.92 -0.58 -40.99
N LYS B 375 18.98 0.44 -41.86
CA LYS B 375 20.21 1.02 -42.43
C LYS B 375 21.10 1.58 -41.32
N ALA B 376 20.51 2.08 -40.20
CA ALA B 376 21.26 2.65 -39.09
C ALA B 376 21.95 1.59 -38.20
N ALA B 377 21.60 0.29 -38.37
CA ALA B 377 22.28 -0.78 -37.63
C ALA B 377 23.56 -1.17 -38.43
N GLY C 3 13.45 -1.98 42.79
CA GLY C 3 12.29 -1.85 41.92
C GLY C 3 11.16 -1.02 42.53
N SER C 4 10.02 -0.92 41.81
CA SER C 4 8.83 -0.18 42.27
C SER C 4 7.59 -0.58 41.51
N GLY C 5 6.64 -1.19 42.23
CA GLY C 5 5.37 -1.68 41.69
C GLY C 5 4.49 -0.62 41.07
N PHE C 6 4.58 0.61 41.57
CA PHE C 6 3.79 1.72 41.07
C PHE C 6 4.29 2.23 39.70
N LEU C 7 5.58 2.57 39.62
CA LEU C 7 6.16 3.13 38.42
C LEU C 7 6.10 2.17 37.27
N ALA C 8 6.38 0.90 37.54
CA ALA C 8 6.35 -0.15 36.54
C ALA C 8 5.00 -0.23 35.81
N ALA C 9 3.89 -0.22 36.56
CA ALA C 9 2.56 -0.23 35.99
C ALA C 9 2.26 1.05 35.23
N ALA C 10 2.73 2.18 35.71
CA ALA C 10 2.48 3.46 35.07
C ALA C 10 3.20 3.68 33.72
N LEU C 11 4.50 3.36 33.67
CA LEU C 11 5.35 3.63 32.53
C LEU C 11 5.59 2.44 31.59
N GLU C 12 4.94 1.29 31.85
CA GLU C 12 5.12 0.07 31.04
C GLU C 12 4.80 0.21 29.55
N ARG C 13 4.00 1.20 29.17
CA ARG C 13 3.60 1.37 27.78
C ARG C 13 4.38 2.42 27.01
N ILE C 14 5.34 3.13 27.65
CA ILE C 14 6.05 4.21 26.97
C ILE C 14 6.81 3.72 25.74
N GLU C 15 7.76 2.76 25.87
CA GLU C 15 8.43 2.25 24.65
C GLU C 15 9.36 3.30 24.02
N LYS C 16 10.31 3.74 24.84
CA LYS C 16 11.43 4.64 24.63
C LYS C 16 12.49 4.16 25.63
N ASN C 17 13.77 4.53 25.42
CA ASN C 17 14.81 4.14 26.39
C ASN C 17 14.82 5.12 27.55
N PHE C 18 14.43 4.65 28.74
CA PHE C 18 14.45 5.48 29.93
C PHE C 18 14.54 4.67 31.19
N VAL C 19 15.03 5.29 32.26
CA VAL C 19 15.14 4.74 33.61
C VAL C 19 14.67 5.78 34.62
N ILE C 20 14.27 5.33 35.80
CA ILE C 20 13.87 6.17 36.93
C ILE C 20 14.77 5.76 38.08
N THR C 21 15.31 6.70 38.87
CA THR C 21 16.17 6.35 40.00
C THR C 21 15.66 6.99 41.29
N ASP C 22 15.91 6.34 42.43
CA ASP C 22 15.47 6.83 43.72
C ASP C 22 16.57 7.62 44.37
N PRO C 23 16.49 8.96 44.41
CA PRO C 23 17.58 9.71 45.05
C PRO C 23 17.56 9.55 46.57
N ARG C 24 16.42 9.08 47.15
CA ARG C 24 16.25 8.90 48.59
C ARG C 24 17.13 7.75 49.14
N LEU C 25 17.53 6.81 48.28
CA LEU C 25 18.34 5.65 48.63
C LEU C 25 19.75 5.93 48.26
N PRO C 26 20.73 5.30 48.97
CA PRO C 26 22.15 5.53 48.65
C PRO C 26 22.53 5.22 47.22
N ASP C 27 23.23 6.17 46.60
CA ASP C 27 23.77 6.08 45.26
C ASP C 27 22.73 6.15 44.16
N ASN C 28 21.51 6.66 44.45
CA ASN C 28 20.49 6.89 43.42
C ASN C 28 20.29 5.64 42.53
N PRO C 29 19.86 4.50 43.10
CA PRO C 29 19.76 3.28 42.31
C PRO C 29 18.61 3.33 41.31
N ILE C 30 18.72 2.59 40.20
CA ILE C 30 17.65 2.49 39.22
C ILE C 30 16.50 1.72 39.88
N ILE C 31 15.27 2.26 39.81
CA ILE C 31 14.09 1.59 40.35
C ILE C 31 13.07 1.17 39.24
N PHE C 32 13.38 1.48 37.98
CA PHE C 32 12.58 1.13 36.83
C PHE C 32 13.44 1.33 35.61
N ALA C 33 13.31 0.44 34.65
CA ALA C 33 14.06 0.52 33.39
C ALA C 33 13.09 0.07 32.35
N SER C 34 12.91 0.85 31.28
CA SER C 34 12.00 0.47 30.22
C SER C 34 12.49 -0.79 29.52
N ASP C 35 11.54 -1.57 28.94
CA ASP C 35 11.89 -2.77 28.15
C ASP C 35 12.84 -2.37 26.98
N SER C 36 12.62 -1.19 26.39
CA SER C 36 13.48 -0.70 25.31
C SER C 36 14.89 -0.44 25.82
N PHE C 37 15.04 0.04 27.07
CA PHE C 37 16.37 0.30 27.63
C PHE C 37 17.13 -1.00 27.75
N LEU C 38 16.47 -2.06 28.24
CA LEU C 38 17.05 -3.40 28.39
C LEU C 38 17.51 -3.97 27.06
N GLN C 39 16.76 -3.66 25.99
CA GLN C 39 17.07 -4.09 24.64
C GLN C 39 18.33 -3.34 24.15
N LEU C 40 18.33 -2.00 24.24
CA LEU C 40 19.44 -1.15 23.84
C LEU C 40 20.75 -1.54 24.58
N THR C 41 20.68 -1.77 25.88
CA THR C 41 21.86 -2.04 26.69
C THR C 41 22.30 -3.50 26.72
N GLU C 42 21.42 -4.43 26.34
CA GLU C 42 21.74 -5.85 26.37
C GLU C 42 22.01 -6.29 27.81
N TYR C 43 21.17 -5.83 28.74
CA TYR C 43 21.26 -6.16 30.16
C TYR C 43 19.89 -6.60 30.62
N SER C 44 19.82 -7.67 31.41
CA SER C 44 18.55 -8.11 31.98
C SER C 44 18.05 -7.11 33.00
N ARG C 45 16.74 -7.04 33.19
CA ARG C 45 16.14 -6.14 34.17
C ARG C 45 16.68 -6.39 35.60
N GLU C 46 16.92 -7.65 35.95
CA GLU C 46 17.45 -8.02 37.26
C GLU C 46 18.90 -7.56 37.48
N GLU C 47 19.66 -7.44 36.40
CA GLU C 47 21.07 -6.97 36.41
C GLU C 47 21.20 -5.45 36.48
N ILE C 48 20.08 -4.73 36.39
CA ILE C 48 20.05 -3.28 36.37
C ILE C 48 19.47 -2.74 37.68
N LEU C 49 18.28 -3.18 38.06
CA LEU C 49 17.58 -2.68 39.23
C LEU C 49 18.42 -2.70 40.50
N GLY C 50 18.46 -1.56 41.19
CA GLY C 50 19.29 -1.41 42.38
C GLY C 50 20.70 -0.92 42.08
N ARG C 51 21.03 -0.69 40.79
CA ARG C 51 22.36 -0.19 40.43
C ARG C 51 22.31 1.26 39.95
N ASN C 52 23.38 2.01 40.22
CA ASN C 52 23.50 3.37 39.72
C ASN C 52 23.86 3.22 38.22
N ALA C 53 23.23 4.02 37.34
CA ALA C 53 23.40 3.93 35.88
C ALA C 53 24.82 4.20 35.32
N ARG C 54 25.84 4.38 36.20
CA ARG C 54 27.21 4.62 35.73
C ARG C 54 27.88 3.41 35.09
N PHE C 55 27.29 2.21 35.19
CA PHE C 55 27.86 1.02 34.55
C PHE C 55 27.91 1.13 33.02
N LEU C 56 27.15 2.09 32.44
CA LEU C 56 27.17 2.31 31.00
C LEU C 56 28.43 3.05 30.55
N GLN C 57 29.23 3.58 31.48
CA GLN C 57 30.44 4.31 31.16
C GLN C 57 31.65 3.39 30.91
N GLY C 58 32.66 3.93 30.21
CA GLY C 58 33.87 3.20 29.88
C GLY C 58 35.07 4.09 29.58
N PRO C 59 36.08 3.52 28.93
CA PRO C 59 37.29 4.31 28.62
C PRO C 59 37.10 5.56 27.74
N GLU C 60 36.44 5.42 26.57
CA GLU C 60 36.21 6.54 25.66
C GLU C 60 35.13 7.54 26.13
N THR C 61 34.58 7.36 27.35
CA THR C 61 33.56 8.23 27.93
C THR C 61 34.22 9.49 28.44
N ASP C 62 33.85 10.65 27.86
CA ASP C 62 34.41 11.93 28.24
C ASP C 62 34.04 12.25 29.68
N ARG C 63 35.02 12.07 30.60
CA ARG C 63 34.83 12.31 32.04
C ARG C 63 34.35 13.73 32.39
N ALA C 64 34.51 14.68 31.44
CA ALA C 64 34.09 16.06 31.60
C ALA C 64 32.60 16.17 31.32
N THR C 65 32.10 15.43 30.31
CA THR C 65 30.66 15.41 30.03
C THR C 65 29.94 14.76 31.20
N VAL C 66 30.51 13.70 31.79
CA VAL C 66 29.92 13.05 32.95
C VAL C 66 29.81 14.02 34.14
N ARG C 67 30.77 14.94 34.31
CA ARG C 67 30.70 15.93 35.40
C ARG C 67 29.48 16.81 35.27
N LYS C 68 29.08 17.14 34.03
CA LYS C 68 27.89 17.95 33.78
C LYS C 68 26.61 17.23 34.28
N ILE C 69 26.59 15.88 34.23
CA ILE C 69 25.51 15.05 34.74
C ILE C 69 25.59 15.03 36.26
N ARG C 70 26.80 14.89 36.85
CA ARG C 70 26.91 14.92 38.32
C ARG C 70 26.41 16.23 38.89
N ASP C 71 26.79 17.33 38.26
CA ASP C 71 26.34 18.64 38.70
C ASP C 71 24.84 18.79 38.57
N ALA C 72 24.23 18.33 37.47
CA ALA C 72 22.79 18.45 37.27
C ALA C 72 22.03 17.69 38.33
N ILE C 73 22.53 16.49 38.71
CA ILE C 73 21.85 15.68 39.72
C ILE C 73 21.99 16.37 41.09
N ASP C 74 23.19 16.80 41.38
CA ASP C 74 23.50 17.48 42.62
C ASP C 74 22.72 18.76 42.78
N ASN C 75 22.53 19.50 41.68
CA ASN C 75 21.79 20.77 41.66
C ASN C 75 20.31 20.63 41.40
N GLN C 76 19.80 19.39 41.31
CA GLN C 76 18.41 19.07 41.07
C GLN C 76 17.85 19.84 39.88
N THR C 77 18.61 19.86 38.81
CA THR C 77 18.20 20.50 37.56
C THR C 77 18.28 19.50 36.42
N GLU C 78 17.64 19.81 35.29
CA GLU C 78 17.73 18.97 34.11
C GLU C 78 19.02 19.24 33.34
N VAL C 79 19.37 18.33 32.43
CA VAL C 79 20.58 18.46 31.63
C VAL C 79 20.48 17.60 30.40
N THR C 80 21.00 18.08 29.28
CA THR C 80 20.96 17.32 28.02
C THR C 80 22.37 17.26 27.49
N VAL C 81 22.98 16.07 27.46
CA VAL C 81 24.37 15.92 27.05
C VAL C 81 24.55 14.80 26.00
N GLN C 82 25.78 14.67 25.47
CA GLN C 82 26.10 13.66 24.48
C GLN C 82 27.34 12.97 24.95
N LEU C 83 27.26 11.67 25.21
CA LEU C 83 28.42 10.89 25.64
C LEU C 83 28.46 9.51 25.04
N ILE C 84 29.67 8.89 25.01
CA ILE C 84 29.83 7.54 24.51
C ILE C 84 29.49 6.53 25.63
N ASN C 85 28.53 5.64 25.37
CA ASN C 85 28.12 4.62 26.33
C ASN C 85 28.35 3.19 25.80
N TYR C 86 28.36 2.19 26.69
CA TYR C 86 28.68 0.82 26.30
C TYR C 86 27.66 -0.21 26.76
N THR C 87 27.34 -1.19 25.89
CA THR C 87 26.41 -2.26 26.24
C THR C 87 27.10 -3.33 27.13
N LYS C 88 26.34 -4.31 27.67
CA LYS C 88 26.90 -5.35 28.53
C LYS C 88 28.04 -6.11 27.84
N SER C 89 27.90 -6.33 26.52
CA SER C 89 28.90 -7.02 25.71
C SER C 89 30.22 -6.22 25.54
N GLY C 90 30.16 -4.91 25.74
CA GLY C 90 31.28 -4.00 25.55
C GLY C 90 31.15 -3.15 24.29
N LYS C 91 30.06 -3.37 23.50
CA LYS C 91 29.75 -2.64 22.26
C LYS C 91 29.51 -1.16 22.57
N LYS C 92 30.32 -0.26 21.99
CA LYS C 92 30.14 1.18 22.23
C LYS C 92 28.99 1.75 21.34
N PHE C 93 28.25 2.73 21.87
CA PHE C 93 27.16 3.43 21.19
C PHE C 93 27.06 4.87 21.69
N TRP C 94 26.75 5.82 20.79
CA TRP C 94 26.61 7.22 21.22
C TRP C 94 25.28 7.40 21.94
N ASN C 95 25.28 8.26 22.96
CA ASN C 95 24.12 8.48 23.80
C ASN C 95 23.80 9.95 23.94
N LEU C 96 22.60 10.33 23.50
CA LEU C 96 22.06 11.66 23.67
C LEU C 96 21.16 11.50 24.88
N PHE C 97 21.70 11.84 26.04
CA PHE C 97 21.06 11.64 27.32
C PHE C 97 20.39 12.92 27.89
N HIS C 98 19.15 12.77 28.46
CA HIS C 98 18.46 13.89 29.08
C HIS C 98 17.97 13.56 30.47
N LEU C 99 18.58 14.20 31.48
CA LEU C 99 18.20 14.08 32.89
C LEU C 99 17.07 15.03 33.12
N GLN C 100 16.13 14.66 33.97
CA GLN C 100 14.97 15.46 34.24
C GLN C 100 14.43 15.02 35.61
N PRO C 101 14.43 15.91 36.59
CA PRO C 101 13.87 15.56 37.90
C PRO C 101 12.33 15.50 37.87
N MET C 102 11.71 14.55 38.61
CA MET C 102 10.25 14.48 38.74
C MET C 102 9.94 15.28 39.96
N ARG C 103 9.20 16.38 39.88
CA ARG C 103 8.95 17.19 41.08
C ARG C 103 7.49 17.05 41.57
N ASP C 104 7.26 17.13 42.87
CA ASP C 104 5.91 17.07 43.45
C ASP C 104 5.17 18.43 43.19
N GLN C 105 4.02 18.62 43.84
CA GLN C 105 3.26 19.86 43.68
C GLN C 105 4.01 21.07 44.24
N LYS C 106 4.64 20.96 45.43
CA LYS C 106 5.41 22.08 45.96
C LYS C 106 6.84 22.21 45.37
N GLY C 107 7.12 21.47 44.27
CA GLY C 107 8.34 21.54 43.49
C GLY C 107 9.57 20.82 43.97
N ASP C 108 9.40 19.88 44.92
CA ASP C 108 10.51 19.10 45.46
C ASP C 108 10.81 17.87 44.62
N VAL C 109 12.11 17.51 44.41
CA VAL C 109 12.50 16.33 43.58
C VAL C 109 12.03 15.03 44.21
N GLN C 110 11.50 14.10 43.41
CA GLN C 110 10.99 12.84 43.91
C GLN C 110 11.77 11.69 43.38
N TYR C 111 11.98 11.70 42.08
CA TYR C 111 12.72 10.68 41.34
C TYR C 111 13.51 11.39 40.26
N PHE C 112 14.39 10.68 39.57
CA PHE C 112 15.04 11.25 38.40
C PHE C 112 14.61 10.46 37.14
N ILE C 113 14.45 11.13 36.00
CA ILE C 113 14.08 10.52 34.73
C ILE C 113 15.30 10.70 33.83
N GLY C 114 15.76 9.62 33.24
CA GLY C 114 16.92 9.66 32.36
C GLY C 114 16.52 9.07 31.05
N VAL C 115 16.50 9.89 29.98
CA VAL C 115 16.09 9.40 28.65
C VAL C 115 17.32 9.24 27.79
N GLN C 116 17.49 8.08 27.16
CA GLN C 116 18.64 7.82 26.32
C GLN C 116 18.24 7.70 24.85
N LEU C 117 18.88 8.48 23.99
CA LEU C 117 18.65 8.42 22.55
C LEU C 117 19.93 7.94 21.95
N ASP C 118 19.98 6.68 21.59
CA ASP C 118 21.18 6.07 21.04
C ASP C 118 21.43 6.40 19.55
N GLY C 119 22.69 6.72 19.27
CA GLY C 119 23.15 7.08 17.94
C GLY C 119 24.47 6.43 17.57
N THR C 120 24.87 6.61 16.32
CA THR C 120 26.10 6.04 15.81
C THR C 120 27.24 7.05 15.99
N GLU C 121 26.96 8.34 15.72
CA GLU C 121 27.95 9.41 15.83
C GLU C 121 27.36 10.64 16.59
N HIS C 122 28.23 11.54 17.11
CA HIS C 122 27.80 12.76 17.82
C HIS C 122 27.09 13.73 16.87
N VAL C 123 25.76 13.84 16.97
CA VAL C 123 24.98 14.73 16.12
C VAL C 123 25.09 16.20 16.53
N ARG C 124 24.97 17.11 15.57
CA ARG C 124 25.09 18.54 15.81
C ARG C 124 24.15 19.36 14.89
N ASP C 125 24.14 20.70 15.07
CA ASP C 125 23.34 21.63 14.27
C ASP C 125 21.84 21.24 14.33
N ALA C 126 21.11 21.16 13.20
CA ALA C 126 19.69 20.83 13.22
C ALA C 126 19.38 19.45 13.77
N ALA C 127 20.26 18.45 13.51
CA ALA C 127 20.08 17.07 13.97
C ALA C 127 20.05 16.99 15.51
N GLU C 128 20.96 17.74 16.15
CA GLU C 128 21.04 17.81 17.60
C GLU C 128 19.78 18.48 18.15
N ARG C 129 19.48 19.72 17.70
CA ARG C 129 18.32 20.48 18.12
C ARG C 129 16.96 19.77 17.99
N GLU C 130 16.76 19.02 16.90
CA GLU C 130 15.50 18.29 16.70
C GLU C 130 15.43 17.08 17.62
N ALA C 131 16.57 16.48 17.99
CA ALA C 131 16.59 15.31 18.86
C ALA C 131 16.40 15.73 20.29
N VAL C 132 17.03 16.82 20.71
CA VAL C 132 16.90 17.40 22.05
C VAL C 132 15.42 17.75 22.29
N MET C 133 14.75 18.33 21.29
CA MET C 133 13.33 18.68 21.33
C MET C 133 12.50 17.47 21.65
N LEU C 134 12.82 16.33 20.98
CA LEU C 134 12.10 15.07 21.12
C LEU C 134 12.36 14.37 22.46
N ILE C 135 13.65 14.27 22.93
CA ILE C 135 13.88 13.65 24.26
C ILE C 135 13.28 14.49 25.35
N LYS C 136 13.27 15.83 25.22
CA LYS C 136 12.62 16.67 26.21
C LYS C 136 11.12 16.37 26.28
N LYS C 137 10.49 16.20 25.10
CA LYS C 137 9.07 15.87 24.98
C LYS C 137 8.78 14.47 25.54
N THR C 138 9.77 13.53 25.46
CA THR C 138 9.60 12.16 25.97
C THR C 138 9.51 12.20 27.47
N ALA C 139 10.46 12.92 28.10
CA ALA C 139 10.52 13.07 29.55
C ALA C 139 9.27 13.77 30.08
N ALA C 140 8.76 14.78 29.36
CA ALA C 140 7.52 15.44 29.74
C ALA C 140 6.35 14.50 29.77
N GLU C 141 6.37 13.45 28.90
CA GLU C 141 5.31 12.43 28.82
C GLU C 141 5.49 11.38 29.90
N ILE C 142 6.73 11.04 30.25
CA ILE C 142 7.02 10.11 31.34
C ILE C 142 6.57 10.77 32.65
N ASP C 143 6.82 12.06 32.85
CA ASP C 143 6.38 12.75 34.06
C ASP C 143 4.87 12.71 34.16
N ALA C 144 4.19 13.06 33.07
CA ALA C 144 2.73 13.09 33.01
C ALA C 144 2.10 11.71 33.15
N ALA C 145 2.76 10.64 32.65
CA ALA C 145 2.25 9.28 32.81
C ALA C 145 2.25 8.95 34.31
N ALA C 146 3.36 9.20 35.04
CA ALA C 146 3.49 8.97 36.47
C ALA C 146 2.48 9.86 37.20
N LYS C 147 2.43 11.17 36.92
CA LYS C 147 1.48 12.06 37.56
C LYS C 147 0.02 11.60 37.41
N LEU C 148 -0.38 11.12 36.24
CA LEU C 148 -1.74 10.63 36.01
C LEU C 148 -1.97 9.33 36.75
N ALA C 149 -0.98 8.44 36.75
CA ALA C 149 -1.08 7.16 37.46
C ALA C 149 -1.29 7.38 38.94
N ALA C 150 -0.65 8.42 39.51
CA ALA C 150 -0.80 8.77 40.92
C ALA C 150 -2.24 9.20 41.24
N LEU C 151 -2.86 10.02 40.36
CA LEU C 151 -4.24 10.49 40.54
C LEU C 151 -5.22 9.33 40.41
N LYS C 152 -4.95 8.38 39.47
CA LYS C 152 -5.77 7.19 39.30
C LYS C 152 -5.71 6.37 40.58
N ALA C 153 -4.50 6.16 41.13
CA ALA C 153 -4.33 5.39 42.35
C ALA C 153 -5.05 5.96 43.53
N ALA C 154 -5.05 7.28 43.69
CA ALA C 154 -5.75 7.94 44.79
C ALA C 154 -7.30 7.81 44.63
N ILE C 155 -7.77 7.77 43.38
CA ILE C 155 -9.19 7.58 43.12
C ILE C 155 -9.61 6.18 43.57
N GLU C 156 -8.96 5.09 43.06
CA GLU C 156 -9.34 3.75 43.48
C GLU C 156 -9.15 3.54 45.00
N ALA C 157 -8.22 4.29 45.63
CA ALA C 157 -8.00 4.19 47.06
C ALA C 157 -9.18 4.82 47.81
N ILE C 158 -9.66 5.99 47.37
CA ILE C 158 -10.79 6.64 48.04
C ILE C 158 -12.09 5.92 47.70
N ILE C 159 -12.21 5.30 46.52
CA ILE C 159 -13.40 4.51 46.16
C ILE C 159 -13.46 3.31 47.13
N LYS C 160 -12.30 2.64 47.35
CA LYS C 160 -12.18 1.52 48.29
C LYS C 160 -12.64 1.93 49.69
N ARG C 161 -12.16 3.09 50.17
CA ARG C 161 -12.50 3.67 51.47
C ARG C 161 -14.00 3.95 51.56
N ILE C 162 -14.59 4.42 50.45
CA ILE C 162 -16.01 4.70 50.36
C ILE C 162 -16.83 3.40 50.56
N GLU C 163 -16.46 2.31 49.85
CA GLU C 163 -17.16 1.03 49.95
C GLU C 163 -17.14 0.53 51.38
N GLU C 164 -15.96 0.43 52.01
CA GLU C 164 -15.89 0.00 53.42
C GLU C 164 -16.70 0.90 54.35
N ALA C 165 -16.71 2.23 54.14
CA ALA C 165 -17.49 3.13 54.99
C ALA C 165 -18.99 2.99 54.78
N GLU C 166 -19.42 2.61 53.56
CA GLU C 166 -20.82 2.36 53.21
C GLU C 166 -21.24 1.06 53.90
N LYS C 167 -20.41 0.00 53.79
CA LYS C 167 -20.61 -1.30 54.45
C LYS C 167 -20.27 -1.22 55.97
N ASN C 168 -20.29 -0.01 56.54
CA ASN C 168 -20.00 0.30 57.95
C ASN C 168 -21.12 1.20 58.58
N GLY C 169 -21.94 1.82 57.72
CA GLY C 169 -23.03 2.70 58.14
C GLY C 169 -22.52 4.03 58.66
N ASP C 170 -21.38 4.50 58.13
CA ASP C 170 -20.80 5.76 58.57
C ASP C 170 -21.06 6.84 57.53
N GLU C 171 -22.24 7.45 57.54
CA GLU C 171 -22.61 8.48 56.59
C GLU C 171 -21.76 9.75 56.68
N ASP C 172 -21.22 10.04 57.88
CA ASP C 172 -20.37 11.20 58.13
C ASP C 172 -19.06 11.07 57.35
N LYS C 173 -18.48 9.85 57.37
CA LYS C 173 -17.24 9.51 56.69
C LYS C 173 -17.54 9.48 55.18
N VAL C 174 -18.62 8.81 54.77
CA VAL C 174 -19.05 8.68 53.38
C VAL C 174 -19.19 10.04 52.69
N LYS C 175 -19.79 11.03 53.37
CA LYS C 175 -19.98 12.34 52.76
C LYS C 175 -18.66 13.09 52.62
N GLU C 176 -17.79 12.97 53.63
CA GLU C 176 -16.49 13.63 53.71
C GLU C 176 -15.48 13.06 52.70
N LEU C 177 -15.55 11.73 52.49
CA LEU C 177 -14.73 11.00 51.54
C LEU C 177 -15.11 11.28 50.12
N ARG C 178 -16.38 11.56 49.86
CA ARG C 178 -16.88 11.87 48.54
C ARG C 178 -16.45 13.27 48.12
N GLU C 179 -16.38 14.22 49.06
CA GLU C 179 -15.96 15.58 48.73
C GLU C 179 -14.49 15.64 48.32
N LYS C 180 -13.66 14.73 48.87
CA LYS C 180 -12.24 14.58 48.55
C LYS C 180 -12.11 13.87 47.19
N LEU C 181 -12.97 12.89 46.91
CA LEU C 181 -13.01 12.19 45.61
C LEU C 181 -13.39 13.18 44.50
N ASP C 182 -14.28 14.13 44.79
CA ASP C 182 -14.67 15.13 43.82
C ASP C 182 -13.51 16.03 43.47
N LYS C 183 -12.67 16.38 44.44
CA LYS C 183 -11.50 17.21 44.18
C LYS C 183 -10.48 16.44 43.30
N LEU C 184 -10.32 15.12 43.57
CA LEU C 184 -9.43 14.23 42.83
C LEU C 184 -9.88 14.06 41.38
N ARG C 185 -11.20 13.95 41.18
CA ARG C 185 -11.80 13.84 39.88
C ARG C 185 -11.59 15.16 39.15
N ARG C 186 -11.83 16.34 39.79
CA ARG C 186 -11.62 17.62 39.10
C ARG C 186 -10.21 17.73 38.57
N ALA C 187 -9.23 17.28 39.40
CA ALA C 187 -7.78 17.28 39.11
C ALA C 187 -7.38 16.30 38.04
N TYR C 188 -7.98 15.08 38.06
CA TYR C 188 -7.68 14.05 37.07
C TYR C 188 -8.03 14.51 35.69
N LEU C 189 -9.21 15.14 35.51
CA LEU C 189 -9.61 15.62 34.19
C LEU C 189 -8.81 16.83 33.73
N ILE C 190 -8.31 17.67 34.66
CA ILE C 190 -7.48 18.84 34.28
C ILE C 190 -6.17 18.34 33.65
N LEU C 191 -5.56 17.28 34.25
CA LEU C 191 -4.33 16.64 33.79
C LEU C 191 -4.56 15.80 32.57
N ALA C 192 -5.73 15.18 32.48
CA ALA C 192 -6.17 14.38 31.35
C ALA C 192 -6.22 15.31 30.13
N LEU C 193 -6.75 16.54 30.30
CA LEU C 193 -6.77 17.50 29.21
C LEU C 193 -5.35 18.00 28.91
N LEU C 194 -4.53 18.28 29.90
CA LEU C 194 -3.13 18.68 29.69
C LEU C 194 -2.34 17.64 28.87
N ILE C 195 -2.51 16.37 29.16
CA ILE C 195 -1.82 15.30 28.43
C ILE C 195 -2.37 15.15 27.02
N ALA C 196 -3.69 15.33 26.86
CA ALA C 196 -4.36 15.24 25.56
C ALA C 196 -3.76 16.27 24.60
N ALA C 197 -3.57 17.53 25.07
CA ALA C 197 -2.97 18.58 24.27
C ALA C 197 -1.49 18.22 23.95
N LEU C 198 -0.74 17.77 24.96
CA LEU C 198 0.66 17.37 24.81
C LEU C 198 0.81 16.26 23.74
N LYS C 199 -0.03 15.23 23.81
CA LYS C 199 0.07 14.08 22.94
C LYS C 199 -0.66 14.20 21.62
N GLY C 200 -1.31 15.32 21.35
CA GLY C 200 -2.03 15.50 20.09
C GLY C 200 -3.26 14.62 19.93
N GLN C 201 -4.01 14.44 21.00
CA GLN C 201 -5.18 13.60 21.00
C GLN C 201 -6.43 14.44 20.77
N ILE C 202 -6.57 15.03 19.56
CA ILE C 202 -7.71 15.87 19.17
C ILE C 202 -9.12 15.38 19.63
N GLU C 203 -9.35 14.08 19.57
CA GLU C 203 -10.61 13.45 19.92
C GLU C 203 -10.81 13.48 21.41
N GLU C 204 -9.77 13.14 22.19
CA GLU C 204 -9.83 13.15 23.66
C GLU C 204 -10.09 14.57 24.14
N VAL C 205 -9.44 15.57 23.48
CA VAL C 205 -9.57 17.00 23.74
C VAL C 205 -11.05 17.39 23.61
N ARG C 206 -11.68 17.02 22.52
CA ARG C 206 -13.08 17.35 22.29
C ARG C 206 -13.99 16.68 23.29
N ARG C 207 -13.77 15.39 23.56
CA ARG C 207 -14.61 14.64 24.49
C ARG C 207 -14.59 15.23 25.90
N LEU C 208 -13.37 15.50 26.42
CA LEU C 208 -13.15 16.07 27.74
C LEU C 208 -13.84 17.42 27.88
N LEU C 209 -13.58 18.36 26.95
CA LEU C 209 -14.23 19.67 26.95
C LEU C 209 -15.75 19.53 26.88
N GLU C 210 -16.26 18.58 26.05
CA GLU C 210 -17.67 18.24 25.85
C GLU C 210 -18.30 17.78 27.18
N GLN C 211 -17.60 16.96 27.95
CA GLN C 211 -18.08 16.50 29.26
C GLN C 211 -17.81 17.50 30.41
N GLY C 212 -17.62 18.77 30.07
CA GLY C 212 -17.45 19.85 31.05
C GLY C 212 -16.08 19.99 31.65
N ALA C 213 -15.05 20.12 30.82
CA ALA C 213 -13.70 20.32 31.30
C ALA C 213 -13.33 21.75 31.00
N ASP C 214 -12.85 22.47 32.00
CA ASP C 214 -12.39 23.86 31.87
C ASP C 214 -11.26 23.93 30.83
N ALA C 215 -11.41 24.76 29.77
CA ALA C 215 -10.34 24.93 28.77
C ALA C 215 -9.11 25.60 29.38
N ASN C 216 -9.31 26.44 30.42
CA ASN C 216 -8.27 27.18 31.16
C ASN C 216 -7.70 26.43 32.40
N GLY C 217 -8.19 25.22 32.65
CA GLY C 217 -7.79 24.38 33.76
C GLY C 217 -6.30 24.14 33.76
N ALA C 218 -5.63 24.75 34.72
CA ALA C 218 -4.19 24.68 34.83
C ALA C 218 -3.75 23.85 35.98
N ASP C 219 -2.62 23.15 35.81
CA ASP C 219 -2.00 22.39 36.88
C ASP C 219 -1.41 23.37 37.96
N GLY C 220 -0.84 22.85 39.04
CA GLY C 220 -0.32 23.69 40.12
C GLY C 220 0.66 24.77 39.68
N GLY C 221 1.46 24.42 38.67
CA GLY C 221 2.50 25.30 38.15
C GLY C 221 2.05 26.32 37.13
N GLY C 222 0.75 26.44 36.90
CA GLY C 222 0.22 27.41 35.96
C GLY C 222 0.10 26.93 34.53
N THR C 223 0.29 25.63 34.28
CA THR C 223 0.22 25.09 32.92
C THR C 223 -1.19 24.87 32.38
N THR C 224 -1.56 25.61 31.35
CA THR C 224 -2.87 25.44 30.72
C THR C 224 -2.75 24.55 29.49
N PRO C 225 -3.85 23.90 29.05
CA PRO C 225 -3.75 23.02 27.87
C PRO C 225 -3.21 23.73 26.63
N LEU C 226 -3.38 25.07 26.55
CA LEU C 226 -2.93 25.88 25.41
C LEU C 226 -1.42 25.95 25.38
N HIS C 227 -0.75 25.96 26.53
CA HIS C 227 0.71 25.99 26.59
C HIS C 227 1.27 24.68 26.05
N LEU C 228 0.66 23.54 26.41
CA LEU C 228 1.14 22.23 26.01
C LEU C 228 0.90 21.96 24.55
N ALA C 229 -0.27 22.42 24.06
CA ALA C 229 -0.67 22.35 22.69
C ALA C 229 0.28 23.21 21.88
N ALA C 230 0.58 24.42 22.33
CA ALA C 230 1.56 25.29 21.64
C ALA C 230 2.96 24.67 21.58
N THR C 231 3.42 24.06 22.68
CA THR C 231 4.74 23.41 22.72
C THR C 231 4.81 22.25 21.73
N SER C 232 3.74 21.43 21.68
CA SER C 232 3.69 20.29 20.76
C SER C 232 3.47 20.70 19.32
N GLY C 233 2.94 21.90 19.10
CA GLY C 233 2.68 22.40 17.77
C GLY C 233 1.42 21.85 17.14
N GLN C 234 0.46 21.45 17.98
CA GLN C 234 -0.80 20.92 17.48
C GLN C 234 -1.76 22.04 17.17
N LEU C 235 -1.85 22.49 15.90
CA LEU C 235 -2.75 23.59 15.52
C LEU C 235 -4.23 23.32 15.75
N THR C 236 -4.74 22.15 15.33
CA THR C 236 -6.16 21.84 15.52
C THR C 236 -6.59 22.00 16.97
N ILE C 237 -5.76 21.49 17.92
CA ILE C 237 -6.07 21.57 19.34
C ILE C 237 -6.04 23.04 19.80
N VAL C 238 -5.01 23.83 19.38
CA VAL C 238 -4.86 25.26 19.72
C VAL C 238 -6.11 26.01 19.29
N GLU C 239 -6.58 25.76 18.07
CA GLU C 239 -7.80 26.38 17.53
C GLU C 239 -9.04 25.98 18.33
N ILE C 240 -9.18 24.66 18.68
CA ILE C 240 -10.29 24.13 19.48
C ILE C 240 -10.32 24.84 20.83
N LEU C 241 -9.16 24.89 21.54
CA LEU C 241 -8.99 25.51 22.87
C LEU C 241 -9.29 26.98 22.81
N LEU C 242 -8.83 27.68 21.78
CA LEU C 242 -9.11 29.11 21.62
C LEU C 242 -10.59 29.35 21.36
N ARG C 243 -11.22 28.52 20.51
CA ARG C 243 -12.66 28.59 20.20
C ARG C 243 -13.50 28.43 21.48
N GLN C 244 -13.03 27.58 22.40
CA GLN C 244 -13.70 27.29 23.65
C GLN C 244 -13.26 28.20 24.81
N GLY C 245 -12.86 29.42 24.47
CA GLY C 245 -12.49 30.45 25.44
C GLY C 245 -11.22 30.32 26.25
N ALA C 246 -10.17 29.67 25.72
CA ALA C 246 -8.91 29.58 26.48
C ALA C 246 -8.16 30.90 26.33
N ASP C 247 -7.58 31.36 27.43
CA ASP C 247 -6.81 32.58 27.55
C ASP C 247 -5.47 32.40 26.87
N VAL C 248 -5.27 33.13 25.76
CA VAL C 248 -4.06 33.16 24.94
C VAL C 248 -2.86 33.90 25.63
N ASN C 249 -3.12 34.63 26.73
CA ASN C 249 -2.07 35.34 27.46
C ASN C 249 -1.94 34.82 28.87
N ALA C 250 -2.11 33.50 29.06
CA ALA C 250 -2.01 32.92 30.39
C ALA C 250 -0.57 32.65 30.71
N ALA C 251 -0.18 32.95 31.95
CA ALA C 251 1.19 32.75 32.37
C ALA C 251 1.25 31.69 33.43
N ASP C 252 2.32 30.90 33.39
CA ASP C 252 2.53 29.89 34.39
C ASP C 252 3.39 30.46 35.54
N ASN C 253 3.80 29.62 36.51
CA ASN C 253 4.63 30.04 37.64
C ASN C 253 5.96 30.71 37.19
N THR C 254 6.32 30.58 35.90
CA THR C 254 7.52 31.20 35.37
C THR C 254 7.26 32.42 34.48
N GLY C 255 6.00 32.82 34.34
CA GLY C 255 5.65 33.94 33.47
C GLY C 255 5.66 33.58 31.99
N THR C 256 5.75 32.27 31.67
CA THR C 256 5.78 31.80 30.31
C THR C 256 4.38 31.72 29.71
N THR C 257 4.21 32.25 28.50
CA THR C 257 2.91 32.24 27.83
C THR C 257 2.86 31.21 26.69
N PRO C 258 1.65 30.83 26.21
CA PRO C 258 1.60 29.88 25.07
C PRO C 258 2.46 30.33 23.89
N LEU C 259 2.66 31.67 23.73
CA LEU C 259 3.43 32.29 22.65
C LEU C 259 4.91 32.16 22.88
N HIS C 260 5.37 32.18 24.12
CA HIS C 260 6.81 31.96 24.42
C HIS C 260 7.14 30.50 23.99
N LEU C 261 6.26 29.55 24.33
CA LEU C 261 6.44 28.16 23.99
C LEU C 261 6.34 27.87 22.52
N ALA C 262 5.48 28.60 21.81
CA ALA C 262 5.32 28.50 20.39
C ALA C 262 6.63 29.00 19.72
N ALA C 263 7.18 30.12 20.18
CA ALA C 263 8.47 30.66 19.71
C ALA C 263 9.68 29.74 20.04
N TYR C 264 9.74 29.16 21.24
CA TYR C 264 10.85 28.28 21.63
C TYR C 264 10.83 26.94 20.83
N SER C 265 9.65 26.36 20.66
CA SER C 265 9.48 25.08 19.96
C SER C 265 9.68 25.16 18.44
N GLY C 266 9.59 26.36 17.89
CA GLY C 266 9.82 26.60 16.48
C GLY C 266 8.63 26.24 15.64
N HIS C 267 7.43 26.55 16.14
CA HIS C 267 6.19 26.24 15.43
C HIS C 267 5.59 27.52 14.85
N LEU C 268 5.82 27.75 13.57
CA LEU C 268 5.43 28.95 12.85
C LEU C 268 3.93 29.22 12.83
N GLU C 269 3.15 28.25 12.36
CA GLU C 269 1.69 28.31 12.19
C GLU C 269 1.03 28.71 13.52
N ILE C 270 1.41 28.04 14.64
CA ILE C 270 0.85 28.31 15.97
C ILE C 270 1.12 29.76 16.38
N VAL C 271 2.35 30.29 16.16
CA VAL C 271 2.68 31.69 16.45
C VAL C 271 1.70 32.63 15.71
N GLU C 272 1.53 32.42 14.39
CA GLU C 272 0.63 33.21 13.57
C GLU C 272 -0.79 33.28 14.13
N VAL C 273 -1.32 32.14 14.56
CA VAL C 273 -2.69 32.05 15.10
C VAL C 273 -2.81 32.71 16.47
N LEU C 274 -1.81 32.46 17.36
CA LEU C 274 -1.78 32.99 18.72
C LEU C 274 -1.77 34.50 18.72
N LEU C 275 -0.97 35.12 17.84
CA LEU C 275 -0.92 36.57 17.71
C LEU C 275 -2.22 37.08 17.15
N LYS C 276 -2.74 36.40 16.10
CA LYS C 276 -4.03 36.76 15.49
C LYS C 276 -5.24 36.58 16.42
N HIS C 277 -4.99 36.15 17.67
CA HIS C 277 -6.00 35.94 18.71
C HIS C 277 -5.73 36.73 20.00
N GLY C 278 -4.71 37.59 20.03
CA GLY C 278 -4.44 38.41 21.20
C GLY C 278 -3.11 38.26 21.92
N ALA C 279 -2.27 37.28 21.56
CA ALA C 279 -0.98 37.10 22.24
C ALA C 279 -0.10 38.35 22.19
N ASP C 280 0.42 38.74 23.36
CA ASP C 280 1.27 39.91 23.50
C ASP C 280 2.69 39.53 23.06
N VAL C 281 3.17 40.09 21.92
CA VAL C 281 4.54 39.83 21.42
C VAL C 281 5.67 40.23 22.39
N ASP C 282 5.31 41.02 23.40
CA ASP C 282 6.26 41.51 24.37
C ASP C 282 5.97 41.02 25.78
N ALA C 283 5.43 39.80 25.89
CA ALA C 283 5.15 39.20 27.19
C ALA C 283 6.49 38.82 27.76
N SER C 284 6.74 39.24 28.99
CA SER C 284 8.03 39.00 29.61
C SER C 284 7.94 37.97 30.71
N ASP C 285 8.76 36.91 30.63
CA ASP C 285 8.76 35.89 31.66
C ASP C 285 9.61 36.35 32.88
N VAL C 286 9.86 35.47 33.88
CA VAL C 286 10.61 35.86 35.07
C VAL C 286 11.98 36.43 34.77
N PHE C 287 12.65 35.93 33.73
CA PHE C 287 13.99 36.44 33.42
C PHE C 287 14.01 37.54 32.37
N GLY C 288 12.89 38.24 32.17
CA GLY C 288 12.79 39.32 31.20
C GLY C 288 12.71 38.89 29.74
N TYR C 289 12.53 37.59 29.51
CA TYR C 289 12.49 36.99 28.19
C TYR C 289 11.18 37.14 27.47
N THR C 290 11.23 37.84 26.35
CA THR C 290 10.08 37.96 25.48
C THR C 290 10.11 36.82 24.46
N PRO C 291 8.99 36.52 23.76
CA PRO C 291 9.02 35.48 22.72
C PRO C 291 10.13 35.72 21.67
N LEU C 292 10.44 37.01 21.35
CA LEU C 292 11.48 37.40 20.41
C LEU C 292 12.88 36.98 20.91
N HIS C 293 13.12 37.05 22.21
CA HIS C 293 14.38 36.61 22.79
C HIS C 293 14.50 35.09 22.57
N LEU C 294 13.43 34.33 22.89
CA LEU C 294 13.38 32.87 22.76
C LEU C 294 13.53 32.40 21.32
N ALA C 295 13.03 33.21 20.37
CA ALA C 295 13.11 32.89 18.96
C ALA C 295 14.59 32.95 18.55
N ALA C 296 15.27 34.05 18.93
CA ALA C 296 16.69 34.31 18.66
C ALA C 296 17.64 33.32 19.34
N TYR C 297 17.37 32.94 20.58
CA TYR C 297 18.24 32.01 21.31
C TYR C 297 18.17 30.61 20.71
N TRP C 298 16.96 30.17 20.33
CA TRP C 298 16.76 28.83 19.78
C TRP C 298 17.00 28.73 18.27
N GLY C 299 17.14 29.87 17.61
CA GLY C 299 17.50 29.93 16.21
C GLY C 299 16.32 29.64 15.32
N HIS C 300 15.16 30.21 15.69
CA HIS C 300 13.97 30.03 14.89
C HIS C 300 13.83 31.24 13.98
N LEU C 301 14.73 31.26 12.99
CA LEU C 301 14.91 32.22 11.93
C LEU C 301 13.60 32.82 11.42
N GLU C 302 12.61 31.98 11.12
CA GLU C 302 11.33 32.41 10.54
C GLU C 302 10.41 33.09 11.53
N ILE C 303 10.44 32.60 12.79
CA ILE C 303 9.65 33.14 13.90
C ILE C 303 10.09 34.54 14.28
N VAL C 304 11.41 34.80 14.42
CA VAL C 304 11.99 36.12 14.74
C VAL C 304 11.44 37.19 13.78
N GLU C 305 11.38 36.82 12.49
CA GLU C 305 10.87 37.69 11.44
C GLU C 305 9.39 38.01 11.71
N VAL C 306 8.50 36.99 11.73
CA VAL C 306 7.08 37.18 11.98
C VAL C 306 6.76 37.92 13.30
N LEU C 307 7.54 37.64 14.37
CA LEU C 307 7.41 38.27 15.69
C LEU C 307 7.57 39.79 15.58
N LEU C 308 8.67 40.26 14.97
CA LEU C 308 8.92 41.69 14.81
C LEU C 308 7.86 42.40 13.96
N LYS C 309 7.25 41.66 13.02
CA LYS C 309 6.19 42.16 12.14
C LYS C 309 4.82 42.36 12.87
N ASN C 310 4.80 42.12 14.21
CA ASN C 310 3.62 42.26 15.07
C ASN C 310 3.81 43.22 16.27
N GLY C 311 4.96 43.89 16.35
CA GLY C 311 5.25 44.85 17.41
C GLY C 311 6.34 44.49 18.39
N ALA C 312 7.03 43.35 18.18
CA ALA C 312 8.09 42.89 19.08
C ALA C 312 9.20 43.90 19.19
N ASP C 313 9.39 44.44 20.39
CA ASP C 313 10.42 45.42 20.76
C ASP C 313 11.79 44.79 20.49
N VAL C 314 12.40 45.11 19.33
CA VAL C 314 13.72 44.55 18.96
C VAL C 314 14.87 45.01 19.89
N ASN C 315 14.63 46.08 20.66
CA ASN C 315 15.60 46.62 21.62
C ASN C 315 15.19 46.28 23.06
N ALA C 316 14.53 45.11 23.27
CA ALA C 316 14.10 44.65 24.59
C ALA C 316 15.18 43.79 25.22
N MET C 317 15.50 44.06 26.48
CA MET C 317 16.56 43.32 27.17
C MET C 317 16.05 42.41 28.28
N ASP C 318 16.66 41.23 28.42
CA ASP C 318 16.30 40.30 29.48
C ASP C 318 16.79 40.80 30.86
N SER C 319 16.75 39.95 31.89
CA SER C 319 17.19 40.35 33.23
C SER C 319 18.67 40.70 33.27
N ASP C 320 19.47 40.17 32.33
CA ASP C 320 20.90 40.47 32.28
C ASP C 320 21.26 41.48 31.20
N GLY C 321 20.29 42.25 30.70
CA GLY C 321 20.50 43.30 29.71
C GLY C 321 20.79 42.84 28.28
N MET C 322 20.49 41.58 27.97
CA MET C 322 20.76 41.03 26.66
C MET C 322 19.61 41.11 25.69
N THR C 323 19.84 41.79 24.59
CA THR C 323 18.88 41.90 23.52
C THR C 323 18.97 40.62 22.67
N PRO C 324 17.99 40.40 21.77
CA PRO C 324 18.07 39.19 20.91
C PRO C 324 19.41 39.05 20.12
N LEU C 325 20.07 40.20 19.85
CA LEU C 325 21.36 40.28 19.15
C LEU C 325 22.54 39.65 19.92
N HIS C 326 22.50 39.67 21.25
CA HIS C 326 23.57 39.11 22.05
C HIS C 326 23.47 37.58 22.06
N LEU C 327 22.22 37.03 22.16
CA LEU C 327 21.92 35.57 22.19
C LEU C 327 22.26 34.88 20.88
N ALA C 328 22.08 35.60 19.79
CA ALA C 328 22.36 35.07 18.48
C ALA C 328 23.89 34.86 18.32
N ALA C 329 24.66 35.89 18.72
CA ALA C 329 26.09 35.93 18.61
C ALA C 329 26.82 35.00 19.58
N LYS C 330 26.26 34.77 20.78
CA LYS C 330 26.87 33.83 21.74
C LYS C 330 26.75 32.37 21.25
N TRP C 331 25.63 32.03 20.58
CA TRP C 331 25.43 30.66 20.12
C TRP C 331 25.86 30.38 18.69
N GLY C 332 26.46 31.36 18.03
CA GLY C 332 27.03 31.19 16.70
C GLY C 332 26.09 30.99 15.53
N TYR C 333 24.78 31.27 15.69
CA TYR C 333 23.88 31.16 14.55
C TYR C 333 24.16 32.38 13.67
N LEU C 334 24.90 32.20 12.57
CA LEU C 334 25.29 33.31 11.71
C LEU C 334 24.08 33.99 11.05
N GLU C 335 23.29 33.21 10.33
CA GLU C 335 22.13 33.66 9.57
C GLU C 335 21.20 34.58 10.34
N ILE C 336 20.94 34.25 11.63
CA ILE C 336 20.09 35.01 12.53
C ILE C 336 20.66 36.42 12.85
N VAL C 337 21.96 36.56 13.17
CA VAL C 337 22.52 37.90 13.45
C VAL C 337 22.41 38.81 12.21
N GLU C 338 22.50 38.21 11.00
CA GLU C 338 22.42 38.95 9.75
C GLU C 338 21.01 39.50 9.56
N VAL C 339 20.02 38.66 9.84
CA VAL C 339 18.63 39.07 9.71
C VAL C 339 18.20 40.08 10.79
N LEU C 340 18.44 39.75 12.06
CA LEU C 340 18.10 40.59 13.21
C LEU C 340 18.60 42.02 13.13
N LEU C 341 19.90 42.21 12.83
CA LEU C 341 20.50 43.54 12.75
C LEU C 341 19.89 44.38 11.62
N LYS C 342 19.43 43.71 10.55
CA LYS C 342 18.75 44.36 9.43
C LYS C 342 17.50 45.13 9.92
N HIS C 343 16.86 44.65 11.01
CA HIS C 343 15.68 45.31 11.57
C HIS C 343 16.00 46.26 12.74
N GLY C 344 16.86 47.24 12.49
CA GLY C 344 17.25 48.29 13.43
C GLY C 344 17.59 47.96 14.87
N ALA C 345 18.43 46.92 15.09
CA ALA C 345 18.87 46.57 16.45
C ALA C 345 20.14 47.37 16.82
N ASP C 346 20.45 47.50 18.12
CA ASP C 346 21.63 48.25 18.55
C ASP C 346 22.83 47.34 18.74
N VAL C 347 24.01 47.71 18.18
CA VAL C 347 25.20 46.90 18.36
C VAL C 347 25.89 47.29 19.64
N ASN C 348 26.07 48.60 19.88
CA ASN C 348 26.75 49.06 21.11
C ASN C 348 25.87 48.88 22.38
N ALA C 349 24.74 48.13 22.28
CA ALA C 349 23.85 47.82 23.39
C ALA C 349 24.63 46.99 24.39
N GLN C 350 24.46 47.27 25.69
CA GLN C 350 25.24 46.58 26.70
C GLN C 350 24.47 45.78 27.72
N ASP C 351 25.02 44.62 28.06
CA ASP C 351 24.44 43.74 29.05
C ASP C 351 24.98 44.06 30.47
N LYS C 352 24.80 43.14 31.46
CA LYS C 352 25.31 43.32 32.82
C LYS C 352 26.85 43.36 32.91
N PHE C 353 27.53 43.33 31.76
CA PHE C 353 29.00 43.37 31.68
C PHE C 353 29.51 44.39 30.67
N GLY C 354 28.64 45.25 30.14
CA GLY C 354 29.03 46.23 29.13
C GLY C 354 29.36 45.61 27.78
N LYS C 355 29.02 44.31 27.59
CA LYS C 355 29.30 43.57 26.37
C LYS C 355 28.28 43.82 25.29
N THR C 356 28.76 43.69 24.08
CA THR C 356 28.02 43.85 22.84
C THR C 356 28.10 42.50 22.08
N PRO C 357 27.30 42.32 21.03
CA PRO C 357 27.38 41.06 20.26
C PRO C 357 28.81 40.58 19.89
N PHE C 358 29.71 41.50 19.50
CA PHE C 358 31.07 41.17 19.13
C PHE C 358 31.89 40.61 20.29
N ASP C 359 31.62 41.08 21.52
CA ASP C 359 32.33 40.59 22.70
C ASP C 359 32.00 39.12 22.94
N LEU C 360 30.71 38.76 22.79
CA LEU C 360 30.20 37.39 22.95
C LEU C 360 30.49 36.47 21.75
N ALA C 361 31.08 37.01 20.68
CA ALA C 361 31.49 36.28 19.51
C ALA C 361 32.93 35.79 19.73
N ILE C 362 33.79 36.61 20.34
CA ILE C 362 35.17 36.23 20.59
C ILE C 362 35.30 35.40 21.88
N ASP C 363 34.52 35.74 22.92
CA ASP C 363 34.53 34.99 24.16
C ASP C 363 34.01 33.56 24.00
N ASN C 364 33.23 33.29 22.91
CA ASN C 364 32.64 31.97 22.66
C ASN C 364 33.25 31.22 21.46
N GLY C 365 34.32 31.75 20.87
CA GLY C 365 35.02 31.08 19.77
C GLY C 365 34.60 31.39 18.35
N ASN C 366 33.31 31.76 18.14
CA ASN C 366 32.67 32.10 16.85
C ASN C 366 33.39 33.19 16.01
N GLU C 367 34.39 32.79 15.23
CA GLU C 367 35.22 33.70 14.45
C GLU C 367 34.47 34.29 13.23
N ASP C 368 33.42 33.61 12.72
CA ASP C 368 32.72 34.12 11.56
C ASP C 368 31.77 35.21 11.95
N ILE C 369 30.97 34.99 13.01
CA ILE C 369 30.00 35.92 13.56
C ILE C 369 30.68 37.26 13.86
N ALA C 370 31.81 37.24 14.58
CA ALA C 370 32.54 38.46 14.89
C ALA C 370 32.93 39.24 13.63
N GLU C 371 33.24 38.52 12.55
CA GLU C 371 33.65 39.18 11.31
C GLU C 371 32.46 39.81 10.60
N VAL C 372 31.33 39.09 10.53
CA VAL C 372 30.12 39.66 9.93
C VAL C 372 29.32 40.43 11.00
N LEU C 373 30.08 41.28 11.74
CA LEU C 373 29.67 42.19 12.80
C LEU C 373 30.58 43.41 12.67
N GLN C 374 31.91 43.21 12.59
CA GLN C 374 32.87 44.31 12.41
C GLN C 374 33.09 44.72 10.93
N LYS C 375 32.13 44.33 10.08
CA LYS C 375 32.00 44.54 8.65
C LYS C 375 30.55 45.01 8.46
N ALA C 376 29.57 44.30 9.10
CA ALA C 376 28.14 44.61 9.11
C ALA C 376 27.85 45.53 10.32
N ALA C 377 28.41 46.76 10.27
CA ALA C 377 28.28 47.82 11.27
C ALA C 377 28.20 49.19 10.51
N GLY D 3 -32.90 25.20 -7.39
CA GLY D 3 -33.93 24.20 -7.68
C GLY D 3 -33.40 22.96 -8.40
N SER D 4 -34.20 21.87 -8.45
CA SER D 4 -33.85 20.63 -9.16
C SER D 4 -35.08 19.72 -9.32
N GLY D 5 -35.56 19.67 -10.57
CA GLY D 5 -36.74 18.92 -10.99
C GLY D 5 -36.68 17.42 -10.77
N PHE D 6 -35.49 16.80 -10.89
CA PHE D 6 -35.32 15.37 -10.69
C PHE D 6 -35.61 14.99 -9.21
N LEU D 7 -34.97 15.70 -8.29
CA LEU D 7 -35.16 15.47 -6.86
C LEU D 7 -36.56 15.88 -6.42
N ALA D 8 -37.20 16.82 -7.13
CA ALA D 8 -38.55 17.23 -6.80
C ALA D 8 -39.52 16.04 -7.02
N ALA D 9 -39.46 15.38 -8.20
CA ALA D 9 -40.33 14.24 -8.47
C ALA D 9 -40.02 13.06 -7.55
N ALA D 10 -38.76 12.84 -7.25
CA ALA D 10 -38.34 11.68 -6.48
C ALA D 10 -38.78 11.73 -5.02
N LEU D 11 -38.62 12.88 -4.40
CA LEU D 11 -38.79 13.07 -2.98
C LEU D 11 -40.07 13.78 -2.55
N GLU D 12 -40.92 14.14 -3.50
CA GLU D 12 -42.20 14.83 -3.26
C GLU D 12 -43.15 14.18 -2.23
N ARG D 13 -43.09 12.86 -2.00
CA ARG D 13 -44.05 12.21 -1.09
C ARG D 13 -43.48 11.74 0.24
N ILE D 14 -42.23 12.14 0.61
CA ILE D 14 -41.65 11.66 1.86
C ILE D 14 -42.51 12.06 3.08
N GLU D 15 -42.69 13.38 3.32
CA GLU D 15 -43.56 13.83 4.41
C GLU D 15 -42.89 13.68 5.77
N LYS D 16 -41.65 14.26 5.86
CA LYS D 16 -40.73 14.50 6.98
C LYS D 16 -39.91 15.79 6.65
N ASN D 17 -39.25 16.42 7.65
CA ASN D 17 -38.42 17.60 7.37
C ASN D 17 -37.06 17.23 6.76
N PHE D 18 -36.69 17.87 5.67
CA PHE D 18 -35.42 17.64 5.02
C PHE D 18 -35.19 18.54 3.84
N VAL D 19 -33.91 18.77 3.56
CA VAL D 19 -33.40 19.52 2.44
C VAL D 19 -32.29 18.70 1.79
N ILE D 20 -32.06 18.92 0.50
CA ILE D 20 -30.94 18.34 -0.20
C ILE D 20 -30.12 19.57 -0.67
N THR D 21 -28.79 19.56 -0.50
CA THR D 21 -27.95 20.65 -0.94
C THR D 21 -26.94 20.21 -1.99
N ASP D 22 -26.58 21.10 -2.93
CA ASP D 22 -25.58 20.80 -3.95
C ASP D 22 -24.17 21.17 -3.47
N PRO D 23 -23.33 20.19 -3.09
CA PRO D 23 -21.97 20.54 -2.67
C PRO D 23 -21.07 21.07 -3.79
N ARG D 24 -21.52 21.06 -5.06
CA ARG D 24 -20.65 21.57 -6.09
C ARG D 24 -21.08 22.96 -6.63
N LEU D 25 -21.74 23.74 -5.79
CA LEU D 25 -22.15 25.09 -6.13
C LEU D 25 -21.68 25.96 -4.98
N PRO D 26 -21.34 27.24 -5.23
CA PRO D 26 -20.79 28.07 -4.14
C PRO D 26 -21.63 28.09 -2.86
N ASP D 27 -20.99 27.75 -1.75
CA ASP D 27 -21.59 27.71 -0.43
C ASP D 27 -22.68 26.67 -0.27
N ASN D 28 -22.49 25.50 -0.90
CA ASN D 28 -23.39 24.33 -0.75
C ASN D 28 -24.89 24.66 -0.59
N PRO D 29 -25.50 25.27 -1.60
CA PRO D 29 -26.90 25.70 -1.46
C PRO D 29 -27.92 24.61 -1.44
N ILE D 30 -29.12 24.90 -0.90
CA ILE D 30 -30.29 24.03 -0.85
C ILE D 30 -30.86 23.97 -2.26
N ILE D 31 -31.18 22.77 -2.77
CA ILE D 31 -31.75 22.62 -4.11
C ILE D 31 -33.11 21.91 -4.11
N PHE D 32 -33.54 21.42 -2.96
CA PHE D 32 -34.80 20.76 -2.73
C PHE D 32 -35.09 20.83 -1.25
N ALA D 33 -36.28 21.33 -0.87
CA ALA D 33 -36.69 21.36 0.54
C ALA D 33 -38.07 20.78 0.61
N SER D 34 -38.28 19.82 1.49
CA SER D 34 -39.58 19.20 1.65
C SER D 34 -40.64 20.20 2.10
N ASP D 35 -41.91 19.89 1.84
CA ASP D 35 -43.01 20.74 2.26
C ASP D 35 -43.08 20.77 3.78
N SER D 36 -42.82 19.63 4.44
CA SER D 36 -42.80 19.56 5.90
C SER D 36 -41.73 20.48 6.48
N PHE D 37 -40.59 20.67 5.78
CA PHE D 37 -39.51 21.58 6.19
C PHE D 37 -40.04 23.02 6.11
N LEU D 38 -40.68 23.37 5.00
CA LEU D 38 -41.27 24.70 4.83
C LEU D 38 -42.41 24.94 5.82
N GLN D 39 -43.11 23.88 6.25
CA GLN D 39 -44.17 23.99 7.25
C GLN D 39 -43.53 24.43 8.58
N LEU D 40 -42.42 23.78 8.96
CA LEU D 40 -41.69 24.02 10.19
C LEU D 40 -40.92 25.34 10.21
N THR D 41 -40.17 25.63 9.15
CA THR D 41 -39.31 26.81 9.14
C THR D 41 -40.06 28.09 8.86
N GLU D 42 -41.22 28.01 8.19
CA GLU D 42 -42.07 29.17 7.85
C GLU D 42 -41.69 29.84 6.53
N TYR D 43 -40.50 29.55 5.97
CA TYR D 43 -40.11 30.19 4.70
C TYR D 43 -40.73 29.49 3.51
N SER D 44 -40.87 30.20 2.40
CA SER D 44 -41.42 29.67 1.15
C SER D 44 -40.30 28.90 0.39
N ARG D 45 -40.65 28.12 -0.67
CA ARG D 45 -39.63 27.43 -1.48
C ARG D 45 -38.65 28.44 -2.06
N GLU D 46 -39.16 29.55 -2.57
CA GLU D 46 -38.36 30.62 -3.15
C GLU D 46 -37.58 31.43 -2.12
N GLU D 47 -37.92 31.34 -0.83
CA GLU D 47 -37.20 32.05 0.22
C GLU D 47 -36.03 31.26 0.79
N ILE D 48 -35.84 29.99 0.38
CA ILE D 48 -34.77 29.15 0.89
C ILE D 48 -33.89 28.55 -0.20
N LEU D 49 -34.46 28.32 -1.40
CA LEU D 49 -33.78 27.69 -2.53
C LEU D 49 -32.61 28.50 -3.00
N GLY D 50 -31.47 27.86 -3.13
CA GLY D 50 -30.26 28.53 -3.55
C GLY D 50 -29.50 29.19 -2.40
N ARG D 51 -29.85 28.84 -1.14
CA ARG D 51 -29.22 29.36 0.06
C ARG D 51 -28.63 28.27 0.95
N ASN D 52 -27.53 28.58 1.63
CA ASN D 52 -26.93 27.67 2.60
C ASN D 52 -27.88 27.63 3.81
N ALA D 53 -28.15 26.42 4.38
CA ALA D 53 -29.13 26.30 5.47
C ALA D 53 -28.70 26.89 6.79
N ARG D 54 -27.64 27.72 6.80
CA ARG D 54 -27.22 28.35 8.06
C ARG D 54 -28.17 29.46 8.50
N PHE D 55 -29.09 29.92 7.62
CA PHE D 55 -30.10 30.94 7.96
C PHE D 55 -30.98 30.53 9.13
N LEU D 56 -31.12 29.22 9.38
CA LEU D 56 -31.91 28.77 10.50
C LEU D 56 -31.22 29.04 11.83
N GLN D 57 -29.96 29.50 11.85
CA GLN D 57 -29.22 29.76 13.08
C GLN D 57 -29.54 31.16 13.70
N GLY D 58 -29.06 31.37 14.93
CA GLY D 58 -29.25 32.61 15.66
C GLY D 58 -28.44 32.74 16.95
N PRO D 59 -28.82 33.71 17.79
CA PRO D 59 -28.03 33.98 18.99
C PRO D 59 -27.92 32.87 20.04
N GLU D 60 -28.93 31.98 20.12
CA GLU D 60 -28.86 30.91 21.13
C GLU D 60 -28.25 29.61 20.60
N THR D 61 -27.66 29.61 19.37
CA THR D 61 -27.11 28.42 18.74
C THR D 61 -25.67 28.08 19.19
N ASP D 62 -25.45 26.86 19.71
CA ASP D 62 -24.11 26.47 20.17
C ASP D 62 -23.15 26.42 18.99
N ARG D 63 -22.30 27.44 18.81
CA ARG D 63 -21.36 27.46 17.69
C ARG D 63 -20.41 26.24 17.67
N ALA D 64 -20.16 25.59 18.82
CA ALA D 64 -19.32 24.38 18.84
C ALA D 64 -20.03 23.24 18.14
N THR D 65 -21.38 23.17 18.25
CA THR D 65 -22.20 22.17 17.54
C THR D 65 -22.21 22.46 16.03
N VAL D 66 -22.34 23.74 15.66
CA VAL D 66 -22.28 24.18 14.27
C VAL D 66 -20.93 23.75 13.61
N ARG D 67 -19.85 23.69 14.43
CA ARG D 67 -18.54 23.23 13.99
C ARG D 67 -18.56 21.74 13.73
N LYS D 68 -19.34 20.97 14.50
CA LYS D 68 -19.46 19.53 14.28
C LYS D 68 -20.02 19.24 12.85
N ILE D 69 -20.92 20.10 12.37
CA ILE D 69 -21.53 19.96 11.06
C ILE D 69 -20.55 20.40 10.01
N ARG D 70 -19.83 21.51 10.20
CA ARG D 70 -18.82 21.97 9.23
C ARG D 70 -17.71 20.91 9.06
N ASP D 71 -17.32 20.27 10.17
CA ASP D 71 -16.31 19.22 10.14
C ASP D 71 -16.77 18.06 9.27
N ALA D 72 -18.02 17.57 9.51
CA ALA D 72 -18.65 16.44 8.83
C ALA D 72 -18.78 16.69 7.37
N ILE D 73 -19.16 17.92 6.95
CA ILE D 73 -19.34 18.22 5.55
C ILE D 73 -18.03 18.17 4.86
N ASP D 74 -17.02 18.87 5.39
CA ASP D 74 -15.64 18.89 4.89
C ASP D 74 -15.01 17.50 4.83
N ASN D 75 -15.17 16.68 5.87
CA ASN D 75 -14.70 15.29 5.86
C ASN D 75 -15.57 14.38 5.01
N GLN D 76 -16.73 14.86 4.55
CA GLN D 76 -17.71 14.10 3.81
C GLN D 76 -18.21 12.89 4.57
N THR D 77 -18.56 13.06 5.84
CA THR D 77 -19.12 11.96 6.65
C THR D 77 -20.51 12.37 7.18
N GLU D 78 -21.22 11.44 7.85
CA GLU D 78 -22.48 11.78 8.46
C GLU D 78 -22.29 12.35 9.85
N VAL D 79 -23.33 12.96 10.40
CA VAL D 79 -23.28 13.53 11.74
C VAL D 79 -24.69 13.70 12.28
N THR D 80 -24.88 13.49 13.58
CA THR D 80 -26.20 13.63 14.19
C THR D 80 -26.03 14.56 15.39
N VAL D 81 -26.52 15.80 15.28
CA VAL D 81 -26.30 16.78 16.34
C VAL D 81 -27.61 17.37 16.88
N GLN D 82 -27.56 18.08 18.01
CA GLN D 82 -28.75 18.71 18.59
C GLN D 82 -28.43 20.17 18.82
N LEU D 83 -29.10 21.03 18.07
CA LEU D 83 -28.82 22.46 18.17
C LEU D 83 -30.08 23.28 18.12
N ILE D 84 -30.03 24.50 18.68
CA ILE D 84 -31.23 25.35 18.65
C ILE D 84 -31.34 25.99 17.26
N ASN D 85 -32.55 26.15 16.77
CA ASN D 85 -32.79 26.76 15.47
C ASN D 85 -33.88 27.83 15.55
N TYR D 86 -34.09 28.57 14.47
CA TYR D 86 -35.07 29.64 14.45
C TYR D 86 -35.90 29.58 13.23
N THR D 87 -37.20 29.84 13.37
CA THR D 87 -38.11 29.88 12.23
C THR D 87 -37.92 31.26 11.51
N LYS D 88 -38.78 31.61 10.52
CA LYS D 88 -38.68 32.88 9.81
C LYS D 88 -38.93 34.05 10.76
N SER D 89 -39.93 33.90 11.64
CA SER D 89 -40.35 34.91 12.59
C SER D 89 -39.37 35.15 13.75
N GLY D 90 -38.54 34.17 14.03
CA GLY D 90 -37.63 34.25 15.17
C GLY D 90 -38.01 33.31 16.31
N LYS D 91 -39.07 32.49 16.10
CA LYS D 91 -39.53 31.48 17.06
C LYS D 91 -38.43 30.43 17.20
N LYS D 92 -37.95 30.22 18.42
CA LYS D 92 -36.90 29.24 18.70
C LYS D 92 -37.50 27.85 18.74
N PHE D 93 -36.71 26.86 18.29
CA PHE D 93 -37.08 25.45 18.34
C PHE D 93 -35.84 24.58 18.36
N TRP D 94 -35.92 23.47 19.07
CA TRP D 94 -34.80 22.54 19.10
C TRP D 94 -34.80 21.72 17.82
N ASN D 95 -33.59 21.43 17.33
CA ASN D 95 -33.43 20.67 16.12
C ASN D 95 -32.45 19.53 16.39
N LEU D 96 -32.90 18.28 16.18
CA LEU D 96 -32.06 17.09 16.25
C LEU D 96 -31.85 16.85 14.78
N PHE D 97 -30.69 17.29 14.30
CA PHE D 97 -30.31 17.32 12.89
C PHE D 97 -29.43 16.17 12.47
N HIS D 98 -29.69 15.61 11.27
CA HIS D 98 -28.89 14.50 10.77
C HIS D 98 -28.29 14.71 9.37
N LEU D 99 -26.97 14.93 9.23
CA LEU D 99 -26.36 15.08 7.90
C LEU D 99 -25.97 13.72 7.36
N GLN D 100 -26.31 13.42 6.11
CA GLN D 100 -25.94 12.16 5.50
C GLN D 100 -25.58 12.44 4.04
N PRO D 101 -24.33 12.14 3.59
CA PRO D 101 -23.97 12.36 2.19
C PRO D 101 -24.64 11.31 1.28
N MET D 102 -25.13 11.72 0.11
CA MET D 102 -25.73 10.82 -0.87
C MET D 102 -24.62 10.45 -1.78
N ARG D 103 -24.16 9.21 -1.76
CA ARG D 103 -23.00 8.82 -2.59
C ARG D 103 -23.43 8.03 -3.86
N ASP D 104 -22.59 8.02 -4.88
CA ASP D 104 -22.86 7.29 -6.11
C ASP D 104 -22.40 5.82 -6.01
N GLN D 105 -22.33 5.09 -7.16
CA GLN D 105 -21.88 3.72 -7.13
C GLN D 105 -20.39 3.59 -6.73
N LYS D 106 -19.48 4.45 -7.23
CA LYS D 106 -18.07 4.32 -6.84
C LYS D 106 -17.70 5.03 -5.53
N GLY D 107 -18.71 5.38 -4.72
CA GLY D 107 -18.52 5.94 -3.38
C GLY D 107 -18.43 7.43 -3.21
N ASP D 108 -18.39 8.18 -4.32
CA ASP D 108 -18.24 9.62 -4.25
C ASP D 108 -19.49 10.39 -3.90
N VAL D 109 -19.36 11.44 -3.11
CA VAL D 109 -20.48 12.31 -2.69
C VAL D 109 -21.09 12.99 -3.91
N GLN D 110 -22.44 13.07 -3.97
CA GLN D 110 -23.14 13.72 -5.06
C GLN D 110 -23.91 14.92 -4.56
N TYR D 111 -24.62 14.68 -3.47
CA TYR D 111 -25.43 15.67 -2.83
C TYR D 111 -25.33 15.41 -1.32
N PHE D 112 -25.81 16.34 -0.49
CA PHE D 112 -25.89 16.12 0.94
C PHE D 112 -27.39 16.06 1.36
N ILE D 113 -27.79 15.10 2.22
CA ILE D 113 -29.15 15.00 2.73
C ILE D 113 -29.16 15.49 4.19
N GLY D 114 -30.11 16.34 4.56
CA GLY D 114 -30.16 16.90 5.91
C GLY D 114 -31.56 16.85 6.47
N VAL D 115 -31.76 16.03 7.48
CA VAL D 115 -33.06 15.82 8.09
C VAL D 115 -33.17 16.61 9.41
N GLN D 116 -34.33 17.22 9.68
CA GLN D 116 -34.55 17.95 10.93
C GLN D 116 -35.68 17.26 11.71
N LEU D 117 -35.42 16.89 12.98
CA LEU D 117 -36.47 16.36 13.83
C LEU D 117 -36.65 17.47 14.84
N ASP D 118 -37.70 18.27 14.63
CA ASP D 118 -37.96 19.41 15.48
C ASP D 118 -38.49 18.98 16.86
N GLY D 119 -38.05 19.69 17.89
CA GLY D 119 -38.47 19.39 19.25
C GLY D 119 -38.82 20.61 20.06
N THR D 120 -39.68 20.41 21.05
CA THR D 120 -40.08 21.49 21.96
C THR D 120 -38.87 21.85 22.88
N GLU D 121 -37.97 20.88 23.13
CA GLU D 121 -36.77 21.01 23.95
C GLU D 121 -35.70 20.01 23.48
N HIS D 122 -34.48 20.12 24.03
CA HIS D 122 -33.37 19.22 23.78
C HIS D 122 -33.74 17.83 24.40
N VAL D 123 -33.33 16.73 23.77
CA VAL D 123 -33.65 15.39 24.28
C VAL D 123 -32.42 14.60 24.71
N ARG D 124 -32.60 13.59 25.57
CA ARG D 124 -31.49 12.78 26.07
C ARG D 124 -31.92 11.35 26.41
N ASP D 125 -30.94 10.46 26.68
CA ASP D 125 -31.15 9.06 27.05
C ASP D 125 -31.96 8.29 25.97
N ALA D 126 -32.76 7.27 26.33
CA ALA D 126 -33.52 6.48 25.37
C ALA D 126 -34.37 7.30 24.41
N ALA D 127 -34.86 8.46 24.85
CA ALA D 127 -35.68 9.33 24.00
C ALA D 127 -34.84 9.87 22.86
N GLU D 128 -33.58 10.24 23.14
CA GLU D 128 -32.67 10.74 22.14
C GLU D 128 -32.23 9.58 21.26
N ARG D 129 -31.87 8.42 21.86
CA ARG D 129 -31.47 7.23 21.09
C ARG D 129 -32.53 6.73 20.12
N GLU D 130 -33.83 6.81 20.48
CA GLU D 130 -34.93 6.40 19.61
C GLU D 130 -35.10 7.40 18.47
N ALA D 131 -34.99 8.69 18.78
CA ALA D 131 -35.10 9.74 17.78
C ALA D 131 -33.96 9.64 16.79
N VAL D 132 -32.73 9.38 17.25
CA VAL D 132 -31.57 9.23 16.37
C VAL D 132 -31.80 8.11 15.33
N MET D 133 -32.35 6.96 15.77
CA MET D 133 -32.63 5.84 14.87
C MET D 133 -33.74 6.19 13.88
N LEU D 134 -34.68 7.07 14.26
CA LEU D 134 -35.76 7.48 13.36
C LEU D 134 -35.27 8.47 12.30
N ILE D 135 -34.44 9.49 12.65
CA ILE D 135 -33.89 10.39 11.62
C ILE D 135 -33.02 9.63 10.65
N LYS D 136 -32.25 8.64 11.11
CA LYS D 136 -31.38 7.87 10.22
C LYS D 136 -32.19 7.08 9.20
N LYS D 137 -33.33 6.53 9.64
CA LYS D 137 -34.29 5.79 8.83
C LYS D 137 -34.81 6.71 7.72
N THR D 138 -35.09 7.98 8.06
CA THR D 138 -35.58 8.95 7.09
C THR D 138 -34.53 9.23 6.04
N ALA D 139 -33.24 9.40 6.42
CA ALA D 139 -32.19 9.68 5.43
C ALA D 139 -31.95 8.44 4.54
N ALA D 140 -32.00 7.22 5.15
CA ALA D 140 -31.88 5.96 4.39
C ALA D 140 -32.91 5.88 3.28
N GLU D 141 -34.16 6.36 3.57
CA GLU D 141 -35.35 6.43 2.73
C GLU D 141 -35.23 7.47 1.64
N ILE D 142 -34.68 8.65 1.98
CA ILE D 142 -34.50 9.71 1.01
C ILE D 142 -33.42 9.27 0.03
N ASP D 143 -32.32 8.63 0.48
CA ASP D 143 -31.30 8.12 -0.46
C ASP D 143 -31.91 7.10 -1.42
N ALA D 144 -32.61 6.12 -0.86
CA ALA D 144 -33.25 5.02 -1.52
C ALA D 144 -34.26 5.50 -2.52
N ALA D 145 -35.08 6.51 -2.18
CA ALA D 145 -36.04 7.05 -3.15
C ALA D 145 -35.30 7.60 -4.38
N ALA D 146 -34.36 8.56 -4.21
CA ALA D 146 -33.48 9.14 -5.23
C ALA D 146 -32.80 8.08 -6.13
N LYS D 147 -32.15 7.06 -5.56
CA LYS D 147 -31.53 5.99 -6.32
C LYS D 147 -32.58 5.19 -7.21
N LEU D 148 -33.78 4.92 -6.67
CA LEU D 148 -34.86 4.23 -7.40
C LEU D 148 -35.41 5.09 -8.53
N ALA D 149 -35.53 6.40 -8.29
CA ALA D 149 -36.00 7.36 -9.26
C ALA D 149 -34.98 7.58 -10.38
N ALA D 150 -33.69 7.39 -10.13
CA ALA D 150 -32.66 7.52 -11.15
C ALA D 150 -32.72 6.30 -12.08
N LEU D 151 -33.02 5.11 -11.55
CA LEU D 151 -33.14 3.90 -12.34
C LEU D 151 -34.42 3.99 -13.19
N LYS D 152 -35.53 4.52 -12.61
CA LYS D 152 -36.76 4.73 -13.38
C LYS D 152 -36.49 5.65 -14.56
N ALA D 153 -35.80 6.76 -14.33
CA ALA D 153 -35.41 7.71 -15.37
C ALA D 153 -34.53 7.09 -16.46
N ALA D 154 -33.57 6.23 -16.11
CA ALA D 154 -32.68 5.55 -17.06
C ALA D 154 -33.46 4.61 -17.98
N ILE D 155 -34.46 3.92 -17.41
CA ILE D 155 -35.35 2.97 -18.11
C ILE D 155 -36.25 3.76 -19.05
N GLU D 156 -36.84 4.86 -18.58
CA GLU D 156 -37.66 5.71 -19.44
C GLU D 156 -36.85 6.28 -20.56
N ALA D 157 -35.60 6.67 -20.31
CA ALA D 157 -34.72 7.22 -21.33
C ALA D 157 -34.32 6.15 -22.35
N ILE D 158 -33.99 4.95 -21.88
CA ILE D 158 -33.60 3.85 -22.76
C ILE D 158 -34.77 3.31 -23.54
N ILE D 159 -35.99 3.37 -22.98
CA ILE D 159 -37.19 2.96 -23.71
C ILE D 159 -37.41 3.95 -24.83
N LYS D 160 -37.29 5.26 -24.54
CA LYS D 160 -37.43 6.35 -25.51
C LYS D 160 -36.43 6.14 -26.68
N ARG D 161 -35.18 5.75 -26.36
CA ARG D 161 -34.12 5.48 -27.34
C ARG D 161 -34.43 4.22 -28.16
N ILE D 162 -35.08 3.21 -27.54
CA ILE D 162 -35.49 1.97 -28.21
C ILE D 162 -36.52 2.29 -29.29
N GLU D 163 -37.53 3.11 -28.99
CA GLU D 163 -38.55 3.47 -29.99
C GLU D 163 -37.92 4.20 -31.13
N GLU D 164 -37.00 5.13 -30.86
CA GLU D 164 -36.32 5.88 -31.91
C GLU D 164 -35.47 4.98 -32.80
N ALA D 165 -34.75 4.02 -32.20
CA ALA D 165 -33.94 3.08 -32.96
C ALA D 165 -34.78 2.11 -33.78
N GLU D 166 -35.96 1.69 -33.26
CA GLU D 166 -36.88 0.81 -33.99
C GLU D 166 -37.49 1.59 -35.17
N LYS D 167 -37.86 2.85 -34.94
CA LYS D 167 -38.42 3.71 -35.98
C LYS D 167 -37.35 4.16 -37.01
N ASN D 168 -36.18 3.49 -37.03
CA ASN D 168 -35.07 3.77 -37.94
C ASN D 168 -34.59 2.52 -38.70
N GLY D 169 -35.08 1.35 -38.33
CA GLY D 169 -34.66 0.11 -38.98
C GLY D 169 -33.35 -0.47 -38.45
N ASP D 170 -32.70 0.20 -37.47
CA ASP D 170 -31.45 -0.30 -36.92
C ASP D 170 -31.74 -1.39 -35.89
N GLU D 171 -32.15 -2.56 -36.38
CA GLU D 171 -32.47 -3.71 -35.53
C GLU D 171 -31.33 -4.13 -34.61
N ASP D 172 -30.10 -3.87 -35.02
CA ASP D 172 -28.91 -4.24 -34.26
C ASP D 172 -28.78 -3.39 -32.97
N LYS D 173 -28.89 -2.05 -33.11
CA LYS D 173 -28.80 -1.14 -31.95
C LYS D 173 -29.94 -1.31 -30.96
N VAL D 174 -31.09 -1.84 -31.40
CA VAL D 174 -32.21 -2.12 -30.52
C VAL D 174 -31.90 -3.29 -29.57
N LYS D 175 -31.04 -4.23 -29.98
CA LYS D 175 -30.62 -5.33 -29.10
C LYS D 175 -29.60 -4.82 -28.08
N GLU D 176 -28.72 -3.86 -28.49
CA GLU D 176 -27.74 -3.24 -27.59
C GLU D 176 -28.51 -2.53 -26.45
N LEU D 177 -29.55 -1.77 -26.83
CA LEU D 177 -30.39 -1.04 -25.90
C LEU D 177 -31.26 -1.93 -24.99
N ARG D 178 -31.71 -3.08 -25.50
CA ARG D 178 -32.52 -4.01 -24.71
C ARG D 178 -31.68 -4.73 -23.67
N GLU D 179 -30.37 -4.91 -23.91
CA GLU D 179 -29.48 -5.50 -22.90
C GLU D 179 -29.38 -4.52 -21.74
N LYS D 180 -29.17 -3.23 -22.04
CA LYS D 180 -29.06 -2.21 -21.02
C LYS D 180 -30.36 -2.11 -20.20
N LEU D 181 -31.52 -2.08 -20.88
CA LEU D 181 -32.84 -1.94 -20.25
C LEU D 181 -33.17 -3.05 -19.25
N ASP D 182 -33.00 -4.30 -19.67
CA ASP D 182 -33.30 -5.41 -18.78
C ASP D 182 -32.29 -5.47 -17.65
N LYS D 183 -31.02 -5.05 -17.85
CA LYS D 183 -30.03 -5.00 -16.76
C LYS D 183 -30.38 -3.91 -15.74
N LEU D 184 -30.95 -2.80 -16.20
CA LEU D 184 -31.48 -1.71 -15.39
C LEU D 184 -32.71 -2.24 -14.60
N ARG D 185 -33.57 -3.07 -15.25
CA ARG D 185 -34.76 -3.69 -14.67
C ARG D 185 -34.44 -4.71 -13.59
N ARG D 186 -33.35 -5.49 -13.76
CA ARG D 186 -32.93 -6.44 -12.73
C ARG D 186 -32.47 -5.67 -11.53
N ALA D 187 -31.73 -4.54 -11.72
CA ALA D 187 -31.25 -3.64 -10.67
C ALA D 187 -32.39 -2.86 -10.04
N TYR D 188 -33.44 -2.54 -10.81
CA TYR D 188 -34.59 -1.79 -10.32
C TYR D 188 -35.37 -2.69 -9.37
N LEU D 189 -35.58 -3.96 -9.73
CA LEU D 189 -36.29 -4.90 -8.87
C LEU D 189 -35.52 -5.14 -7.60
N ILE D 190 -34.19 -5.37 -7.69
CA ILE D 190 -33.35 -5.57 -6.48
C ILE D 190 -33.49 -4.40 -5.50
N LEU D 191 -33.62 -3.19 -6.05
CA LEU D 191 -33.83 -2.00 -5.25
C LEU D 191 -35.25 -1.90 -4.75
N ALA D 192 -36.23 -2.32 -5.54
CA ALA D 192 -37.65 -2.24 -5.16
C ALA D 192 -37.99 -3.07 -3.94
N LEU D 193 -37.44 -4.30 -3.86
CA LEU D 193 -37.69 -5.18 -2.70
C LEU D 193 -37.00 -4.56 -1.47
N LEU D 194 -35.77 -4.09 -1.65
CA LEU D 194 -34.98 -3.42 -0.61
C LEU D 194 -35.79 -2.31 0.11
N ILE D 195 -36.46 -1.42 -0.65
CA ILE D 195 -37.26 -0.29 -0.13
C ILE D 195 -38.52 -0.73 0.63
N ALA D 196 -39.10 -1.85 0.24
CA ALA D 196 -40.32 -2.34 0.88
C ALA D 196 -39.96 -3.00 2.22
N ALA D 197 -38.81 -3.68 2.28
CA ALA D 197 -38.29 -4.25 3.51
C ALA D 197 -37.95 -3.10 4.48
N LEU D 198 -37.38 -2.00 3.94
CA LEU D 198 -37.00 -0.81 4.70
C LEU D 198 -38.20 0.00 5.22
N LYS D 199 -39.18 0.32 4.35
CA LYS D 199 -40.39 1.09 4.71
C LYS D 199 -41.50 0.27 5.40
N GLY D 200 -41.28 -1.03 5.57
CA GLY D 200 -42.25 -1.90 6.23
C GLY D 200 -43.50 -2.23 5.46
N GLN D 201 -43.39 -2.28 4.13
CA GLN D 201 -44.53 -2.60 3.27
C GLN D 201 -44.75 -4.11 3.16
N ILE D 202 -45.54 -4.70 4.06
CA ILE D 202 -45.76 -6.15 4.04
C ILE D 202 -46.34 -6.64 2.73
N GLU D 203 -47.43 -6.02 2.27
CA GLU D 203 -48.11 -6.42 1.03
C GLU D 203 -47.27 -6.17 -0.25
N GLU D 204 -46.33 -5.18 -0.20
CA GLU D 204 -45.46 -4.90 -1.35
C GLU D 204 -44.27 -5.89 -1.42
N VAL D 205 -43.70 -6.34 -0.25
CA VAL D 205 -42.63 -7.35 -0.29
C VAL D 205 -43.18 -8.66 -0.85
N ARG D 206 -44.44 -9.04 -0.49
CA ARG D 206 -45.04 -10.26 -1.02
C ARG D 206 -45.26 -10.10 -2.51
N ARG D 207 -45.79 -8.93 -2.91
CA ARG D 207 -46.10 -8.62 -4.30
C ARG D 207 -44.83 -8.71 -5.17
N LEU D 208 -43.71 -8.21 -4.65
CA LEU D 208 -42.46 -8.26 -5.38
C LEU D 208 -41.81 -9.63 -5.43
N LEU D 209 -41.84 -10.38 -4.32
CA LEU D 209 -41.28 -11.73 -4.25
C LEU D 209 -42.07 -12.73 -5.10
N GLU D 210 -43.39 -12.52 -5.23
CA GLU D 210 -44.21 -13.39 -6.08
C GLU D 210 -43.89 -13.17 -7.56
N GLN D 211 -43.61 -11.93 -7.93
CA GLN D 211 -43.30 -11.61 -9.32
C GLN D 211 -41.98 -12.22 -9.81
N GLY D 212 -41.11 -12.59 -8.89
CA GLY D 212 -39.85 -13.23 -9.25
C GLY D 212 -38.62 -12.51 -8.76
N ALA D 213 -38.77 -11.67 -7.73
CA ALA D 213 -37.61 -11.00 -7.18
C ALA D 213 -36.88 -11.96 -6.24
N ASP D 214 -35.54 -12.00 -6.35
CA ASP D 214 -34.67 -12.83 -5.53
C ASP D 214 -34.73 -12.30 -4.11
N ALA D 215 -34.95 -13.19 -3.13
CA ALA D 215 -35.04 -12.83 -1.70
C ALA D 215 -33.69 -12.48 -1.04
N ASN D 216 -32.60 -12.87 -1.71
CA ASN D 216 -31.19 -12.67 -1.39
C ASN D 216 -30.56 -11.52 -2.18
N GLY D 217 -31.25 -11.04 -3.22
CA GLY D 217 -30.80 -10.00 -4.14
C GLY D 217 -30.29 -8.80 -3.41
N ALA D 218 -28.98 -8.52 -3.61
CA ALA D 218 -28.31 -7.43 -2.91
C ALA D 218 -27.81 -6.31 -3.81
N ASP D 219 -27.99 -5.09 -3.32
CA ASP D 219 -27.51 -3.91 -4.02
C ASP D 219 -25.96 -3.89 -4.15
N GLY D 220 -25.42 -2.79 -4.71
CA GLY D 220 -23.98 -2.60 -4.89
C GLY D 220 -23.17 -2.71 -3.62
N GLY D 221 -23.79 -2.40 -2.49
CA GLY D 221 -23.14 -2.46 -1.18
C GLY D 221 -23.35 -3.73 -0.39
N GLY D 222 -23.95 -4.74 -1.02
CA GLY D 222 -24.21 -6.03 -0.39
C GLY D 222 -25.46 -6.07 0.49
N THR D 223 -26.22 -4.97 0.55
CA THR D 223 -27.42 -4.93 1.37
C THR D 223 -28.57 -5.80 0.83
N THR D 224 -29.05 -6.74 1.65
CA THR D 224 -30.16 -7.64 1.30
C THR D 224 -31.47 -7.17 2.00
N PRO D 225 -32.66 -7.61 1.52
CA PRO D 225 -33.91 -7.19 2.19
C PRO D 225 -33.99 -7.60 3.66
N LEU D 226 -33.32 -8.71 4.03
CA LEU D 226 -33.30 -9.15 5.41
C LEU D 226 -32.59 -8.12 6.28
N HIS D 227 -31.47 -7.53 5.77
CA HIS D 227 -30.71 -6.48 6.49
C HIS D 227 -31.61 -5.30 6.82
N LEU D 228 -32.45 -4.92 5.85
CA LEU D 228 -33.28 -3.75 5.98
C LEU D 228 -34.52 -3.99 6.81
N ALA D 229 -35.07 -5.21 6.77
CA ALA D 229 -36.22 -5.54 7.61
C ALA D 229 -35.73 -5.60 9.08
N ALA D 230 -34.50 -6.13 9.30
CA ALA D 230 -33.87 -6.26 10.60
C ALA D 230 -33.79 -4.90 11.30
N THR D 231 -33.43 -3.87 10.55
CA THR D 231 -33.26 -2.47 10.98
C THR D 231 -34.59 -1.77 11.33
N SER D 232 -35.65 -2.06 10.57
CA SER D 232 -36.94 -1.41 10.75
C SER D 232 -37.91 -2.06 11.73
N GLY D 233 -37.53 -3.21 12.29
CA GLY D 233 -38.41 -3.94 13.18
C GLY D 233 -39.60 -4.49 12.43
N GLN D 234 -39.38 -4.99 11.21
CA GLN D 234 -40.47 -5.58 10.41
C GLN D 234 -40.51 -7.06 10.65
N LEU D 235 -41.24 -7.48 11.68
CA LEU D 235 -41.33 -8.87 12.08
C LEU D 235 -41.88 -9.79 10.97
N THR D 236 -43.07 -9.48 10.42
CA THR D 236 -43.68 -10.32 9.40
C THR D 236 -42.80 -10.40 8.17
N ILE D 237 -42.18 -9.26 7.79
CA ILE D 237 -41.31 -9.22 6.62
C ILE D 237 -40.09 -10.09 6.84
N VAL D 238 -39.44 -9.99 8.02
CA VAL D 238 -38.28 -10.80 8.38
C VAL D 238 -38.58 -12.30 8.24
N GLU D 239 -39.80 -12.70 8.59
CA GLU D 239 -40.22 -14.08 8.48
C GLU D 239 -40.50 -14.47 7.03
N ILE D 240 -41.15 -13.57 6.25
CA ILE D 240 -41.47 -13.86 4.84
C ILE D 240 -40.20 -14.04 4.03
N LEU D 241 -39.17 -13.24 4.31
CA LEU D 241 -37.92 -13.31 3.58
C LEU D 241 -37.17 -14.59 3.92
N LEU D 242 -37.02 -14.90 5.23
CA LEU D 242 -36.35 -16.12 5.71
C LEU D 242 -37.00 -17.38 5.13
N ARG D 243 -38.34 -17.38 5.02
CA ARG D 243 -39.18 -18.47 4.54
C ARG D 243 -39.04 -18.71 3.02
N GLN D 244 -38.67 -17.65 2.28
CA GLN D 244 -38.43 -17.65 0.84
C GLN D 244 -36.97 -18.03 0.46
N GLY D 245 -36.09 -18.20 1.46
CA GLY D 245 -34.72 -18.63 1.21
C GLY D 245 -33.63 -17.61 1.51
N ALA D 246 -33.95 -16.59 2.32
CA ALA D 246 -32.99 -15.55 2.69
C ALA D 246 -31.81 -16.13 3.48
N ASP D 247 -30.60 -15.55 3.26
CA ASP D 247 -29.38 -15.96 3.96
C ASP D 247 -29.48 -15.33 5.32
N VAL D 248 -29.42 -16.15 6.37
CA VAL D 248 -29.53 -15.62 7.73
C VAL D 248 -28.25 -14.92 8.12
N ASN D 249 -27.08 -15.50 7.78
CA ASN D 249 -25.77 -14.92 8.09
C ASN D 249 -25.21 -14.13 6.88
N ALA D 250 -26.09 -13.35 6.21
CA ALA D 250 -25.74 -12.52 5.08
C ALA D 250 -24.96 -11.29 5.51
N ALA D 251 -23.69 -11.16 5.06
CA ALA D 251 -22.81 -10.02 5.41
C ALA D 251 -22.46 -9.08 4.23
N ASP D 252 -22.74 -7.79 4.38
CA ASP D 252 -22.50 -6.81 3.33
C ASP D 252 -21.00 -6.39 3.24
N ASN D 253 -20.69 -5.22 2.63
CA ASN D 253 -19.32 -4.70 2.47
C ASN D 253 -18.61 -4.47 3.82
N THR D 254 -19.38 -3.99 4.82
CA THR D 254 -18.80 -3.82 6.16
C THR D 254 -18.94 -5.09 7.01
N GLY D 255 -19.15 -6.25 6.41
CA GLY D 255 -19.33 -7.50 7.13
C GLY D 255 -20.54 -7.47 8.05
N THR D 256 -21.53 -6.63 7.76
CA THR D 256 -22.70 -6.52 8.61
C THR D 256 -23.77 -7.58 8.30
N THR D 257 -24.18 -8.30 9.33
CA THR D 257 -25.20 -9.32 9.23
C THR D 257 -26.51 -8.73 9.77
N PRO D 258 -27.67 -9.32 9.42
CA PRO D 258 -28.94 -8.79 9.95
C PRO D 258 -29.00 -8.81 11.48
N LEU D 259 -28.36 -9.80 12.14
CA LEU D 259 -28.33 -9.84 13.59
C LEU D 259 -27.66 -8.59 14.19
N HIS D 260 -26.64 -8.05 13.52
CA HIS D 260 -26.00 -6.79 13.94
C HIS D 260 -27.01 -5.64 13.89
N LEU D 261 -27.83 -5.62 12.85
CA LEU D 261 -28.78 -4.58 12.61
C LEU D 261 -29.94 -4.62 13.58
N ALA D 262 -30.39 -5.82 13.95
CA ALA D 262 -31.48 -6.01 14.92
C ALA D 262 -31.05 -5.62 16.34
N ALA D 263 -29.79 -5.89 16.67
CA ALA D 263 -29.15 -5.56 17.94
C ALA D 263 -28.90 -4.04 18.04
N TYR D 264 -28.46 -3.42 16.94
CA TYR D 264 -28.24 -1.98 16.96
C TYR D 264 -29.61 -1.26 17.07
N SER D 265 -30.59 -1.69 16.29
CA SER D 265 -31.93 -1.06 16.32
C SER D 265 -32.82 -1.49 17.50
N GLY D 266 -32.30 -2.32 18.38
CA GLY D 266 -33.00 -2.75 19.57
C GLY D 266 -34.30 -3.48 19.38
N HIS D 267 -34.39 -4.34 18.35
CA HIS D 267 -35.62 -5.12 18.14
C HIS D 267 -35.49 -6.52 18.74
N LEU D 268 -36.07 -6.72 19.93
CA LEU D 268 -35.98 -8.01 20.64
C LEU D 268 -36.63 -9.16 19.90
N GLU D 269 -37.83 -8.94 19.35
CA GLU D 269 -38.57 -10.00 18.65
C GLU D 269 -37.81 -10.43 17.41
N ILE D 270 -37.28 -9.48 16.65
CA ILE D 270 -36.52 -9.78 15.46
C ILE D 270 -35.21 -10.50 15.85
N VAL D 271 -34.52 -10.02 16.91
CA VAL D 271 -33.30 -10.62 17.45
C VAL D 271 -33.48 -12.10 17.73
N GLU D 272 -34.55 -12.46 18.45
CA GLU D 272 -34.85 -13.85 18.83
C GLU D 272 -35.17 -14.73 17.62
N VAL D 273 -35.92 -14.19 16.65
CA VAL D 273 -36.30 -14.88 15.41
C VAL D 273 -35.10 -15.15 14.51
N LEU D 274 -34.13 -14.23 14.50
CA LEU D 274 -32.92 -14.40 13.72
C LEU D 274 -32.10 -15.53 14.35
N LEU D 275 -31.96 -15.53 15.67
CA LEU D 275 -31.19 -16.54 16.40
C LEU D 275 -31.74 -17.95 16.23
N LYS D 276 -33.06 -18.07 16.22
CA LYS D 276 -33.76 -19.33 16.01
C LYS D 276 -33.46 -19.91 14.62
N HIS D 277 -33.27 -19.02 13.62
CA HIS D 277 -33.03 -19.40 12.24
C HIS D 277 -31.55 -19.64 11.89
N GLY D 278 -30.71 -19.83 12.90
CA GLY D 278 -29.31 -20.17 12.71
C GLY D 278 -28.38 -18.99 12.60
N ALA D 279 -28.80 -17.84 13.12
CA ALA D 279 -27.98 -16.64 13.10
C ALA D 279 -26.73 -16.82 13.95
N ASP D 280 -25.60 -16.35 13.42
CA ASP D 280 -24.28 -16.38 14.04
C ASP D 280 -24.26 -15.35 15.14
N VAL D 281 -24.27 -15.78 16.41
CA VAL D 281 -24.29 -14.87 17.54
C VAL D 281 -22.95 -14.15 17.69
N ASP D 282 -21.82 -14.78 17.28
CA ASP D 282 -20.51 -14.15 17.40
C ASP D 282 -19.95 -13.55 16.09
N ALA D 283 -20.83 -13.15 15.18
CA ALA D 283 -20.42 -12.55 13.92
C ALA D 283 -19.89 -11.15 14.14
N SER D 284 -18.66 -10.85 13.69
CA SER D 284 -18.04 -9.52 13.82
C SER D 284 -17.86 -8.86 12.45
N ASP D 285 -18.06 -7.55 12.35
CA ASP D 285 -17.91 -6.80 11.09
C ASP D 285 -16.42 -6.40 10.78
N VAL D 286 -16.14 -5.52 9.76
CA VAL D 286 -14.76 -5.07 9.48
C VAL D 286 -14.12 -4.42 10.71
N PHE D 287 -14.96 -3.72 11.50
CA PHE D 287 -14.57 -3.09 12.75
C PHE D 287 -14.39 -4.06 13.92
N GLY D 288 -14.86 -5.30 13.77
CA GLY D 288 -14.72 -6.35 14.78
C GLY D 288 -15.80 -6.35 15.82
N TYR D 289 -16.91 -5.64 15.58
CA TYR D 289 -18.02 -5.58 16.51
C TYR D 289 -18.99 -6.72 16.27
N THR D 290 -19.31 -7.45 17.33
CA THR D 290 -20.31 -8.50 17.38
C THR D 290 -21.68 -7.85 17.70
N PRO D 291 -22.82 -8.54 17.50
CA PRO D 291 -24.10 -7.93 17.89
C PRO D 291 -24.15 -7.54 19.39
N LEU D 292 -23.37 -8.23 20.23
CA LEU D 292 -23.31 -7.90 21.65
C LEU D 292 -22.67 -6.52 21.84
N HIS D 293 -21.63 -6.19 21.04
CA HIS D 293 -20.98 -4.87 21.10
C HIS D 293 -22.00 -3.77 20.82
N LEU D 294 -22.80 -3.92 19.75
CA LEU D 294 -23.82 -2.96 19.33
C LEU D 294 -24.99 -2.85 20.32
N ALA D 295 -25.37 -3.95 21.00
CA ALA D 295 -26.45 -3.90 21.99
C ALA D 295 -25.95 -3.06 23.17
N ALA D 296 -24.70 -3.31 23.63
CA ALA D 296 -24.05 -2.61 24.72
C ALA D 296 -23.65 -1.17 24.35
N TYR D 297 -23.39 -0.88 23.07
CA TYR D 297 -23.02 0.46 22.61
C TYR D 297 -24.30 1.31 22.52
N TRP D 298 -25.39 0.71 21.99
CA TRP D 298 -26.67 1.39 21.79
C TRP D 298 -27.62 1.34 23.00
N GLY D 299 -27.16 0.81 24.12
CA GLY D 299 -27.90 0.81 25.37
C GLY D 299 -29.13 -0.06 25.43
N HIS D 300 -29.09 -1.24 24.80
CA HIS D 300 -30.22 -2.16 24.77
C HIS D 300 -30.02 -3.31 25.75
N LEU D 301 -30.64 -3.22 26.96
CA LEU D 301 -30.54 -4.25 28.00
C LEU D 301 -30.99 -5.66 27.61
N GLU D 302 -32.25 -5.80 27.17
CA GLU D 302 -32.84 -7.10 26.86
C GLU D 302 -32.06 -7.85 25.80
N ILE D 303 -31.65 -7.14 24.75
CA ILE D 303 -30.89 -7.73 23.65
C ILE D 303 -29.56 -8.27 24.15
N VAL D 304 -28.91 -7.57 25.12
CA VAL D 304 -27.65 -8.03 25.72
C VAL D 304 -27.87 -9.40 26.39
N GLU D 305 -28.89 -9.51 27.25
CA GLU D 305 -29.14 -10.76 27.96
C GLU D 305 -29.49 -11.88 26.99
N VAL D 306 -30.31 -11.60 25.98
CA VAL D 306 -30.71 -12.61 25.01
C VAL D 306 -29.50 -13.10 24.19
N LEU D 307 -28.63 -12.20 23.73
CA LEU D 307 -27.42 -12.58 22.99
C LEU D 307 -26.49 -13.38 23.90
N LEU D 308 -26.34 -12.92 25.16
CA LEU D 308 -25.51 -13.58 26.18
C LEU D 308 -25.99 -15.00 26.46
N LYS D 309 -27.32 -15.20 26.47
CA LYS D 309 -27.91 -16.50 26.70
C LYS D 309 -27.62 -17.46 25.52
N ASN D 310 -27.44 -16.94 24.30
CA ASN D 310 -27.20 -17.79 23.14
C ASN D 310 -25.71 -18.07 22.85
N GLY D 311 -24.82 -17.80 23.80
CA GLY D 311 -23.41 -18.13 23.65
C GLY D 311 -22.51 -17.07 23.09
N ALA D 312 -22.80 -15.81 23.41
CA ALA D 312 -21.99 -14.70 22.96
C ALA D 312 -20.74 -14.63 23.84
N ASP D 313 -19.61 -14.26 23.24
CA ASP D 313 -18.35 -14.10 23.97
C ASP D 313 -18.44 -12.74 24.60
N VAL D 314 -18.69 -12.68 25.91
CA VAL D 314 -18.82 -11.44 26.66
C VAL D 314 -17.50 -10.61 26.69
N ASN D 315 -16.36 -11.24 26.36
CA ASN D 315 -15.08 -10.55 26.38
C ASN D 315 -14.43 -10.37 24.99
N ALA D 316 -15.22 -10.50 23.92
CA ALA D 316 -14.71 -10.33 22.57
C ALA D 316 -14.31 -8.89 22.35
N MET D 317 -13.11 -8.69 21.78
CA MET D 317 -12.55 -7.36 21.54
C MET D 317 -12.64 -6.96 20.09
N ASP D 318 -13.08 -5.72 19.82
CA ASP D 318 -13.13 -5.15 18.47
C ASP D 318 -11.73 -4.72 17.95
N SER D 319 -11.65 -3.90 16.89
CA SER D 319 -10.37 -3.44 16.33
C SER D 319 -9.58 -2.54 17.31
N ASP D 320 -10.29 -1.82 18.17
CA ASP D 320 -9.66 -0.96 19.16
C ASP D 320 -9.48 -1.64 20.52
N GLY D 321 -9.53 -2.98 20.57
CA GLY D 321 -9.40 -3.74 21.80
C GLY D 321 -10.50 -3.50 22.82
N MET D 322 -11.68 -3.10 22.35
CA MET D 322 -12.79 -2.79 23.22
C MET D 322 -13.73 -3.94 23.36
N THR D 323 -14.12 -4.22 24.58
CA THR D 323 -15.05 -5.30 24.89
C THR D 323 -16.40 -4.66 25.23
N PRO D 324 -17.50 -5.45 25.22
CA PRO D 324 -18.80 -4.88 25.60
C PRO D 324 -18.78 -4.16 26.97
N LEU D 325 -17.98 -4.65 27.94
CA LEU D 325 -17.88 -4.00 29.24
C LEU D 325 -17.25 -2.60 29.15
N HIS D 326 -16.32 -2.42 28.20
CA HIS D 326 -15.67 -1.15 27.95
C HIS D 326 -16.70 -0.18 27.44
N LEU D 327 -17.50 -0.61 26.47
CA LEU D 327 -18.53 0.17 25.79
C LEU D 327 -19.57 0.61 26.81
N ALA D 328 -20.00 -0.31 27.69
CA ALA D 328 -21.01 -0.02 28.71
C ALA D 328 -20.48 1.01 29.71
N ALA D 329 -19.24 0.84 30.19
CA ALA D 329 -18.61 1.74 31.14
C ALA D 329 -18.32 3.13 30.51
N LYS D 330 -17.93 3.15 29.23
CA LYS D 330 -17.68 4.39 28.52
C LYS D 330 -18.99 5.20 28.32
N TRP D 331 -20.02 4.60 27.69
CA TRP D 331 -21.28 5.31 27.46
C TRP D 331 -22.21 5.34 28.73
N GLY D 332 -21.80 4.64 29.78
CA GLY D 332 -22.38 4.71 31.10
C GLY D 332 -23.70 4.04 31.32
N TYR D 333 -23.87 2.84 30.80
CA TYR D 333 -25.11 2.10 31.00
C TYR D 333 -24.92 1.18 32.23
N LEU D 334 -25.28 1.70 33.42
CA LEU D 334 -25.11 0.97 34.68
C LEU D 334 -25.77 -0.40 34.72
N GLU D 335 -27.03 -0.47 34.31
CA GLU D 335 -27.76 -1.72 34.31
C GLU D 335 -27.11 -2.75 33.37
N ILE D 336 -26.50 -2.30 32.27
CA ILE D 336 -25.82 -3.20 31.33
C ILE D 336 -24.47 -3.67 31.88
N VAL D 337 -23.64 -2.80 32.51
CA VAL D 337 -22.35 -3.28 33.07
C VAL D 337 -22.62 -4.29 34.18
N GLU D 338 -23.68 -4.08 34.98
CA GLU D 338 -24.05 -5.00 36.03
C GLU D 338 -24.36 -6.40 35.47
N VAL D 339 -25.13 -6.50 34.36
CA VAL D 339 -25.47 -7.77 33.69
C VAL D 339 -24.26 -8.36 32.98
N LEU D 340 -23.41 -7.51 32.40
CA LEU D 340 -22.19 -7.95 31.73
C LEU D 340 -21.25 -8.60 32.72
N LEU D 341 -21.13 -8.02 33.92
CA LEU D 341 -20.29 -8.60 34.97
C LEU D 341 -20.86 -9.95 35.47
N LYS D 342 -22.19 -10.05 35.63
CA LYS D 342 -22.83 -11.29 36.05
C LYS D 342 -22.55 -12.43 35.07
N HIS D 343 -22.38 -12.12 33.78
CA HIS D 343 -22.13 -13.16 32.78
C HIS D 343 -20.65 -13.38 32.44
N GLY D 344 -19.75 -12.98 33.34
CA GLY D 344 -18.35 -13.28 33.16
C GLY D 344 -17.45 -12.25 32.50
N ALA D 345 -17.86 -10.96 32.47
CA ALA D 345 -17.03 -9.88 31.92
C ALA D 345 -15.73 -9.75 32.72
N ASP D 346 -14.69 -9.25 32.05
CA ASP D 346 -13.36 -9.13 32.64
C ASP D 346 -13.00 -7.66 32.89
N VAL D 347 -12.93 -7.28 34.18
CA VAL D 347 -12.60 -5.90 34.59
C VAL D 347 -11.14 -5.49 34.26
N ASN D 348 -10.29 -6.46 33.94
CA ASN D 348 -8.88 -6.20 33.64
C ASN D 348 -8.51 -6.19 32.15
N ALA D 349 -9.50 -6.17 31.26
CA ALA D 349 -9.23 -6.18 29.83
C ALA D 349 -8.68 -4.83 29.39
N GLN D 350 -7.62 -4.83 28.54
CA GLN D 350 -7.05 -3.56 28.07
C GLN D 350 -7.19 -3.37 26.58
N ASP D 351 -7.54 -2.14 26.18
CA ASP D 351 -7.70 -1.78 24.78
C ASP D 351 -6.33 -1.39 24.14
N LYS D 352 -6.30 -0.62 23.04
CA LYS D 352 -5.04 -0.18 22.44
C LYS D 352 -4.32 0.74 23.43
N PHE D 353 -5.07 1.62 24.12
CA PHE D 353 -4.53 2.57 25.09
C PHE D 353 -4.22 1.98 26.47
N GLY D 354 -4.38 0.67 26.63
CA GLY D 354 -4.12 0.00 27.90
C GLY D 354 -5.15 0.31 28.96
N LYS D 355 -6.36 0.73 28.52
CA LYS D 355 -7.44 1.10 29.41
C LYS D 355 -8.29 -0.07 29.77
N THR D 356 -8.77 -0.06 30.98
CA THR D 356 -9.68 -1.07 31.48
C THR D 356 -11.07 -0.40 31.55
N PRO D 357 -12.16 -1.16 31.67
CA PRO D 357 -13.48 -0.53 31.78
C PRO D 357 -13.55 0.50 32.93
N PHE D 358 -12.82 0.27 34.05
CA PHE D 358 -12.82 1.23 35.16
C PHE D 358 -12.19 2.56 34.74
N ASP D 359 -11.12 2.52 33.96
CA ASP D 359 -10.47 3.74 33.48
C ASP D 359 -11.42 4.57 32.62
N LEU D 360 -12.23 3.90 31.78
CA LEU D 360 -13.18 4.60 30.92
C LEU D 360 -14.32 5.24 31.70
N ALA D 361 -14.75 4.62 32.77
CA ALA D 361 -15.80 5.18 33.64
C ALA D 361 -15.25 6.47 34.29
N ILE D 362 -13.98 6.45 34.75
CA ILE D 362 -13.34 7.58 35.40
C ILE D 362 -13.03 8.71 34.40
N ASP D 363 -12.78 8.36 33.12
CA ASP D 363 -12.55 9.34 32.05
C ASP D 363 -13.86 10.03 31.65
N ASN D 364 -14.94 9.25 31.52
CA ASN D 364 -16.22 9.78 31.06
C ASN D 364 -17.18 10.22 32.17
N GLY D 365 -16.67 10.41 33.37
CA GLY D 365 -17.46 10.91 34.49
C GLY D 365 -18.50 9.99 35.08
N ASN D 366 -18.57 8.73 34.60
CA ASN D 366 -19.51 7.70 35.05
C ASN D 366 -19.09 7.12 36.42
N GLU D 367 -19.31 7.91 37.46
CA GLU D 367 -19.05 7.71 38.88
C GLU D 367 -19.66 6.42 39.51
N ASP D 368 -20.91 6.08 39.17
CA ASP D 368 -21.59 4.92 39.70
C ASP D 368 -21.05 3.65 39.07
N ILE D 369 -20.80 3.67 37.75
CA ILE D 369 -20.24 2.52 37.07
C ILE D 369 -18.80 2.25 37.59
N ALA D 370 -18.03 3.31 37.88
CA ALA D 370 -16.67 3.17 38.40
C ALA D 370 -16.66 2.44 39.72
N GLU D 371 -17.60 2.78 40.62
CA GLU D 371 -17.71 2.16 41.93
C GLU D 371 -18.21 0.71 41.85
N VAL D 372 -19.05 0.40 40.85
CA VAL D 372 -19.52 -0.96 40.64
C VAL D 372 -18.36 -1.81 40.13
N LEU D 373 -17.60 -1.29 39.16
CA LEU D 373 -16.46 -1.99 38.58
C LEU D 373 -15.36 -2.29 39.61
N GLN D 374 -15.12 -1.33 40.53
CA GLN D 374 -14.14 -1.46 41.61
C GLN D 374 -14.60 -2.53 42.62
N LYS D 375 -15.89 -2.56 42.96
CA LYS D 375 -16.47 -3.56 43.86
C LYS D 375 -16.26 -4.98 43.31
N ALA D 376 -16.22 -5.14 41.96
CA ALA D 376 -15.99 -6.43 41.31
C ALA D 376 -14.51 -6.70 41.01
N ALA D 377 -13.61 -6.09 41.78
CA ALA D 377 -12.17 -6.31 41.69
C ALA D 377 -11.67 -6.71 43.10
N LEU E 7 -9.24 -9.26 13.24
N LEU E 7 12.99 5.87 -8.34
CA LEU E 7 -9.54 -10.09 14.41
CA LEU E 7 13.42 5.84 -9.73
C LEU E 7 -8.25 -10.58 15.06
C LEU E 7 14.35 4.65 -10.00
N ALA E 8 -7.28 -11.02 14.23
N ALA E 8 13.80 3.42 -9.97
CA ALA E 8 -5.99 -11.49 14.72
CA ALA E 8 14.60 2.22 -10.20
C ALA E 8 -5.08 -10.28 14.95
C ALA E 8 13.94 1.23 -11.16
N ALA E 9 -5.10 -9.72 16.18
N ALA E 9 14.77 0.58 -11.99
CA ALA E 9 -4.32 -8.52 16.50
CA ALA E 9 14.28 -0.44 -12.92
C ALA E 9 -2.82 -8.75 16.69
C ALA E 9 14.44 -1.84 -12.31
N ALA E 10 -2.08 -8.73 15.57
N ALA E 10 14.23 -1.96 -10.99
CA ALA E 10 -0.63 -8.93 15.58
CA ALA E 10 14.32 -3.20 -10.24
C ALA E 10 0.04 -8.25 14.37
C ALA E 10 13.17 -3.36 -9.21
N LEU E 11 -0.50 -7.10 13.93
N LEU E 11 12.13 -2.50 -9.30
CA LEU E 11 0.05 -6.37 12.79
CA LEU E 11 10.96 -2.54 -8.44
C LEU E 11 0.07 -4.86 13.00
C LEU E 11 9.76 -3.20 -9.16
N GLU E 12 -0.77 -4.34 13.92
N GLU E 12 9.78 -3.24 -10.51
CA GLU E 12 -0.86 -2.91 14.24
CA GLU E 12 8.75 -3.91 -11.31
C GLU E 12 0.47 -2.27 14.69
C GLU E 12 8.83 -5.46 -11.20
N ARG E 13 1.49 -3.11 14.93
N ARG E 13 9.83 -6.00 -10.48
CA ARG E 13 2.82 -2.70 15.36
CA ARG E 13 9.99 -7.43 -10.24
C ARG E 13 3.89 -2.94 14.29
C ARG E 13 9.88 -7.76 -8.73
N ILE E 14 3.51 -2.89 13.00
N ILE E 14 9.10 -6.93 -7.98
CA ILE E 14 4.41 -3.02 11.86
CA ILE E 14 8.75 -7.09 -6.56
C ILE E 14 4.43 -1.68 11.15
C ILE E 14 7.23 -7.14 -6.55
N GLU E 15 5.56 -0.96 11.22
N GLU E 15 6.65 -8.34 -6.64
CA GLU E 15 5.66 0.39 10.68
CA GLU E 15 5.20 -8.51 -6.76
C GLU E 15 5.85 0.45 9.14
C GLU E 15 4.41 -8.32 -5.44
N LYS E 16 4.92 -0.12 8.35
N LYS E 16 4.44 -7.08 -4.87
CA LYS E 16 4.96 -0.12 6.88
CA LYS E 16 3.74 -6.69 -3.63
C LYS E 16 3.57 0.08 6.25
C LYS E 16 3.16 -5.26 -3.72
N ASN E 17 3.50 0.44 4.95
N ASN E 17 2.19 -4.89 -2.86
CA ASN E 17 2.23 0.63 4.24
CA ASN E 17 1.59 -3.54 -2.89
C ASN E 17 1.69 -0.70 3.75
C ASN E 17 2.47 -2.48 -2.25
N PHE E 18 0.69 -1.28 4.43
N PHE E 18 3.16 -1.66 -3.04
CA PHE E 18 0.11 -2.55 3.98
CA PHE E 18 3.97 -0.57 -2.50
C PHE E 18 -1.36 -2.71 4.36
C PHE E 18 3.99 0.67 -3.40
N VAL E 19 -2.13 -3.39 3.50
N VAL E 19 4.33 1.84 -2.82
CA VAL E 19 -3.56 -3.65 3.73
CA VAL E 19 4.43 3.12 -3.52
C VAL E 19 -3.85 -5.14 3.58
C VAL E 19 5.68 3.90 -3.05
N ILE E 20 -4.94 -5.62 4.17
N ILE E 20 6.11 4.90 -3.83
CA ILE E 20 -5.32 -7.03 4.09
CA ILE E 20 7.25 5.73 -3.48
C ILE E 20 -6.76 -7.14 3.64
C ILE E 20 6.84 7.19 -3.73
N THR E 21 -7.04 -7.81 2.50
N THR E 21 6.94 8.07 -2.72
CA THR E 21 -8.42 -7.96 2.03
CA THR E 21 6.58 9.47 -2.89
C THR E 21 -8.93 -9.36 2.20
C THR E 21 7.80 10.35 -2.69
N ASP E 22 -10.25 -9.50 2.42
N ASP E 22 7.96 11.38 -3.53
CA ASP E 22 -10.95 -10.77 2.60
CA ASP E 22 9.08 12.32 -3.46
C ASP E 22 -11.73 -11.14 1.32
C ASP E 22 8.65 13.59 -2.74
N PRO E 23 -11.17 -12.00 0.46
N PRO E 23 9.05 13.75 -1.46
CA PRO E 23 -11.88 -12.37 -0.78
CA PRO E 23 8.66 14.95 -0.69
C PRO E 23 -13.31 -12.89 -0.56
C PRO E 23 8.97 16.29 -1.37
N ARG E 24 -13.50 -13.70 0.50
N ARG E 24 10.17 16.43 -1.95
CA ARG E 24 -14.77 -14.30 0.91
CA ARG E 24 10.66 17.63 -2.66
C ARG E 24 -15.87 -13.21 1.04
C ARG E 24 9.72 18.17 -3.77
N LEU E 25 -15.54 -12.07 1.65
N LEU E 25 8.75 17.35 -4.20
CA LEU E 25 -16.47 -10.95 1.83
CA LEU E 25 7.76 17.75 -5.19
C LEU E 25 -16.77 -10.27 0.48
C LEU E 25 6.46 18.25 -4.48
N PRO E 26 -17.96 -9.63 0.33
N PRO E 26 5.67 19.14 -5.13
CA PRO E 26 -18.29 -8.99 -0.95
CA PRO E 26 4.46 19.67 -4.50
C PRO E 26 -17.25 -8.04 -1.52
C PRO E 26 3.46 18.66 -3.94
N ASP E 27 -16.88 -8.28 -2.79
N ASP E 27 3.33 18.61 -2.59
CA ASP E 27 -15.95 -7.49 -3.61
CA ASP E 27 2.41 17.79 -1.79
C ASP E 27 -14.50 -7.38 -3.04
C ASP E 27 2.77 16.29 -1.69
N ASN E 28 -13.95 -8.45 -2.44
N ASN E 28 4.06 15.95 -1.58
CA ASN E 28 -12.58 -8.48 -1.90
CA ASN E 28 4.57 14.56 -1.42
C ASN E 28 -12.21 -7.20 -1.12
C ASN E 28 3.87 13.57 -2.39
N PRO E 29 -12.93 -6.88 -0.02
N PRO E 29 3.94 13.82 -3.71
CA PRO E 29 -12.70 -5.60 0.65
CA PRO E 29 3.20 12.97 -4.65
C PRO E 29 -11.59 -5.58 1.68
C PRO E 29 3.84 11.64 -4.95
N ILE E 30 -11.09 -4.37 1.92
N ILE E 30 2.97 10.68 -5.28
CA ILE E 30 -10.06 -4.16 2.93
CA ILE E 30 3.34 9.33 -5.68
C ILE E 30 -10.64 -4.39 4.32
C ILE E 30 4.09 9.38 -7.02
N ILE E 31 -10.12 -5.39 5.04
N ILE E 31 5.40 9.07 -6.98
CA ILE E 31 -10.52 -5.70 6.41
CA ILE E 31 6.25 9.00 -8.17
C ILE E 31 -9.50 -5.14 7.43
C ILE E 31 6.35 7.55 -8.68
N PHE E 32 -8.26 -4.85 7.00
N PHE E 32 6.13 6.53 -7.81
CA PHE E 32 -7.21 -4.30 7.85
CA PHE E 32 6.17 5.13 -8.20
C PHE E 32 -6.45 -3.16 7.16
C PHE E 32 4.96 4.35 -7.65
N ALA E 33 -6.18 -2.06 7.87
N ALA E 33 4.39 3.41 -8.44
CA ALA E 33 -5.40 -0.95 7.33
CA ALA E 33 3.28 2.54 -8.01
C ALA E 33 -4.40 -0.43 8.37
C ALA E 33 3.31 1.19 -8.73
N SER E 34 -3.09 -0.56 8.11
N SER E 34 3.66 0.12 -8.01
CA SER E 34 -2.08 -0.10 9.04
CA SER E 34 3.76 -1.23 -8.58
C SER E 34 -2.11 1.43 9.13
C SER E 34 2.41 -1.71 -9.09
N ASP E 35 -1.81 1.98 10.32
N ASP E 35 2.40 -2.49 -10.21
CA ASP E 35 -1.81 3.43 10.51
CA ASP E 35 1.14 -3.01 -10.76
C ASP E 35 -0.83 4.16 9.57
C ASP E 35 0.34 -3.84 -9.73
N SER E 36 0.12 3.43 8.97
N SER E 36 1.00 -4.33 -8.67
CA SER E 36 1.08 3.99 8.01
CA SER E 36 0.35 -5.08 -7.61
C SER E 36 0.37 4.21 6.65
C SER E 36 -0.52 -4.15 -6.75
N PHE E 37 -0.51 3.28 6.28
N PHE E 37 -0.06 -2.91 -6.54
CA PHE E 37 -1.29 3.37 5.04
CA PHE E 37 -0.78 -1.88 -5.81
C PHE E 37 -2.25 4.55 5.10
C PHE E 37 -1.97 -1.42 -6.63
N LEU E 38 -2.77 4.87 6.31
N LEU E 38 -1.82 -1.35 -7.96
CA LEU E 38 -3.66 6.02 6.55
CA LEU E 38 -2.89 -0.96 -8.88
C LEU E 38 -2.86 7.32 6.38
C LEU E 38 -3.97 -2.05 -8.92
N GLN E 39 -1.61 7.35 6.90
N GLN E 39 -3.58 -3.34 -8.83
CA GLN E 39 -0.70 8.51 6.79
CA GLN E 39 -4.53 -4.47 -8.81
C GLN E 39 -0.43 8.86 5.33
C GLN E 39 -5.45 -4.33 -7.60
N LEU E 40 -0.28 7.82 4.48
N LEU E 40 -4.87 -3.93 -6.45
CA LEU E 40 0.03 7.94 3.07
CA LEU E 40 -5.55 -3.74 -5.18
C LEU E 40 -1.18 8.34 2.22
C LEU E 40 -6.50 -2.53 -5.16
N THR E 41 -2.28 7.60 2.33
N THR E 41 -6.01 -1.33 -5.51
CA THR E 41 -3.45 7.86 1.51
CA THR E 41 -6.79 -0.10 -5.42
C THR E 41 -4.28 9.05 1.97
C THR E 41 -7.71 0.16 -6.60
N GLU E 42 -4.15 9.45 3.25
N GLU E 42 -7.42 -0.45 -7.75
CA GLU E 42 -4.94 10.53 3.87
CA GLU E 42 -8.16 -0.29 -9.02
C GLU E 42 -6.41 10.11 4.13
C GLU E 42 -7.88 1.04 -9.71
N TYR E 43 -6.68 8.81 4.13
N TYR E 43 -6.73 1.65 -9.43
CA TYR E 43 -8.02 8.28 4.34
CA TYR E 43 -6.37 2.93 -10.02
C TYR E 43 -8.14 7.76 5.78
C TYR E 43 -5.34 2.75 -11.12
N SER E 44 -9.29 8.00 6.42
N SER E 44 -5.60 3.35 -12.28
CA SER E 44 -9.49 7.51 7.78
CA SER E 44 -4.67 3.32 -13.39
C SER E 44 -9.84 6.04 7.73
C SER E 44 -3.40 4.10 -13.02
N ARG E 45 -9.50 5.30 8.80
N ARG E 45 -2.22 3.63 -13.46
CA ARG E 45 -9.71 3.87 8.93
CA ARG E 45 -0.94 4.27 -13.18
C ARG E 45 -11.09 3.40 8.47
C ARG E 45 -0.93 5.74 -13.53
N GLU E 46 -12.15 4.10 8.88
N GLU E 46 -1.73 6.17 -14.52
CA GLU E 46 -13.54 3.74 8.56
CA GLU E 46 -1.79 7.58 -14.92
C GLU E 46 -13.90 3.98 7.09
C GLU E 46 -2.62 8.41 -13.92
N GLU E 47 -13.27 4.97 6.45
N GLU E 47 -3.76 7.87 -13.44
CA GLU E 47 -13.53 5.30 5.06
CA GLU E 47 -4.64 8.54 -12.48
C GLU E 47 -12.96 4.24 4.11
C GLU E 47 -4.01 8.68 -11.09
N ILE E 48 -11.88 3.54 4.53
N ILE E 48 -3.07 7.78 -10.75
CA ILE E 48 -11.19 2.52 3.73
CA ILE E 48 -2.45 7.68 -9.45
C ILE E 48 -11.82 1.14 3.90
C ILE E 48 -1.18 8.52 -9.29
N LEU E 49 -12.24 0.79 5.14
N LEU E 49 -0.39 8.72 -10.37
CA LEU E 49 -12.85 -0.52 5.37
CA LEU E 49 0.83 9.52 -10.28
C LEU E 49 -14.27 -0.55 4.78
C LEU E 49 0.53 11.00 -10.20
N GLY E 50 -14.51 -1.50 3.88
N GLY E 50 1.31 11.71 -9.39
CA GLY E 50 -15.81 -1.64 3.23
CA GLY E 50 1.13 13.14 -9.20
C GLY E 50 -15.75 -2.11 1.79
C GLY E 50 0.23 13.51 -8.04
N ARG E 51 -15.10 -1.33 0.92
N ARG E 51 -0.44 12.50 -7.43
CA ARG E 51 -14.97 -1.69 -0.51
CA ARG E 51 -1.35 12.71 -6.30
C ARG E 51 -13.50 -1.99 -0.89
C ARG E 51 -0.81 12.05 -5.02
N ASN E 52 -13.26 -2.44 -2.15
N ASN E 52 -1.08 12.67 -3.85
CA ASN E 52 -11.93 -2.79 -2.69
CA ASN E 52 -0.68 12.10 -2.57
C ASN E 52 -10.94 -1.60 -2.69
C ASN E 52 -1.63 10.93 -2.26
N ALA E 53 -9.64 -1.85 -2.95
N ALA E 53 -1.15 9.89 -1.56
CA ALA E 53 -8.65 -0.76 -2.99
CA ALA E 53 -1.95 8.69 -1.28
C ALA E 53 -8.49 -0.10 -4.37
C ALA E 53 -3.17 8.89 -0.32
N ARG E 54 -9.60 -0.01 -5.11
N ARG E 54 -3.52 10.13 0.05
CA ARG E 54 -9.62 0.67 -6.41
CA ARG E 54 -4.69 10.42 0.86
C ARG E 54 -9.80 2.19 -6.25
C ARG E 54 -6.02 10.09 0.14
N PHE E 55 -10.05 2.72 -5.02
N PHE E 55 -6.00 9.82 -1.19
CA PHE E 55 -10.13 4.17 -4.81
CA PHE E 55 -7.24 9.41 -1.89
C PHE E 55 -8.77 4.88 -4.98
C PHE E 55 -7.69 8.00 -1.45
N LEU E 56 -7.69 4.10 -5.01
N LEU E 56 -6.79 7.23 -0.81
CA LEU E 56 -6.35 4.58 -5.21
CA LEU E 56 -7.07 5.92 -0.27
C LEU E 56 -6.02 4.81 -6.70
C LEU E 56 -7.97 5.99 0.97
N GLN E 57 -6.81 4.25 -7.63
N GLN E 57 -8.01 7.12 1.67
CA GLN E 57 -6.58 4.48 -9.05
CA GLN E 57 -8.86 7.30 2.83
C GLN E 57 -7.20 5.79 -9.53
C GLN E 57 -10.33 7.55 2.48
N GLY E 58 -6.59 6.41 -10.54
N GLY E 58 -11.22 7.42 3.45
CA GLY E 58 -7.07 7.69 -11.04
CA GLY E 58 -12.65 7.60 3.23
C GLY E 58 -6.91 7.85 -12.53
C GLY E 58 -13.42 7.89 4.50
N PRO E 59 -7.16 9.07 -13.06
N PRO E 59 -14.75 7.86 4.44
CA PRO E 59 -7.11 9.27 -14.50
CA PRO E 59 -15.55 8.22 5.61
C PRO E 59 -5.75 9.00 -15.16
C PRO E 59 -15.31 7.35 6.84
N GLU E 60 -4.66 9.36 -14.47
N GLU E 60 -15.18 6.04 6.65
CA GLU E 60 -3.30 9.15 -14.96
CA GLU E 60 -14.93 5.12 7.77
C GLU E 60 -2.73 7.75 -14.63
C GLU E 60 -13.50 5.18 8.33
N THR E 61 -3.55 6.84 -14.06
N THR E 61 -12.56 5.78 7.59
CA THR E 61 -3.14 5.47 -13.70
CA THR E 61 -11.16 5.93 8.02
C THR E 61 -3.25 4.52 -14.90
C THR E 61 -11.02 6.64 9.38
N ASP E 62 -2.20 3.70 -15.17
N ASP E 62 -10.05 6.20 10.21
CA ASP E 62 -2.23 2.73 -16.26
CA ASP E 62 -9.74 6.77 11.52
C ASP E 62 -3.15 1.57 -15.91
C ASP E 62 -8.77 7.93 11.32
N ARG E 63 -4.29 1.52 -16.59
N ARG E 63 -9.17 9.14 11.71
CA ARG E 63 -5.39 0.57 -16.49
CA ARG E 63 -8.34 10.33 11.53
C ARG E 63 -4.98 -0.86 -16.94
C ARG E 63 -7.18 10.45 12.52
N ALA E 64 -3.90 -1.00 -17.74
N ALA E 64 -7.24 9.72 13.65
CA ALA E 64 -3.38 -2.31 -18.15
CA ALA E 64 -6.10 9.70 14.58
C ALA E 64 -2.62 -2.94 -16.97
C ALA E 64 -5.00 8.79 13.98
N THR E 65 -1.90 -2.12 -16.19
N THR E 65 -5.38 7.69 13.30
CA THR E 65 -1.18 -2.54 -15.00
CA THR E 65 -4.46 6.81 12.61
C THR E 65 -2.18 -3.00 -13.93
C THR E 65 -3.77 7.53 11.46
N VAL E 66 -3.31 -2.27 -13.78
N VAL E 66 -4.51 8.40 10.74
CA VAL E 66 -4.41 -2.59 -12.86
CA VAL E 66 -4.01 9.23 9.64
C VAL E 66 -5.02 -3.96 -13.20
C VAL E 66 -3.02 10.28 10.18
N ARG E 67 -5.13 -4.25 -14.50
N ARG E 67 -3.30 10.82 11.38
CA ARG E 67 -5.62 -5.50 -15.06
CA ARG E 67 -2.44 11.79 12.08
C ARG E 67 -4.65 -6.66 -14.78
C ARG E 67 -1.12 11.15 12.49
N LYS E 68 -3.34 -6.36 -14.69
N LYS E 68 -1.16 9.84 12.85
CA LYS E 68 -2.31 -7.34 -14.34
CA LYS E 68 0.02 9.06 13.22
C LYS E 68 -2.55 -7.81 -12.89
C LYS E 68 0.99 9.03 12.03
N ILE E 69 -2.97 -6.91 -12.00
N ILE E 69 0.45 8.84 10.81
CA ILE E 69 -3.27 -7.25 -10.61
CA ILE E 69 1.24 8.81 9.58
C ILE E 69 -4.52 -8.12 -10.53
C ILE E 69 1.83 10.18 9.30
N ARG E 70 -5.53 -7.81 -11.35
N ARG E 70 1.03 11.24 9.47
CA ARG E 70 -6.78 -8.53 -11.45
CA ARG E 70 1.45 12.62 9.27
C ARG E 70 -6.51 -10.00 -11.81
C ARG E 70 2.59 12.99 10.21
N ASP E 71 -5.62 -10.25 -12.79
N ASP E 71 2.54 12.58 11.49
CA ASP E 71 -5.29 -11.62 -13.18
CA ASP E 71 3.63 12.90 12.43
C ASP E 71 -4.56 -12.38 -12.07
C ASP E 71 4.90 12.12 12.07
N ALA E 72 -3.77 -11.67 -11.26
N ALA E 72 4.77 10.92 11.50
CA ALA E 72 -3.03 -12.26 -10.15
CA ALA E 72 5.91 10.11 11.10
C ALA E 72 -3.94 -12.60 -8.95
C ALA E 72 6.55 10.63 9.81
N ILE E 73 -5.09 -11.92 -8.82
N ILE E 73 5.76 11.21 8.90
CA ILE E 73 -6.03 -12.19 -7.72
CA ILE E 73 6.30 11.79 7.67
C ILE E 73 -6.98 -13.34 -8.14
C ILE E 73 6.95 13.15 7.98
N ASP E 74 -7.41 -13.33 -9.41
N ASP E 74 6.35 13.94 8.90
CA ASP E 74 -8.27 -14.37 -9.98
CA ASP E 74 6.89 15.23 9.31
C ASP E 74 -7.57 -15.73 -10.05
C ASP E 74 8.20 15.09 10.09
N ASN E 75 -6.24 -15.74 -10.19
N ASN E 75 8.35 14.01 10.85
CA ASN E 75 -5.47 -16.98 -10.25
CA ASN E 75 9.58 13.78 11.61
C ASN E 75 -4.89 -17.35 -8.89
C ASN E 75 10.59 12.89 10.86
N GLN E 76 -4.62 -16.34 -8.03
N GLN E 76 10.12 12.15 9.84
CA GLN E 76 -4.07 -16.47 -6.68
CA GLN E 76 10.92 11.25 9.02
C GLN E 76 -2.56 -16.73 -6.66
C GLN E 76 11.37 10.01 9.77
N THR E 77 -1.79 -15.69 -6.99
N THR E 77 10.42 9.19 10.16
CA THR E 77 -0.32 -15.72 -7.01
CA THR E 77 10.69 7.94 10.86
C THR E 77 0.24 -14.31 -6.66
C THR E 77 9.68 6.87 10.45
N GLU E 78 1.56 -14.23 -6.38
N GLU E 78 10.05 5.59 10.63
CA GLU E 78 2.16 -12.95 -6.08
CA GLU E 78 9.16 4.51 10.26
C GLU E 78 2.55 -12.15 -7.34
C GLU E 78 8.01 4.32 11.25
N VAL E 79 2.24 -10.84 -7.33
N VAL E 79 6.78 4.21 10.70
CA VAL E 79 2.55 -9.92 -8.42
CA VAL E 79 5.54 3.96 11.44
C VAL E 79 3.19 -8.63 -7.88
C VAL E 79 4.79 2.78 10.80
N THR E 80 4.10 -8.02 -8.65
N THR E 80 4.07 2.02 11.63
CA THR E 80 4.80 -6.78 -8.31
CA THR E 80 3.23 0.93 11.20
C THR E 80 4.79 -5.92 -9.58
C THR E 80 1.90 1.09 11.91
N VAL E 81 4.03 -4.82 -9.56
N VAL E 81 0.84 1.35 11.14
CA VAL E 81 3.90 -3.95 -10.74
CA VAL E 81 -0.50 1.57 11.68
C VAL E 81 4.15 -2.46 -10.42
C VAL E 81 -1.55 0.71 10.93
N GLN E 82 4.25 -1.61 -11.47
N GLN E 82 -2.77 0.63 11.49
CA GLN E 82 4.45 -0.17 -11.33
CA GLN E 82 -3.90 -0.09 10.90
C GLN E 82 3.22 0.61 -11.83
C GLN E 82 -5.04 0.89 10.66
N LEU E 83 2.41 1.12 -10.91
N LEU E 83 -5.38 1.12 9.39
CA LEU E 83 1.22 1.91 -11.27
CA LEU E 83 -6.47 2.03 8.98
C LEU E 83 1.15 3.22 -10.46
C LEU E 83 -7.26 1.47 7.80
N ILE E 84 0.36 4.20 -10.94
N ILE E 84 -8.52 1.90 7.68
CA ILE E 84 0.20 5.47 -10.23
CA ILE E 84 -9.35 1.46 6.57
C ILE E 84 -1.02 5.39 -9.29
C ILE E 84 -9.10 2.35 5.36
N ASN E 85 -0.88 5.95 -8.07
N ASN E 85 -8.88 1.69 4.22
CA ASN E 85 -1.93 5.96 -7.06
CA ASN E 85 -8.69 2.32 2.91
C ASN E 85 -2.19 7.39 -6.53
C ASN E 85 -9.77 1.82 1.91
N TYR E 86 -3.43 7.68 -6.17
N TYR E 86 -10.09 2.65 0.93
CA TYR E 86 -3.86 8.98 -5.65
CA TYR E 86 -11.09 2.38 -0.10
C TYR E 86 -4.16 8.94 -4.15
C TYR E 86 -10.43 2.18 -1.45
N THR E 87 -4.19 10.12 -3.52
N THR E 87 -11.13 1.50 -2.37
CA THR E 87 -4.51 10.30 -2.11
CA THR E 87 -10.66 1.32 -3.73
C THR E 87 -5.96 10.85 -1.99
C THR E 87 -11.39 2.35 -4.65
N LYS E 88 -6.52 10.96 -0.76
N LYS E 88 -11.05 2.42 -5.96
CA LYS E 88 -7.87 11.50 -0.57
CA LYS E 88 -11.73 3.36 -6.87
C LYS E 88 -8.05 12.88 -1.22
C LYS E 88 -13.26 3.17 -6.87
N SER E 89 -7.07 13.78 -1.01
N SER E 89 -13.70 1.91 -6.71
CA SER E 89 -7.12 15.10 -1.63
CA SER E 89 -15.09 1.45 -6.62
C SER E 89 -6.46 15.12 -3.00
C SER E 89 -15.77 1.78 -5.28
N GLY E 90 -6.63 14.02 -3.73
N GLY E 90 -15.03 2.36 -4.35
CA GLY E 90 -6.20 13.81 -5.11
CA GLY E 90 -15.52 2.70 -3.02
C GLY E 90 -4.79 14.13 -5.53
C GLY E 90 -15.59 1.50 -2.11
N LYS E 91 -3.81 13.96 -4.63
N LYS E 91 -14.70 0.52 -2.32
CA LYS E 91 -2.41 14.21 -4.98
CA LYS E 91 -14.70 -0.70 -1.52
C LYS E 91 -1.80 12.90 -5.51
C LYS E 91 -13.72 -0.67 -0.33
N LYS E 92 -0.96 12.98 -6.55
N LYS E 92 -14.26 -0.66 0.90
CA LYS E 92 -0.35 11.79 -7.16
CA LYS E 92 -13.48 -0.70 2.12
C LYS E 92 0.78 11.20 -6.29
C LYS E 92 -12.61 -1.95 2.17
N PHE E 93 1.12 9.93 -6.55
N PHE E 93 -11.42 -1.79 2.75
CA PHE E 93 2.21 9.18 -5.96
CA PHE E 93 -10.45 -2.84 2.98
C PHE E 93 2.41 7.86 -6.71
C PHE E 93 -9.50 -2.38 4.09
N TRP E 94 3.65 7.52 -7.04
N TRP E 94 -8.99 -3.33 4.88
CA TRP E 94 3.96 6.29 -7.73
CA TRP E 94 -8.05 -2.98 5.93
C TRP E 94 3.92 5.15 -6.74
C TRP E 94 -6.65 -2.88 5.39
N ASN E 95 3.21 4.08 -7.10
N ASN E 95 -6.00 -1.76 5.69
CA ASN E 95 3.04 2.93 -6.21
CA ASN E 95 -4.65 -1.51 5.20
C ASN E 95 3.79 1.70 -6.67
C ASN E 95 -3.65 -1.60 6.34
N LEU E 96 4.77 1.26 -5.87
N LEU E 96 -2.91 -2.72 6.39
CA LEU E 96 5.45 0.00 -6.12
CA LEU E 96 -1.81 -2.90 7.34
C LEU E 96 4.64 -1.02 -5.32
C LEU E 96 -0.67 -2.11 6.65
N PHE E 97 3.59 -1.57 -5.93
N PHE E 97 -0.53 -0.82 6.98
CA PHE E 97 2.67 -2.49 -5.29
CA PHE E 97 0.42 0.07 6.30
C PHE E 97 3.09 -3.96 -5.37
C PHE E 97 1.77 0.27 7.02
N HIS E 98 2.84 -4.72 -4.30
N HIS E 98 2.86 0.33 6.24
CA HIS E 98 3.14 -6.13 -4.21
CA HIS E 98 4.20 0.56 6.78
C HIS E 98 2.00 -6.94 -3.59
C HIS E 98 4.96 1.66 6.05
N LEU E 99 1.30 -7.73 -4.41
N LEU E 99 5.23 2.76 6.74
CA LEU E 99 0.23 -8.59 -3.91
CA LEU E 99 6.00 3.85 6.18
C LEU E 99 0.82 -9.93 -3.48
C LEU E 99 7.47 3.64 6.55
N GLN E 100 0.33 -10.50 -2.39
N GLN E 100 8.39 3.99 5.66
CA GLN E 100 0.82 -11.80 -1.94
CA GLN E 100 9.82 3.85 5.91
C GLN E 100 -0.29 -12.59 -1.24
C GLN E 100 10.60 4.81 5.02
N PRO E 101 -0.65 -13.78 -1.73
N PRO E 101 11.48 5.64 5.59
CA PRO E 101 -1.70 -14.56 -1.08
CA PRO E 101 12.25 6.57 4.76
C PRO E 101 -1.29 -15.07 0.31
C PRO E 101 13.31 5.88 3.90
N MET E 102 -2.25 -15.20 1.21
N MET E 102 13.78 6.59 2.87
CA MET E 102 -1.99 -15.68 2.56
CA MET E 102 14.82 6.07 2.00
C MET E 102 -2.76 -16.97 2.76
C MET E 102 15.94 7.09 1.96
N ARG E 103 -2.17 -18.11 2.39
N ARG E 103 16.76 7.07 3.00
CA ARG E 103 -2.85 -19.39 2.47
CA ARG E 103 17.87 7.98 3.22
C ARG E 103 -2.71 -20.07 3.83
C ARG E 103 18.96 7.90 2.15
N ASP E 104 -3.56 -21.07 4.10
N ASP E 104 19.72 8.99 1.97
CA ASP E 104 -3.56 -21.78 5.36
CA ASP E 104 20.84 9.06 1.03
C ASP E 104 -2.49 -22.91 5.38
C ASP E 104 22.04 8.27 1.56
N GLN E 105 -2.34 -23.58 6.55
N GLN E 105 23.05 8.02 0.70
CA GLN E 105 -1.41 -24.70 6.73
CA GLN E 105 24.28 7.34 1.11
C GLN E 105 -1.83 -25.91 5.90
C GLN E 105 25.10 8.17 2.12
N LYS E 106 -3.15 -26.05 5.61
N LYS E 106 24.80 9.48 2.25
CA LYS E 106 -3.72 -27.12 4.80
CA LYS E 106 25.45 10.41 3.18
C LYS E 106 -4.57 -26.50 3.66
C LYS E 106 24.45 11.37 3.88
N GLY E 107 -5.36 -25.50 4.00
N GLY E 107 23.59 12.03 3.10
CA GLY E 107 -6.24 -24.83 3.04
CA GLY E 107 22.61 12.97 3.62
C GLY E 107 -5.56 -23.90 2.07
C GLY E 107 21.34 12.41 4.26
N ASP E 108 -6.34 -23.37 1.12
N ASP E 108 20.23 13.16 4.16
CA ASP E 108 -5.83 -22.47 0.10
CA ASP E 108 18.94 12.83 4.78
C ASP E 108 -5.94 -20.98 0.56
C ASP E 108 17.93 12.19 3.77
N VAL E 109 -6.19 -19.99 -0.34
N VAL E 109 16.59 12.40 3.95
CA VAL E 109 -6.22 -18.56 -0.01
CA VAL E 109 15.49 11.81 3.17
C VAL E 109 -7.25 -18.24 1.09
C VAL E 109 15.59 12.10 1.67
N GLN E 110 -6.95 -17.22 1.89
N GLN E 110 15.13 11.16 0.86
CA GLN E 110 -7.79 -16.75 2.99
CA GLN E 110 15.13 11.27 -0.60
C GLN E 110 -7.72 -15.21 3.01
C GLN E 110 13.75 10.84 -1.10
N TYR E 111 -6.51 -14.65 2.93
N TYR E 111 13.31 9.65 -0.67
CA TYR E 111 -6.34 -13.20 2.92
CA TYR E 111 12.01 9.11 -1.03
C TYR E 111 -5.38 -12.77 1.81
C TYR E 111 11.37 8.46 0.19
N PHE E 112 -5.40 -11.48 1.46
N PHE E 112 10.07 8.21 0.12
CA PHE E 112 -4.47 -10.93 0.49
CA PHE E 112 9.35 7.51 1.17
C PHE E 112 -3.57 -9.95 1.19
C PHE E 112 8.91 6.16 0.63
N ILE E 113 -2.29 -9.93 0.85
N ILE E 113 8.76 5.18 1.50
CA ILE E 113 -1.32 -9.06 1.49
CA ILE E 113 8.32 3.85 1.10
C ILE E 113 -0.85 -7.99 0.49
C ILE E 113 6.98 3.57 1.79
N GLY E 114 -1.52 -6.85 0.48
N GLY E 114 5.98 3.14 1.03
CA GLY E 114 -1.17 -5.76 -0.42
CA GLY E 114 4.67 2.84 1.60
C GLY E 114 -0.13 -4.83 0.16
C GLY E 114 4.24 1.43 1.32
N VAL E 115 1.08 -4.80 -0.44
N VAL E 115 4.25 0.53 2.32
CA VAL E 115 2.17 -3.95 0.06
CA VAL E 115 3.88 -0.87 2.09
C VAL E 115 2.46 -2.78 -0.88
C VAL E 115 2.49 -1.20 2.64
N GLN E 116 2.27 -1.56 -0.37
N GLN E 116 1.58 -1.51 1.72
CA GLN E 116 2.47 -0.35 -1.17
CA GLN E 116 0.19 -1.81 2.01
C GLN E 116 3.76 0.35 -0.80
C GLN E 116 -0.07 -3.30 2.05
N LEU E 117 4.45 0.91 -1.79
N LEU E 117 -0.53 -3.81 3.19
CA LEU E 117 5.66 1.67 -1.55
CA LEU E 117 -0.88 -5.21 3.31
C LEU E 117 5.55 3.05 -2.19
C LEU E 117 -2.40 -5.33 3.39
N ASP E 118 5.51 4.12 -1.38
N ASP E 118 -2.99 -5.66 2.23
CA ASP E 118 5.37 5.50 -1.87
CA ASP E 118 -4.43 -5.81 1.97
C ASP E 118 6.61 5.91 -2.67
C ASP E 118 -5.09 -6.80 2.95
N GLY E 119 6.38 6.43 -3.86
N GLY E 119 -6.21 -6.39 3.54
CA GLY E 119 7.46 6.88 -4.74
CA GLY E 119 -6.92 -7.23 4.50
C GLY E 119 7.16 8.19 -5.44
C GLY E 119 -8.42 -7.11 4.52
N THR E 120 8.18 8.99 -5.68
N THR E 120 -9.09 -8.11 5.07
CA THR E 120 8.02 10.28 -6.36
CA THR E 120 -10.55 -8.13 5.17
C THR E 120 8.06 10.16 -7.90
C THR E 120 -11.08 -7.78 6.57
N GLU E 121 8.46 8.98 -8.43
N GLU E 121 -10.19 -7.66 7.56
CA GLU E 121 8.55 8.63 -9.85
CA GLU E 121 -10.49 -7.33 8.96
C GLU E 121 8.76 7.12 -10.04
C GLU E 121 -9.21 -6.80 9.67
N HIS E 122 8.60 6.61 -11.27
N HIS E 122 -9.35 -6.31 10.91
CA HIS E 122 8.82 5.20 -11.58
CA HIS E 122 -8.22 -5.82 11.68
C HIS E 122 10.31 4.84 -11.39
C HIS E 122 -7.52 -7.01 12.38
N VAL E 123 10.58 3.61 -10.97
N VAL E 123 -6.19 -6.97 12.43
CA VAL E 123 11.96 3.18 -10.73
CA VAL E 123 -5.42 -8.06 13.01
C VAL E 123 12.39 2.11 -11.74
C VAL E 123 -4.81 -7.68 14.38
N ARG E 124 13.61 2.26 -12.29
N ARG E 124 -4.61 -8.69 15.24
CA ARG E 124 14.20 1.39 -13.30
CA ARG E 124 -4.10 -8.56 16.62
C ARG E 124 15.68 1.04 -12.97
C ARG E 124 -3.38 -9.86 17.11
N ASP E 125 16.27 0.06 -13.70
N ASP E 125 -2.86 -9.88 18.36
CA ASP E 125 17.67 -0.37 -13.55
CA ASP E 125 -2.20 -11.04 18.97
C ASP E 125 17.94 -1.01 -12.16
C ASP E 125 -0.98 -11.55 18.14
N ALA E 126 19.21 -1.05 -11.69
N ALA E 126 -0.75 -12.89 18.06
CA ALA E 126 19.59 -1.65 -10.39
CA ALA E 126 0.38 -13.45 17.30
C ALA E 126 18.83 -1.08 -9.19
C ALA E 126 0.28 -13.21 15.81
N ALA E 127 18.25 0.11 -9.34
N ALA E 127 -0.94 -13.09 15.28
CA ALA E 127 17.46 0.75 -8.28
CA ALA E 127 -1.20 -12.84 13.86
C ALA E 127 16.07 0.12 -8.12
C ALA E 127 -0.85 -11.39 13.43
N GLU E 128 15.55 -0.51 -9.18
N GLU E 128 -0.82 -10.46 14.38
CA GLU E 128 14.24 -1.17 -9.10
CA GLU E 128 -0.44 -9.07 14.09
C GLU E 128 14.36 -2.49 -8.35
C GLU E 128 1.08 -8.96 14.00
N ARG E 129 15.45 -3.24 -8.58
N ARG E 129 1.80 -9.59 14.95
CA ARG E 129 15.72 -4.53 -7.93
CA ARG E 129 3.26 -9.62 14.99
C ARG E 129 15.82 -4.40 -6.40
C ARG E 129 3.86 -10.24 13.71
N GLU E 130 16.30 -3.25 -5.91
N GLU E 130 3.14 -11.19 13.09
CA GLU E 130 16.41 -2.99 -4.48
CA GLU E 130 3.55 -11.85 11.86
C GLU E 130 15.04 -2.67 -3.87
C GLU E 130 3.29 -10.95 10.64
N ALA E 131 14.21 -1.94 -4.61
N ALA E 131 2.17 -10.21 10.64
CA ALA E 131 12.85 -1.57 -4.19
CA ALA E 131 1.82 -9.28 9.57
C ALA E 131 11.94 -2.80 -4.17
C ALA E 131 2.80 -8.11 9.57
N VAL E 132 12.09 -3.68 -5.16
N VAL E 132 3.18 -7.61 10.77
CA VAL E 132 11.33 -4.93 -5.25
CA VAL E 132 4.14 -6.53 10.98
C VAL E 132 11.73 -5.90 -4.12
C VAL E 132 5.56 -6.97 10.53
N MET E 133 13.00 -5.86 -3.67
N MET E 133 5.90 -8.26 10.70
CA MET E 133 13.45 -6.71 -2.56
CA MET E 133 7.18 -8.79 10.24
C MET E 133 12.87 -6.26 -1.22
C MET E 133 7.22 -8.86 8.71
N LEU E 134 12.57 -4.96 -1.06
N LEU E 134 6.08 -9.17 8.08
CA LEU E 134 12.03 -4.46 0.21
CA LEU E 134 5.95 -9.31 6.63
C LEU E 134 10.52 -4.72 0.38
C LEU E 134 6.11 -7.98 5.87
N ILE E 135 9.73 -4.68 -0.72
N ILE E 135 5.51 -6.87 6.37
CA ILE E 135 8.30 -4.96 -0.64
CA ILE E 135 5.65 -5.56 5.71
C ILE E 135 8.03 -6.45 -0.41
C ILE E 135 7.05 -4.99 5.90
N LYS E 136 8.89 -7.33 -0.97
N LYS E 136 7.66 -5.22 7.09
CA LYS E 136 8.77 -8.79 -0.82
CA LYS E 136 9.00 -4.73 7.40
C LYS E 136 9.20 -9.24 0.57
C LYS E 136 10.06 -5.44 6.57
N LYS E 137 10.19 -8.56 1.16
N LYS E 137 9.86 -6.74 6.28
CA LYS E 137 10.67 -8.85 2.51
CA LYS E 137 10.77 -7.51 5.46
C LYS E 137 9.62 -8.43 3.55
C LYS E 137 10.68 -7.08 3.99
N THR E 138 8.87 -7.34 3.28
N THR E 138 9.47 -6.70 3.53
CA THR E 138 7.80 -6.88 4.16
CA THR E 138 9.25 -6.19 2.18
C THR E 138 6.63 -7.85 4.06
C THR E 138 9.92 -4.83 2.04
N ALA E 139 6.26 -8.25 2.83
N ALA E 139 9.71 -3.93 3.03
CA ALA E 139 5.19 -9.22 2.61
CA ALA E 139 10.30 -2.60 3.03
C ALA E 139 5.50 -10.59 3.23
C ALA E 139 11.83 -2.65 3.07
N ALA E 140 6.79 -10.91 3.41
N ALA E 140 12.40 -3.68 3.71
CA ALA E 140 7.20 -12.16 4.05
CA ALA E 140 13.85 -3.86 3.78
C ALA E 140 7.00 -12.06 5.57
C ALA E 140 14.41 -4.25 2.41
N GLU E 141 7.29 -10.89 6.16
N GLU E 141 13.66 -5.07 1.65
CA GLU E 141 7.14 -10.59 7.58
CA GLU E 141 14.06 -5.52 0.32
C GLU E 141 5.68 -10.59 8.00
C GLU E 141 14.02 -4.35 -0.67
N ILE E 142 4.79 -10.08 7.14
N ILE E 142 12.95 -3.53 -0.64
CA ILE E 142 3.35 -10.02 7.40
CA ILE E 142 12.77 -2.37 -1.51
C ILE E 142 2.73 -11.41 7.47
C ILE E 142 13.84 -1.30 -1.25
N ASP E 143 3.06 -12.27 6.48
N ASP E 143 14.24 -1.13 0.01
CA ASP E 143 2.56 -13.65 6.47
CA ASP E 143 15.29 -0.18 0.37
C ASP E 143 3.11 -14.43 7.67
C ASP E 143 16.64 -0.67 -0.18
N ALA E 144 4.34 -14.14 8.12
N ALA E 144 16.89 -1.99 -0.10
CA ALA E 144 4.96 -14.76 9.28
CA ALA E 144 18.11 -2.61 -0.61
C ALA E 144 4.25 -14.33 10.56
C ALA E 144 18.16 -2.63 -2.14
N ALA E 145 3.87 -13.05 10.65
N ALA E 145 17.00 -2.74 -2.79
CA ALA E 145 3.13 -12.54 11.81
CA ALA E 145 16.90 -2.70 -4.26
C ALA E 145 1.70 -13.11 11.87
C ALA E 145 17.18 -1.26 -4.76
N ALA E 146 1.10 -13.40 10.70
N ALA E 146 16.79 -0.25 -3.98
CA ALA E 146 -0.23 -13.99 10.64
CA ALA E 146 17.05 1.15 -4.30
C ALA E 146 -0.16 -15.49 10.95
C ALA E 146 18.51 1.50 -3.98
N LYS E 147 0.91 -16.18 10.49
N LYS E 147 19.09 0.93 -2.91
CA LYS E 147 1.14 -17.60 10.78
CA LYS E 147 20.49 1.14 -2.54
C LYS E 147 1.49 -17.86 12.25
C LYS E 147 21.47 0.44 -3.51
N LEU E 148 2.04 -16.84 12.95
N LEU E 148 21.03 -0.66 -4.17
CA LEU E 148 2.34 -16.95 14.38
CA LEU E 148 21.85 -1.35 -5.16
C LEU E 148 1.02 -16.86 15.16
C LEU E 148 21.84 -0.56 -6.48
N ALA E 149 0.10 -15.97 14.73
N ALA E 149 20.70 0.04 -6.83
CA ALA E 149 -1.20 -15.85 15.36
CA ALA E 149 20.58 0.85 -8.02
C ALA E 149 -2.06 -17.08 15.07
C ALA E 149 21.32 2.18 -7.82
N ALA E 150 -1.98 -17.61 13.83
N ALA E 150 21.23 2.77 -6.61
CA ALA E 150 -2.75 -18.77 13.39
CA ALA E 150 21.88 4.04 -6.29
C ALA E 150 -2.38 -20.02 14.18
C ALA E 150 23.41 3.92 -6.24
N LEU E 151 -1.09 -20.19 14.48
N LEU E 151 23.94 2.74 -5.93
CA LEU E 151 -0.63 -21.37 15.21
CA LEU E 151 25.38 2.55 -5.87
C LEU E 151 -1.03 -21.34 16.68
C LEU E 151 26.01 2.47 -7.26
N LYS E 152 -0.89 -20.20 17.37
N LYS E 152 25.49 1.59 -8.14
CA LYS E 152 -1.30 -20.10 18.78
CA LYS E 152 26.00 1.47 -9.51
C LYS E 152 -2.82 -20.17 18.95
C LYS E 152 25.82 2.73 -10.35
N ALA E 153 -3.59 -19.77 17.91
N ALA E 153 24.85 3.60 -9.97
CA ALA E 153 -5.05 -19.83 17.96
CA ALA E 153 24.62 4.86 -10.66
C ALA E 153 -5.53 -21.28 17.83
C ALA E 153 25.74 5.84 -10.31
N ALA E 154 -4.85 -22.07 16.99
N ALA E 154 26.14 5.86 -9.03
CA ALA E 154 -5.17 -23.49 16.80
CA ALA E 154 27.25 6.70 -8.55
C ALA E 154 -4.82 -24.31 18.06
C ALA E 154 28.59 6.18 -9.09
N ILE E 155 -3.79 -23.88 18.81
N ILE E 155 28.72 4.87 -9.30
CA ILE E 155 -3.35 -24.51 20.06
CA ILE E 155 29.92 4.23 -9.84
C ILE E 155 -4.45 -24.35 21.11
C ILE E 155 30.15 4.68 -11.28
N GLU E 156 -4.95 -23.12 21.28
N GLU E 156 29.14 4.58 -12.16
CA GLU E 156 -6.00 -22.84 22.27
CA GLU E 156 29.30 5.02 -13.54
C GLU E 156 -7.40 -23.27 21.79
C GLU E 156 29.40 6.55 -13.68
N ALA E 157 -7.60 -23.48 20.47
N ALA E 157 28.94 7.31 -12.66
CA ALA E 157 -8.89 -23.95 19.96
CA ALA E 157 29.04 8.77 -12.65
C ALA E 157 -9.01 -25.45 20.22
C ALA E 157 30.46 9.17 -12.25
N ILE E 158 -7.92 -26.21 19.99
N ILE E 158 31.05 8.49 -11.26
CA ILE E 158 -7.95 -27.64 20.27
CA ILE E 158 32.45 8.79 -10.88
C ILE E 158 -7.79 -27.93 21.77
C ILE E 158 33.45 8.18 -11.86
N ILE E 159 -7.34 -26.94 22.58
N ILE E 159 33.04 7.16 -12.65
CA ILE E 159 -7.26 -27.09 24.03
CA ILE E 159 33.90 6.60 -13.69
C ILE E 159 -8.68 -27.12 24.65
C ILE E 159 33.96 7.60 -14.86
N LYS E 160 -9.65 -26.45 24.00
N LYS E 160 32.83 8.27 -15.16
CA LYS E 160 -11.05 -26.42 24.42
CA LYS E 160 32.74 9.32 -16.19
C LYS E 160 -11.69 -27.78 24.07
C LYS E 160 33.63 10.51 -15.78
N ARG E 161 -11.39 -28.31 22.88
N ARG E 161 33.59 10.88 -14.49
CA ARG E 161 -11.92 -29.59 22.39
CA ARG E 161 34.39 11.96 -13.93
C ARG E 161 -11.28 -30.78 23.12
C ARG E 161 35.88 11.59 -13.84
N ILE E 162 -10.04 -30.63 23.63
N ILE E 162 36.19 10.29 -13.67
CA ILE E 162 -9.35 -31.70 24.35
CA ILE E 162 37.57 9.80 -13.64
C ILE E 162 -9.93 -31.84 25.76
C ILE E 162 38.18 9.85 -15.06
N GLU E 163 -10.19 -30.70 26.43
N GLU E 163 37.37 9.59 -16.09
CA GLU E 163 -10.78 -30.73 27.77
CA GLU E 163 37.82 9.67 -17.48
C GLU E 163 -12.24 -31.20 27.72
C GLU E 163 38.01 11.15 -17.84
N GLU E 164 -12.97 -30.83 26.66
N GLU E 164 37.06 12.01 -17.44
CA GLU E 164 -14.36 -31.25 26.49
CA GLU E 164 37.08 13.46 -17.68
C GLU E 164 -14.49 -32.75 26.22
C GLU E 164 38.27 14.15 -17.00
N ALA E 165 -13.45 -33.38 25.65
N ALA E 165 38.81 13.56 -15.93
CA ALA E 165 -13.45 -34.82 25.40
CA ALA E 165 39.97 14.13 -15.24
C ALA E 165 -13.29 -35.59 26.73
C ALA E 165 41.25 13.56 -15.84
N GLU E 166 -12.50 -35.04 27.67
N GLU E 166 41.27 12.24 -16.12
CA GLU E 166 -12.29 -35.64 28.99
CA GLU E 166 42.43 11.58 -16.71
C GLU E 166 -13.61 -35.62 29.79
C GLU E 166 42.78 12.17 -18.07
N LYS E 167 -14.40 -34.53 29.67
N LYS E 167 41.75 12.52 -18.87
CA LYS E 167 -15.68 -34.38 30.34
CA LYS E 167 41.95 13.12 -20.19
C LYS E 167 -16.73 -35.30 29.69
C LYS E 167 42.44 14.57 -20.07
N ASN E 168 -16.73 -35.39 28.36
N ASN E 168 41.84 15.34 -19.15
CA ASN E 168 -17.67 -36.25 27.62
CA ASN E 168 42.17 16.75 -18.95
C ASN E 168 -17.38 -37.76 27.74
C ASN E 168 43.48 17.00 -18.17
N GLY E 169 -16.47 -38.15 28.63
N GLY E 169 44.48 16.14 -18.41
CA GLY E 169 -16.11 -39.55 28.83
CA GLY E 169 45.79 16.25 -17.78
C GLY E 169 -15.33 -40.17 27.68
C GLY E 169 45.79 16.24 -16.27
N ASP E 170 -14.90 -39.36 26.71
N ASP E 170 44.80 15.56 -15.67
CA ASP E 170 -14.16 -39.81 25.55
CA ASP E 170 44.70 15.48 -14.22
C ASP E 170 -12.66 -39.69 25.81
C ASP E 170 44.96 14.05 -13.77
N GLU E 171 -12.11 -40.62 26.62
N GLU E 171 46.20 13.59 -13.94
CA GLU E 171 -10.68 -40.64 26.88
CA GLU E 171 46.62 12.25 -13.51
C GLU E 171 -10.04 -41.60 25.88
C GLU E 171 46.82 12.21 -11.96
N ASP E 172 -10.36 -41.40 24.59
N ASP E 172 47.03 13.38 -11.33
CA ASP E 172 -9.88 -42.23 23.50
CA ASP E 172 47.19 13.50 -9.88
C ASP E 172 -9.24 -41.35 22.42
C ASP E 172 45.88 13.24 -9.14
N LYS E 173 -9.88 -40.21 22.10
N LYS E 173 44.72 13.57 -9.75
CA LYS E 173 -9.39 -39.26 21.10
CA LYS E 173 43.43 13.33 -9.10
C LYS E 173 -8.15 -38.54 21.59
C LYS E 173 43.06 11.85 -9.08
N VAL E 174 -8.12 -38.18 22.90
N VAL E 174 43.53 11.08 -10.07
CA VAL E 174 -7.04 -37.46 23.56
CA VAL E 174 43.29 9.65 -10.17
C VAL E 174 -5.67 -38.14 23.42
C VAL E 174 43.99 8.90 -9.02
N LYS E 175 -5.65 -39.48 23.42
N LYS E 175 45.19 9.37 -8.63
CA LYS E 175 -4.42 -40.26 23.25
CA LYS E 175 46.00 8.79 -7.56
C LYS E 175 -3.75 -39.98 21.90
C LYS E 175 45.25 8.60 -6.24
N GLU E 176 -4.52 -40.03 20.80
N GLU E 176 44.31 9.50 -5.91
CA GLU E 176 -3.96 -39.76 19.47
CA GLU E 176 43.53 9.36 -4.67
C GLU E 176 -3.85 -38.26 19.16
C GLU E 176 42.07 8.97 -4.93
N LEU E 177 -4.64 -37.42 19.82
N LEU E 177 41.54 9.24 -6.12
CA LEU E 177 -4.57 -35.98 19.60
CA LEU E 177 40.16 8.89 -6.44
C LEU E 177 -3.43 -35.29 20.36
C LEU E 177 39.96 7.40 -6.78
N ARG E 178 -2.66 -36.03 21.17
N ARG E 178 41.07 6.66 -7.00
CA ARG E 178 -1.51 -35.49 21.89
CA ARG E 178 40.99 5.21 -7.27
C ARG E 178 -0.39 -35.09 20.91
C ARG E 178 40.50 4.42 -6.04
N GLU E 179 -0.23 -35.86 19.82
N GLU E 179 40.65 4.98 -4.82
CA GLU E 179 0.78 -35.59 18.80
CA GLU E 179 40.19 4.32 -3.60
C GLU E 179 0.40 -34.49 17.80
C GLU E 179 38.73 4.62 -3.27
N LYS E 180 -0.88 -34.10 17.75
N LYS E 180 38.12 5.66 -3.87
CA LYS E 180 -1.32 -32.99 16.90
CA LYS E 180 36.70 5.92 -3.67
C LYS E 180 -1.04 -31.66 17.61
C LYS E 180 35.87 4.97 -4.54
N LEU E 181 -1.26 -31.62 18.94
N LEU E 181 36.38 4.64 -5.75
CA LEU E 181 -0.99 -30.46 19.77
CA LEU E 181 35.75 3.68 -6.65
C LEU E 181 0.51 -30.26 19.97
C LEU E 181 35.98 2.25 -6.15
N ASP E 182 1.27 -31.36 20.08
N ASP E 182 37.13 1.98 -5.52
CA ASP E 182 2.72 -31.29 20.24
CA ASP E 182 37.47 0.68 -4.95
C ASP E 182 3.36 -30.69 19.00
C ASP E 182 36.47 0.35 -3.83
N LYS E 183 2.90 -31.12 17.80
N LYS E 183 36.18 1.33 -2.95
CA LYS E 183 3.40 -30.62 16.52
CA LYS E 183 35.24 1.15 -1.84
C LYS E 183 3.05 -29.13 16.34
C LYS E 183 33.79 1.06 -2.36
N LEU E 184 1.87 -28.73 16.82
N LEU E 184 33.47 1.78 -3.43
CA LEU E 184 1.41 -27.34 16.77
CA LEU E 184 32.14 1.74 -4.04
C LEU E 184 2.28 -26.47 17.68
C LEU E 184 31.89 0.37 -4.67
N ARG E 185 2.65 -26.99 18.86
N ARG E 185 32.89 -0.20 -5.35
CA ARG E 185 3.50 -26.29 19.82
CA ARG E 185 32.78 -1.52 -5.99
C ARG E 185 4.96 -26.21 19.34
C ARG E 185 32.61 -2.62 -4.95
N ARG E 186 5.42 -27.24 18.61
N ARG E 186 33.28 -2.48 -3.80
CA ARG E 186 6.78 -27.28 18.10
CA ARG E 186 33.19 -3.45 -2.71
C ARG E 186 7.00 -26.30 16.94
C ARG E 186 31.82 -3.41 -2.04
N ALA E 187 6.06 -26.26 15.98
N ALA E 187 31.32 -2.21 -1.72
CA ALA E 187 6.14 -25.36 14.83
CA ALA E 187 30.01 -2.04 -1.09
C ALA E 187 6.01 -23.88 15.23
C ALA E 187 28.85 -2.51 -1.97
N TYR E 188 5.35 -23.60 16.35
N TYR E 188 29.05 -2.49 -3.31
CA TYR E 188 5.18 -22.24 16.86
CA TYR E 188 28.05 -2.94 -4.26
C TYR E 188 6.47 -21.77 17.55
C TYR E 188 28.04 -4.47 -4.32
N LEU E 189 7.16 -22.69 18.25
N LEU E 189 29.23 -5.09 -4.31
CA LEU E 189 8.40 -22.39 18.97
CA LEU E 189 29.37 -6.54 -4.39
C LEU E 189 9.59 -22.15 18.02
C LEU E 189 28.96 -7.26 -3.10
N ILE E 190 9.60 -22.81 16.86
N ILE E 190 29.11 -6.60 -1.95
CA ILE E 190 10.67 -22.63 15.89
CA ILE E 190 28.72 -7.19 -0.67
C ILE E 190 10.50 -21.32 15.12
C ILE E 190 27.19 -7.20 -0.55
N LEU E 191 9.25 -20.99 14.72
N LEU E 191 26.53 -6.13 -1.00
CA LEU E 191 8.93 -19.76 14.00
CA LEU E 191 25.07 -6.03 -0.95
C LEU E 191 9.11 -18.49 14.86
C LEU E 191 24.41 -6.95 -2.00
N ALA E 192 9.07 -18.63 16.19
N ALA E 192 25.08 -7.20 -3.13
CA ALA E 192 9.25 -17.51 17.12
CA ALA E 192 24.55 -8.05 -4.19
C ALA E 192 10.69 -16.99 17.17
C ALA E 192 24.47 -9.54 -3.81
N LEU E 193 11.67 -17.85 16.85
N LEU E 193 25.32 -9.98 -2.88
CA LEU E 193 13.08 -17.47 16.84
CA LEU E 193 25.31 -11.37 -2.44
C LEU E 193 13.43 -16.61 15.63
C LEU E 193 24.11 -11.67 -1.55
N LEU E 194 12.79 -16.89 14.48
N LEU E 194 23.74 -10.72 -0.68
CA LEU E 194 13.05 -16.17 13.23
CA LEU E 194 22.62 -10.87 0.23
C LEU E 194 12.57 -14.72 13.33
C LEU E 194 21.29 -10.96 -0.52
N ILE E 195 11.42 -14.49 13.98
N ILE E 195 21.08 -10.10 -1.52
CA ILE E 195 10.90 -13.13 14.14
CA ILE E 195 19.84 -10.10 -2.30
C ILE E 195 11.69 -12.34 15.21
C ILE E 195 19.73 -11.36 -3.17
N ALA E 196 12.28 -13.04 16.19
N ALA E 196 20.86 -11.91 -3.64
CA ALA E 196 13.09 -12.39 17.22
CA ALA E 196 20.84 -13.13 -4.44
C ALA E 196 14.51 -12.06 16.74
C ALA E 196 20.52 -14.36 -3.57
N ALA E 197 14.98 -12.69 15.65
N ALA E 197 20.94 -14.35 -2.30
CA ALA E 197 16.32 -12.45 15.12
CA ALA E 197 20.68 -15.45 -1.38
C ALA E 197 16.30 -11.41 14.00
C ALA E 197 19.25 -15.42 -0.86
N LEU E 198 15.23 -11.40 13.19
N LEU E 198 18.70 -14.21 -0.64
CA LEU E 198 15.10 -10.45 12.09
CA LEU E 198 17.33 -14.04 -0.15
C LEU E 198 14.78 -9.05 12.62
C LEU E 198 16.31 -14.34 -1.26
N LYS E 199 13.93 -8.96 13.65
N LYS E 199 16.65 -14.04 -2.52
CA LYS E 199 13.58 -7.68 14.25
CA LYS E 199 15.77 -14.32 -3.65
C LYS E 199 14.68 -7.14 15.18
C LYS E 199 15.72 -15.84 -3.94
N GLY E 200 15.45 -8.04 15.77
N GLY E 200 16.85 -16.49 -3.80
CA GLY E 200 16.55 -7.67 16.66
CA GLY E 200 16.98 -17.92 -4.06
C GLY E 200 16.24 -7.82 18.14
C GLY E 200 17.59 -18.25 -5.41
N GLN E 201 15.16 -8.55 18.48
N GLN E 201 18.21 -17.25 -6.07
CA GLN E 201 14.75 -8.76 19.86
CA GLN E 201 18.84 -17.41 -7.38
C GLN E 201 15.75 -9.67 20.59
C GLN E 201 20.11 -18.24 -7.26
N ILE E 202 16.69 -9.05 21.33
N ILE E 202 19.97 -19.57 -7.43
CA ILE E 202 17.77 -9.70 22.07
CA ILE E 202 21.01 -20.59 -7.30
C ILE E 202 17.31 -10.59 23.24
C ILE E 202 22.25 -20.37 -8.19
N GLU E 203 16.51 -10.04 24.17
N GLU E 203 22.06 -20.25 -9.52
CA GLU E 203 16.05 -10.82 25.33
CA GLU E 203 23.20 -20.08 -10.44
C GLU E 203 15.01 -11.89 24.95
C GLU E 203 23.79 -18.66 -10.44
N GLU E 204 14.26 -11.67 23.86
N GLU E 204 23.04 -17.67 -9.92
CA GLU E 204 13.28 -12.65 23.41
CA GLU E 204 23.52 -16.29 -9.86
C GLU E 204 13.90 -13.91 22.78
C GLU E 204 24.53 -16.09 -8.73
N VAL E 205 15.17 -13.84 22.38
N VAL E 205 24.39 -16.84 -7.63
CA VAL E 205 15.87 -14.99 21.82
CA VAL E 205 25.30 -16.76 -6.49
C VAL E 205 16.25 -15.92 22.98
C VAL E 205 26.67 -17.29 -6.91
N ARG E 206 16.79 -15.36 24.08
N ARG E 206 26.70 -18.41 -7.67
CA ARG E 206 17.19 -16.12 25.27
CA ARG E 206 27.94 -19.02 -8.17
C ARG E 206 16.02 -16.74 26.02
C ARG E 206 28.74 -18.09 -9.10
N ARG E 207 14.82 -16.14 25.91
N ARG E 207 28.05 -17.16 -9.77
CA ARG E 207 13.62 -16.67 26.55
CA ARG E 207 28.69 -16.18 -10.65
C ARG E 207 13.20 -17.97 25.85
C ARG E 207 29.51 -15.19 -9.83
N LEU E 208 13.31 -18.02 24.52
N LEU E 208 29.00 -14.78 -8.66
CA LEU E 208 12.98 -19.20 23.74
CA LEU E 208 29.68 -13.85 -7.76
C LEU E 208 14.09 -20.25 23.89
C LEU E 208 30.85 -14.49 -7.02
N LEU E 209 15.36 -19.82 23.92
N LEU E 209 30.81 -15.83 -6.79
CA LEU E 209 16.52 -20.70 24.10
CA LEU E 209 31.90 -16.55 -6.11
C LEU E 209 16.51 -21.46 25.43
C LEU E 209 33.19 -16.56 -6.94
N GLU E 210 15.87 -20.88 26.46
N GLU E 210 33.04 -16.64 -8.27
CA GLU E 210 15.76 -21.53 27.76
CA GLU E 210 34.18 -16.63 -9.18
C GLU E 210 14.51 -22.42 27.83
C GLU E 210 34.75 -15.20 -9.36
N GLN E 211 13.44 -22.05 27.10
N GLN E 211 33.89 -14.17 -9.22
CA GLN E 211 12.18 -22.79 27.06
CA GLN E 211 34.26 -12.77 -9.37
C GLN E 211 12.21 -24.08 26.22
C GLN E 211 34.74 -12.06 -8.08
N GLY E 212 13.19 -24.21 25.34
N GLY E 212 35.24 -12.85 -7.13
CA GLY E 212 13.33 -25.42 24.52
CA GLY E 212 35.80 -12.31 -5.89
C GLY E 212 13.34 -25.24 23.02
C GLY E 212 34.85 -11.66 -4.90
N ALA E 213 13.56 -24.02 22.53
N ALA E 213 33.83 -12.41 -4.44
CA ALA E 213 13.59 -23.77 21.09
CA ALA E 213 32.89 -11.92 -3.43
C ALA E 213 14.94 -24.18 20.48
C ALA E 213 32.85 -12.93 -2.29
N ASP E 214 14.90 -24.96 19.40
N ASP E 214 33.57 -12.63 -1.19
CA ASP E 214 16.09 -25.47 18.72
CA ASP E 214 33.69 -13.52 -0.04
C ASP E 214 16.87 -24.40 17.96
C ASP E 214 32.37 -13.88 0.63
N ALA E 215 18.21 -24.42 18.07
N ALA E 215 32.28 -15.13 1.12
CA ALA E 215 19.07 -23.45 17.39
CA ALA E 215 31.08 -15.64 1.80
C ALA E 215 19.29 -23.74 15.90
C ALA E 215 30.84 -15.05 3.20
N ASN E 216 18.85 -24.92 15.41
N ASN E 216 31.69 -14.11 3.64
CA ASN E 216 18.98 -25.31 14.01
CA ASN E 216 31.55 -13.48 4.95
C ASN E 216 17.62 -25.68 13.38
C ASN E 216 31.37 -11.96 4.80
N GLY E 217 16.54 -25.08 13.88
N GLY E 217 30.60 -11.54 3.79
CA GLY E 217 15.19 -25.35 13.40
CA GLY E 217 30.32 -10.14 3.53
C GLY E 217 14.88 -24.69 12.07
C GLY E 217 29.28 -9.57 4.46
N ALA E 218 13.97 -25.29 11.29
N ALA E 218 29.54 -8.40 5.05
CA ALA E 218 13.61 -24.77 9.96
CA ALA E 218 28.61 -7.79 5.99
C ALA E 218 12.18 -25.16 9.53
C ALA E 218 28.39 -6.29 5.81
N ASP E 219 11.59 -24.41 8.57
N ASP E 219 27.22 -5.80 6.23
CA ASP E 219 10.25 -24.69 8.05
CA ASP E 219 26.85 -4.38 6.16
C ASP E 219 10.35 -25.58 6.76
C ASP E 219 27.16 -3.68 7.52
N GLY E 220 9.54 -25.33 5.73
N GLY E 220 26.35 -2.71 7.95
CA GLY E 220 9.57 -26.11 4.50
CA GLY E 220 26.58 -2.00 9.21
C GLY E 220 10.78 -25.87 3.62
C GLY E 220 26.22 -2.79 10.46
N GLY E 221 11.41 -24.72 3.77
N GLY E 221 25.48 -3.89 10.29
CA GLY E 221 12.58 -24.34 2.99
CA GLY E 221 25.07 -4.72 11.41
C GLY E 221 13.90 -24.74 3.63
C GLY E 221 25.68 -6.11 11.46
N GLY E 222 14.18 -24.18 4.80
N GLY E 222 26.71 -6.35 10.65
CA GLY E 222 15.41 -24.49 5.52
CA GLY E 222 27.41 -7.63 10.63
C GLY E 222 16.03 -23.30 6.23
C GLY E 222 26.61 -8.80 10.10
N THR E 223 15.23 -22.28 6.55
N THR E 223 25.84 -8.59 9.02
CA THR E 223 15.70 -21.07 7.21
CA THR E 223 25.01 -9.65 8.44
C THR E 223 16.07 -21.32 8.68
C THR E 223 25.71 -10.38 7.29
N THR E 224 17.32 -21.03 9.07
N THR E 224 25.93 -11.70 7.42
CA THR E 224 17.77 -21.23 10.45
CA THR E 224 26.59 -12.48 6.38
C THR E 224 17.79 -19.90 11.23
C THR E 224 25.58 -13.15 5.41
N PRO E 225 17.62 -19.91 12.57
N PRO E 225 25.99 -13.47 4.16
CA PRO E 225 17.60 -18.65 13.33
CA PRO E 225 25.03 -14.07 3.21
C PRO E 225 18.88 -17.82 13.29
C PRO E 225 24.46 -15.44 3.60
N LEU E 226 19.98 -18.37 12.75
N LEU E 226 25.10 -16.14 4.55
CA LEU E 226 21.24 -17.63 12.63
CA LEU E 226 24.60 -17.43 5.01
C LEU E 226 21.19 -16.68 11.42
C LEU E 226 23.29 -17.25 5.81
N HIS E 227 20.51 -17.09 10.34
N HIS E 227 23.11 -16.10 6.47
CA HIS E 227 20.38 -16.33 9.09
CA HIS E 227 21.90 -15.80 7.25
C HIS E 227 19.73 -14.95 9.27
C HIS E 227 20.70 -15.65 6.33
N LEU E 228 18.60 -14.87 9.97
N LEU E 228 20.85 -14.94 5.20
CA LEU E 228 17.90 -13.60 10.19
CA LEU E 228 19.77 -14.73 4.23
C LEU E 228 18.64 -12.67 11.17
C LEU E 228 19.45 -16.00 3.44
N ALA E 229 19.46 -13.24 12.06
N ALA E 229 20.46 -16.85 3.20
CA ALA E 229 20.29 -12.47 12.99
CA ALA E 229 20.27 -18.13 2.51
C ALA E 229 21.43 -11.78 12.22
C ALA E 229 19.45 -19.10 3.37
N ALA E 230 21.92 -12.41 11.14
N ALA E 230 19.59 -19.00 4.71
CA ALA E 230 22.98 -11.87 10.29
CA ALA E 230 18.84 -19.82 5.67
C ALA E 230 22.42 -11.03 9.11
C ALA E 230 17.54 -19.13 6.10
N THR E 231 21.20 -10.49 9.27
N THR E 231 16.92 -18.36 5.19
CA THR E 231 20.55 -9.63 8.27
CA THR E 231 15.65 -17.67 5.39
C THR E 231 20.31 -8.25 8.88
C THR E 231 14.66 -18.13 4.32
N SER E 232 19.81 -8.23 10.12
N SER E 232 15.13 -18.20 3.06
CA SER E 232 19.53 -7.00 10.86
CA SER E 232 14.36 -18.60 1.89
C SER E 232 20.81 -6.27 11.25
C SER E 232 13.99 -20.08 1.94
N GLY E 233 21.83 -7.03 11.62
N GLY E 233 14.92 -20.91 2.39
CA GLY E 233 23.11 -6.47 12.04
CA GLY E 233 14.73 -22.34 2.46
C GLY E 233 23.31 -6.52 13.54
C GLY E 233 15.36 -23.08 1.29
N GLN E 234 22.76 -7.55 14.19
N GLN E 234 16.46 -22.53 0.77
CA GLN E 234 22.85 -7.73 15.62
CA GLN E 234 17.19 -23.12 -0.36
C GLN E 234 24.08 -8.57 15.95
C GLN E 234 18.32 -23.99 0.19
N LEU E 235 25.16 -7.92 16.46
N LEU E 235 18.16 -25.33 0.19
CA LEU E 235 26.42 -8.59 16.79
CA LEU E 235 19.15 -26.28 0.69
C LEU E 235 26.25 -9.57 17.97
C LEU E 235 20.47 -26.22 -0.08
N THR E 236 25.55 -9.15 19.02
N THR E 236 20.39 -26.19 -1.42
CA THR E 236 25.35 -9.94 20.24
CA THR E 236 21.54 -26.18 -2.31
C THR E 236 24.51 -11.21 20.01
C THR E 236 22.44 -24.95 -2.11
N ILE E 237 23.39 -11.11 19.26
N ILE E 237 21.85 -23.75 -1.96
CA ILE E 237 22.52 -12.26 18.97
CA ILE E 237 22.60 -22.50 -1.76
C ILE E 237 23.26 -13.39 18.23
C ILE E 237 23.44 -22.53 -0.46
N VAL E 238 24.17 -13.03 17.30
N VAL E 238 22.91 -23.12 0.61
CA VAL E 238 24.97 -14.00 16.55
CA VAL E 238 23.65 -23.23 1.86
C VAL E 238 25.90 -14.74 17.53
C VAL E 238 24.84 -24.18 1.65
N GLU E 239 26.59 -13.99 18.39
N GLU E 239 24.57 -25.34 1.03
CA GLU E 239 27.48 -14.56 19.41
CA GLU E 239 25.59 -26.34 0.71
C GLU E 239 26.74 -15.44 20.41
C GLU E 239 26.67 -25.80 -0.22
N ILE E 240 25.45 -15.15 20.66
N ILE E 240 26.34 -24.80 -1.06
CA ILE E 240 24.60 -15.91 21.58
CA ILE E 240 27.28 -24.15 -1.97
C ILE E 240 24.32 -17.31 21.01
C ILE E 240 28.23 -23.25 -1.18
N LEU E 241 23.89 -17.38 19.75
N LEU E 241 27.68 -22.38 -0.32
CA LEU E 241 23.57 -18.65 19.11
CA LEU E 241 28.45 -21.44 0.48
C LEU E 241 24.80 -19.55 18.92
C LEU E 241 29.45 -22.13 1.42
N LEU E 242 25.95 -18.96 18.63
N LEU E 242 29.01 -23.18 2.13
CA LEU E 242 27.19 -19.73 18.44
CA LEU E 242 29.85 -23.93 3.05
C LEU E 242 27.76 -20.27 19.76
C LEU E 242 30.97 -24.70 2.33
N ARG E 243 27.49 -19.59 20.88
N ARG E 243 30.73 -25.11 1.07
CA ARG E 243 27.96 -20.03 22.19
CA ARG E 243 31.73 -25.80 0.24
C ARG E 243 27.04 -21.07 22.86
C ARG E 243 32.87 -24.88 -0.23
N GLN E 244 25.85 -21.34 22.29
N GLN E 244 32.63 -23.55 -0.24
CA GLN E 244 24.93 -22.30 22.90
CA GLN E 244 33.65 -22.58 -0.67
C GLN E 244 24.95 -23.68 22.20
C GLN E 244 34.47 -22.09 0.52
N GLY E 245 24.75 -23.71 20.88
N GLY E 245 33.80 -21.69 1.60
CA GLY E 245 24.75 -24.98 20.16
CA GLY E 245 34.46 -21.20 2.80
C GLY E 245 24.28 -24.91 18.71
C GLY E 245 33.63 -20.25 3.64
N ALA E 246 24.57 -23.80 18.01
N ALA E 246 32.34 -20.56 3.84
CA ALA E 246 24.17 -23.67 16.61
CA ALA E 246 31.46 -19.73 4.67
C ALA E 246 25.37 -23.84 15.67
C ALA E 246 31.57 -20.13 6.13
N ASP E 247 25.10 -24.26 14.42
N ASP E 247 31.43 -19.15 7.05
CA ASP E 247 26.17 -24.44 13.44
CA ASP E 247 31.51 -19.44 8.48
C ASP E 247 26.23 -23.31 12.40
C ASP E 247 30.15 -19.79 9.09
N VAL E 248 27.38 -23.18 11.75
N VAL E 248 30.07 -21.01 9.62
CA VAL E 248 27.64 -22.15 10.73
CA VAL E 248 28.87 -21.55 10.27
C VAL E 248 27.53 -22.69 9.30
C VAL E 248 28.68 -20.94 11.68
N ASN E 249 27.70 -24.02 9.11
N ASN E 249 29.78 -20.59 12.37
CA ASN E 249 27.60 -24.62 7.78
CA ASN E 249 29.71 -19.97 13.69
C ASN E 249 26.15 -24.96 7.35
C ASN E 249 29.98 -18.47 13.57
N ALA E 250 25.14 -24.50 8.12
N ALA E 250 28.97 -17.69 13.13
CA ALA E 250 23.72 -24.74 7.81
CA ALA E 250 29.12 -16.25 12.95
C ALA E 250 23.23 -23.89 6.64
C ALA E 250 27.86 -15.52 13.42
N ALA E 251 22.27 -24.41 5.85
N ALA E 251 28.01 -14.42 14.16
CA ALA E 251 21.73 -23.69 4.69
CA ALA E 251 26.86 -13.66 14.67
C ALA E 251 20.30 -24.12 4.33
C ALA E 251 26.81 -12.21 14.17
N ASP E 252 19.56 -23.26 3.60
N ASP E 252 25.61 -11.61 14.17
CA ASP E 252 18.19 -23.55 3.14
CA ASP E 252 25.43 -10.21 13.73
C ASP E 252 18.19 -24.30 1.78
C ASP E 252 25.53 -9.22 14.94
N ASN E 253 17.04 -24.39 1.07
N ASN E 253 24.86 -8.05 14.91
CA ASN E 253 16.97 -25.06 -0.24
CA ASN E 253 24.90 -7.08 16.01
C ASN E 253 17.76 -24.34 -1.33
C ASN E 253 24.11 -7.58 17.23
N THR E 254 18.01 -23.02 -1.17
N THR E 254 23.03 -8.34 16.99
CA THR E 254 18.79 -22.22 -2.12
CA THR E 254 22.20 -8.89 18.07
C THR E 254 20.31 -22.25 -1.85
C THR E 254 22.64 -10.29 18.55
N GLY E 255 20.76 -23.04 -0.87
N GLY E 255 23.56 -10.93 17.83
CA GLY E 255 22.17 -23.17 -0.53
CA GLY E 255 24.07 -12.25 18.19
C GLY E 255 22.79 -22.01 0.22
C GLY E 255 23.41 -13.41 17.46
N THR E 256 21.97 -21.02 0.60
N THR E 256 22.72 -13.13 16.35
CA THR E 256 22.46 -19.84 1.30
CA THR E 256 22.04 -14.17 15.59
C THR E 256 22.82 -20.10 2.76
C THR E 256 22.99 -14.95 14.69
N THR E 257 24.10 -19.92 3.11
N THR E 257 23.07 -16.27 14.90
CA THR E 257 24.58 -20.08 4.49
CA THR E 257 23.89 -17.17 14.08
C THR E 257 24.58 -18.71 5.23
C THR E 257 23.02 -17.82 12.96
N PRO E 258 24.72 -18.67 6.58
N PRO E 258 23.61 -18.42 11.90
CA PRO E 258 24.71 -17.37 7.28
CA PRO E 258 22.76 -19.03 10.85
C PRO E 258 25.85 -16.42 6.89
C PRO E 258 21.85 -20.17 11.34
N LEU E 259 26.94 -16.95 6.32
N LEU E 259 22.18 -20.77 12.49
CA LEU E 259 28.05 -16.13 5.85
CA LEU E 259 21.37 -21.82 13.10
C LEU E 259 27.69 -15.41 4.53
C LEU E 259 20.14 -21.23 13.83
N HIS E 260 26.79 -16.00 3.71
N HIS E 260 20.24 -19.97 14.33
CA HIS E 260 26.34 -15.39 2.46
CA HIS E 260 19.13 -19.30 15.01
C HIS E 260 25.47 -14.18 2.74
C HIS E 260 18.01 -19.02 14.03
N LEU E 261 24.56 -14.29 3.72
N LEU E 261 18.35 -18.53 12.82
CA LEU E 261 23.68 -13.17 4.07
CA LEU E 261 17.34 -18.22 11.80
C LEU E 261 24.38 -12.06 4.89
C LEU E 261 16.81 -19.47 11.07
N ALA E 262 25.61 -12.33 5.39
N ALA E 262 17.51 -20.62 11.18
CA ALA E 262 26.40 -11.35 6.13
CA ALA E 262 17.09 -21.88 10.58
C ALA E 262 27.01 -10.35 5.14
C ALA E 262 15.91 -22.47 11.36
N ALA E 263 27.49 -10.83 3.99
N ALA E 263 15.95 -22.36 12.70
CA ALA E 263 28.02 -9.97 2.93
CA ALA E 263 14.85 -22.80 13.56
C ALA E 263 26.87 -9.32 2.11
C ALA E 263 13.68 -21.79 13.50
N TYR E 264 25.67 -9.94 2.11
N TYR E 264 14.01 -20.50 13.31
CA TYR E 264 24.47 -9.50 1.41
CA TYR E 264 13.09 -19.37 13.21
C TYR E 264 23.93 -8.19 2.01
C TYR E 264 12.11 -19.54 12.04
N SER E 265 23.97 -8.06 3.34
N SER E 265 12.61 -19.96 10.86
CA SER E 265 23.45 -6.86 4.01
CA SER E 265 11.75 -20.11 9.68
C SER E 265 24.55 -5.83 4.28
C SER E 265 11.10 -21.49 9.57
N GLY E 266 25.75 -6.30 4.60
N GLY E 266 11.88 -22.55 9.77
CA GLY E 266 26.89 -5.43 4.84
CA GLY E 266 11.37 -23.92 9.72
C GLY E 266 27.21 -5.16 6.30
C GLY E 266 11.83 -24.74 8.53
N HIS E 267 27.49 -6.22 7.06
N HIS E 267 13.15 -24.84 8.33
CA HIS E 267 27.84 -6.07 8.49
CA HIS E 267 13.71 -25.63 7.23
C HIS E 267 29.17 -6.77 8.80
C HIS E 267 14.64 -26.71 7.77
N LEU E 268 30.26 -5.98 8.88
N LEU E 268 14.08 -27.90 8.04
CA LEU E 268 31.62 -6.44 9.13
CA LEU E 268 14.77 -29.07 8.61
C LEU E 268 31.79 -7.28 10.40
C LEU E 268 16.11 -29.41 7.98
N GLU E 269 31.19 -6.83 11.50
N GLU E 269 16.19 -29.41 6.65
CA GLU E 269 31.29 -7.50 12.81
CA GLU E 269 17.41 -29.75 5.93
C GLU E 269 30.71 -8.91 12.81
C GLU E 269 18.53 -28.70 6.11
N ILE E 270 29.77 -9.21 11.89
N ILE E 270 18.16 -27.44 6.40
CA ILE E 270 29.17 -10.53 11.80
CA ILE E 270 19.14 -26.38 6.65
C ILE E 270 30.08 -11.49 11.03
C ILE E 270 19.75 -26.55 8.04
N VAL E 271 30.66 -11.03 9.91
N VAL E 271 18.92 -26.88 9.04
CA VAL E 271 31.57 -11.82 9.09
CA VAL E 271 19.36 -27.12 10.41
C VAL E 271 32.79 -12.26 9.89
C VAL E 271 20.32 -28.31 10.45
N GLU E 272 33.35 -11.34 10.69
N GLU E 272 19.99 -29.38 9.70
CA GLU E 272 34.52 -11.59 11.54
CA GLU E 272 20.80 -30.59 9.61
C GLU E 272 34.21 -12.61 12.63
C GLU E 272 22.14 -30.32 8.94
N VAL E 273 33.04 -12.47 13.30
N VAL E 273 22.13 -29.58 7.82
CA VAL E 273 32.59 -13.39 14.34
CA VAL E 273 23.34 -29.23 7.05
C VAL E 273 32.35 -14.80 13.77
C VAL E 273 24.29 -28.37 7.91
N LEU E 274 31.85 -14.88 12.53
N LEU E 274 23.75 -27.50 8.76
CA LEU E 274 31.62 -16.15 11.83
CA LEU E 274 24.56 -26.67 9.66
C LEU E 274 32.95 -16.84 11.53
C LEU E 274 25.19 -27.55 10.72
N LEU E 275 33.96 -16.06 11.12
N LEU E 275 24.42 -28.49 11.30
CA LEU E 275 35.30 -16.57 10.82
CA LEU E 275 24.91 -29.44 12.31
C LEU E 275 36.06 -17.07 12.05
C LEU E 275 25.96 -30.39 11.76
N LYS E 276 35.67 -16.63 13.26
N LYS E 276 25.89 -30.72 10.46
CA LYS E 276 36.28 -17.08 14.51
CA LYS E 276 26.87 -31.60 9.82
C LYS E 276 35.70 -18.41 15.03
C LYS E 276 28.19 -30.86 9.50
N HIS E 277 34.73 -19.02 14.32
N HIS E 277 28.18 -29.52 9.47
CA HIS E 277 34.13 -20.29 14.71
CA HIS E 277 29.37 -28.72 9.20
C HIS E 277 34.11 -21.33 13.57
C HIS E 277 29.92 -27.96 10.42
N GLY E 278 35.03 -21.20 12.62
N GLY E 278 29.44 -28.30 11.62
CA GLY E 278 35.14 -22.12 11.50
CA GLY E 278 29.91 -27.68 12.86
C GLY E 278 34.21 -21.83 10.35
C GLY E 278 29.07 -26.54 13.40
N ALA E 279 34.39 -20.69 9.68
N ALA E 279 27.83 -26.83 13.81
CA ALA E 279 33.56 -20.33 8.54
CA ALA E 279 26.95 -25.79 14.35
C ALA E 279 34.06 -20.95 7.25
C ALA E 279 27.11 -25.61 15.86
N ASP E 280 33.15 -21.27 6.34
N ASP E 280 26.82 -24.40 16.34
CA ASP E 280 33.52 -21.81 5.03
CA ASP E 280 26.89 -24.10 17.78
C ASP E 280 33.63 -20.61 4.10
C ASP E 280 25.62 -24.65 18.42
N VAL E 281 34.87 -20.12 3.89
N VAL E 281 25.74 -25.71 19.23
CA VAL E 281 35.14 -18.94 3.06
CA VAL E 281 24.59 -26.33 19.86
C VAL E 281 34.91 -19.21 1.55
C VAL E 281 24.03 -25.49 21.04
N ASP E 282 34.82 -20.48 1.13
N ASP E 282 24.86 -24.62 21.64
CA ASP E 282 34.57 -20.83 -0.27
CA ASP E 282 24.43 -23.78 22.76
C ASP E 282 33.25 -21.62 -0.38
C ASP E 282 24.97 -22.35 22.62
N ALA E 283 32.23 -21.22 0.38
N ALA E 283 24.64 -21.68 21.51
CA ALA E 283 30.93 -21.90 0.38
CA ALA E 283 25.08 -20.30 21.24
C ALA E 283 30.16 -21.63 -0.92
C ALA E 283 24.28 -19.31 22.09
N SER E 284 29.73 -22.70 -1.61
N SER E 284 24.92 -18.22 22.53
CA SER E 284 29.00 -22.55 -2.86
CA SER E 284 24.26 -17.22 23.37
C SER E 284 27.52 -22.92 -2.73
C SER E 284 24.23 -15.82 22.74
N ASP E 285 26.63 -22.02 -3.16
N ASP E 285 23.03 -15.27 22.52
CA ASP E 285 25.18 -22.25 -3.10
CA ASP E 285 22.87 -13.93 21.96
C ASP E 285 24.65 -22.94 -4.41
C ASP E 285 22.49 -12.88 23.05
N VAL E 286 23.33 -22.97 -4.65
N VAL E 286 22.14 -11.63 22.68
CA VAL E 286 22.79 -23.59 -5.87
CA VAL E 286 21.77 -10.60 23.66
C VAL E 286 23.16 -22.80 -7.14
C VAL E 286 20.43 -10.90 24.35
N PHE E 287 23.35 -21.48 -7.02
N PHE E 287 19.53 -11.62 23.67
CA PHE E 287 23.76 -20.64 -8.14
CA PHE E 287 18.25 -12.01 24.27
C PHE E 287 25.27 -20.78 -8.46
C PHE E 287 18.43 -13.17 25.28
N GLY E 288 26.07 -21.23 -7.48
N GLY E 288 19.45 -14.00 25.08
CA GLY E 288 27.50 -21.38 -7.63
CA GLY E 288 19.73 -15.16 25.92
C GLY E 288 28.32 -20.29 -6.96
C GLY E 288 19.33 -16.48 25.29
N TYR E 289 27.64 -19.21 -6.50
N TYR E 289 18.60 -16.43 24.16
CA TYR E 289 28.22 -18.03 -5.85
CA TYR E 289 18.10 -17.58 23.42
C TYR E 289 28.92 -18.34 -4.53
C TYR E 289 19.20 -18.43 22.78
N THR E 290 30.07 -17.71 -4.30
N THR E 290 19.07 -19.74 22.92
CA THR E 290 30.85 -17.83 -3.07
CA THR E 290 19.96 -20.73 22.29
C THR E 290 30.71 -16.53 -2.24
C THR E 290 19.25 -21.31 21.04
N PRO E 291 31.06 -16.53 -0.93
N PRO E 291 19.93 -22.02 20.12
CA PRO E 291 30.90 -15.30 -0.13
CA PRO E 291 19.23 -22.57 18.94
C PRO E 291 31.70 -14.08 -0.59
C PRO E 291 18.06 -23.51 19.26
N LEU E 292 32.65 -14.26 -1.51
N LEU E 292 18.01 -24.05 20.50
CA LEU E 292 33.48 -13.17 -2.02
CA LEU E 292 16.95 -24.95 20.94
C LEU E 292 32.75 -12.36 -3.10
C LEU E 292 15.72 -24.17 21.43
N HIS E 293 31.88 -13.02 -3.89
N HIS E 293 15.93 -22.98 22.00
CA HIS E 293 31.12 -12.37 -4.97
CA HIS E 293 14.86 -22.13 22.54
C HIS E 293 30.13 -11.34 -4.42
C HIS E 293 14.00 -21.43 21.46
N LEU E 294 29.53 -11.63 -3.27
N LEU E 294 14.38 -21.54 20.19
CA LEU E 294 28.57 -10.72 -2.65
CA LEU E 294 13.64 -20.90 19.11
C LEU E 294 29.23 -9.56 -1.91
C LEU E 294 12.79 -21.89 18.31
N ALA E 295 30.49 -9.73 -1.46
N ALA E 295 13.24 -23.15 18.19
CA ALA E 295 31.22 -8.67 -0.75
CA ALA E 295 12.52 -24.17 17.44
C ALA E 295 31.62 -7.52 -1.67
C ALA E 295 11.23 -24.62 18.12
N ALA E 296 31.75 -7.77 -2.98
N ALA E 296 11.16 -24.53 19.45
CA ALA E 296 32.12 -6.74 -3.94
CA ALA E 296 9.96 -24.92 20.18
C ALA E 296 30.93 -6.22 -4.76
C ALA E 296 9.00 -23.75 20.45
N TYR E 297 29.79 -6.94 -4.77
N TYR E 297 9.29 -22.54 19.92
CA TYR E 297 28.61 -6.57 -5.54
CA TYR E 297 8.44 -21.37 20.13
C TYR E 297 27.89 -5.32 -5.02
C TYR E 297 7.36 -21.25 19.07
N TRP E 298 27.90 -5.08 -3.70
N TRP E 298 7.68 -21.56 17.80
CA TRP E 298 27.21 -3.93 -3.13
CA TRP E 298 6.70 -21.46 16.72
C TRP E 298 28.13 -2.72 -2.87
C TRP E 298 5.99 -22.79 16.41
N GLY E 299 29.27 -2.95 -2.23
N GLY E 299 6.71 -23.89 16.59
CA GLY E 299 30.21 -1.87 -1.96
CA GLY E 299 6.13 -25.21 16.36
C GLY E 299 30.64 -1.75 -0.51
C GLY E 299 6.82 -26.01 15.27
N HIS E 300 31.43 -2.73 -0.03
N HIS E 300 7.99 -26.59 15.57
CA HIS E 300 31.93 -2.73 1.34
CA HIS E 300 8.74 -27.41 14.62
C HIS E 300 33.40 -3.11 1.34
C HIS E 300 9.48 -28.53 15.36
N LEU E 301 34.30 -2.11 1.47
N LEU E 301 8.78 -29.65 15.60
CA LEU E 301 35.74 -2.31 1.46
CA LEU E 301 9.32 -30.80 16.32
C LEU E 301 36.24 -3.19 2.60
C LEU E 301 10.53 -31.44 15.65
N GLU E 302 35.65 -3.05 3.78
N GLU E 302 10.53 -31.52 14.32
CA GLU E 302 36.05 -3.79 4.97
CA GLU E 302 11.62 -32.12 13.56
C GLU E 302 35.79 -5.30 4.88
C GLU E 302 12.97 -31.45 13.84
N ILE E 303 34.67 -5.70 4.29
N ILE E 303 12.98 -30.13 14.01
CA ILE E 303 34.29 -7.12 4.18
CA ILE E 303 14.18 -29.36 14.29
C ILE E 303 35.21 -7.90 3.24
C ILE E 303 14.73 -29.60 15.70
N VAL E 304 35.65 -7.28 2.14
N VAL E 304 13.82 -29.72 16.69
CA VAL E 304 36.54 -7.93 1.19
CA VAL E 304 14.21 -29.97 18.08
C VAL E 304 37.92 -8.17 1.80
C VAL E 304 14.83 -31.36 18.24
N GLU E 305 38.41 -7.20 2.57
N GLU E 305 14.27 -32.35 17.54
CA GLU E 305 39.72 -7.28 3.20
CA GLU E 305 14.74 -33.74 17.59
C GLU E 305 39.79 -8.28 4.37
C GLU E 305 16.15 -33.95 17.03
N VAL E 306 38.64 -8.64 4.97
N VAL E 306 16.53 -33.17 16.01
CA VAL E 306 38.61 -9.60 6.06
CA VAL E 306 17.86 -33.29 15.41
C VAL E 306 38.42 -11.02 5.50
C VAL E 306 18.92 -32.54 16.24
N LEU E 307 37.56 -11.17 4.49
N LEU E 307 18.59 -31.31 16.68
CA LEU E 307 37.30 -12.45 3.83
CA LEU E 307 19.51 -30.50 17.48
C LEU E 307 38.57 -13.01 3.17
C LEU E 307 19.79 -31.07 18.86
N LEU E 308 39.29 -12.17 2.42
N LEU E 308 18.81 -31.75 19.48
CA LEU E 308 40.52 -12.57 1.74
CA LEU E 308 18.99 -32.34 20.80
C LEU E 308 41.65 -12.88 2.72
C LEU E 308 19.98 -33.51 20.80
N LYS E 309 41.66 -12.24 3.89
N LYS E 309 20.12 -34.21 19.66
CA LYS E 309 42.68 -12.50 4.90
CA LYS E 309 21.06 -35.31 19.54
C LYS E 309 42.38 -13.72 5.77
C LYS E 309 22.53 -34.87 19.35
N ASN E 310 41.53 -14.65 5.28
N ASN E 310 22.81 -33.56 19.41
CA ASN E 310 41.18 -15.88 6.00
CA ASN E 310 24.18 -33.05 19.24
C ASN E 310 41.37 -17.17 5.18
C ASN E 310 24.76 -32.46 20.53
N GLY E 311 41.93 -17.06 3.98
N GLY E 311 24.33 -32.98 21.68
CA GLY E 311 42.17 -18.21 3.11
CA GLY E 311 24.81 -32.52 22.97
C GLY E 311 41.22 -18.29 1.94
C GLY E 311 24.15 -31.23 23.44
N ALA E 312 40.72 -17.14 1.47
N ALA E 312 22.88 -31.03 23.09
CA ALA E 312 39.79 -17.12 0.34
CA ALA E 312 22.15 -29.83 23.49
C ALA E 312 40.50 -17.33 -0.99
C ALA E 312 21.74 -29.87 24.97
N ASP E 313 39.82 -17.98 -1.93
N ASP E 313 21.50 -28.69 25.57
CA ASP E 313 40.38 -18.24 -3.24
CA ASP E 313 21.11 -28.61 26.96
C ASP E 313 40.17 -17.02 -4.15
C ASP E 313 19.59 -28.46 27.07
N VAL E 314 41.26 -16.39 -4.57
N VAL E 314 18.90 -29.51 27.51
CA VAL E 314 41.18 -15.23 -5.46
CA VAL E 314 17.44 -29.46 27.70
C VAL E 314 40.79 -15.62 -6.91
C VAL E 314 17.03 -28.65 28.97
N ASN E 315 40.95 -16.90 -7.27
N ASN E 315 18.02 -28.11 29.71
CA ASN E 315 40.58 -17.43 -8.58
CA ASN E 315 17.83 -27.26 30.88
C ASN E 315 39.33 -18.32 -8.40
C ASN E 315 18.54 -25.90 30.65
N ALA E 316 38.34 -17.84 -7.63
N ALA E 316 18.57 -25.41 29.39
CA ALA E 316 37.12 -18.59 -7.36
CA ALA E 316 19.23 -24.15 29.07
C ALA E 316 36.23 -18.64 -8.60
C ALA E 316 18.37 -22.97 29.50
N MET E 317 35.59 -19.78 -8.83
N MET E 317 19.01 -21.90 29.95
CA MET E 317 34.71 -19.94 -9.98
CA MET E 317 18.30 -20.71 30.41
C MET E 317 33.26 -20.27 -9.57
C MET E 317 18.61 -19.47 29.56
N ASP E 318 32.32 -20.05 -10.49
N ASP E 318 17.74 -18.46 29.63
CA ASP E 318 30.89 -20.29 -10.26
CA ASP E 318 17.91 -17.21 28.90
C ASP E 318 30.22 -20.95 -11.50
C ASP E 318 17.90 -15.99 29.87
N SER E 319 28.88 -21.01 -11.57
N SER E 319 17.72 -14.75 29.39
CA SER E 319 28.19 -21.60 -12.72
CA SER E 319 17.68 -13.58 30.26
C SER E 319 28.39 -20.77 -14.00
C SER E 319 16.46 -13.65 31.21
N ASP E 320 28.61 -19.45 -13.86
N ASP E 320 15.34 -14.20 30.72
CA ASP E 320 28.85 -18.56 -14.99
CA ASP E 320 14.13 -14.35 31.52
C ASP E 320 30.34 -18.51 -15.42
C ASP E 320 14.22 -15.54 32.47
N GLY E 321 31.25 -18.90 -14.52
N GLY E 321 14.87 -16.61 32.02
CA GLY E 321 32.68 -18.91 -14.80
CA GLY E 321 15.02 -17.83 32.80
C GLY E 321 33.36 -17.56 -14.63
C GLY E 321 14.11 -18.97 32.40
N MET E 322 32.73 -16.65 -13.88
N MET E 322 13.38 -18.82 31.28
CA MET E 322 33.28 -15.32 -13.65
CA MET E 322 12.45 -19.82 30.79
C MET E 322 34.13 -15.28 -12.38
C MET E 322 13.18 -21.00 30.17
N THR E 323 35.42 -14.92 -12.52
N THR E 323 13.18 -22.15 30.85
CA THR E 323 36.35 -14.81 -11.39
CA THR E 323 13.82 -23.39 30.39
C THR E 323 36.03 -13.54 -10.54
C THR E 323 13.04 -23.99 29.19
N PRO E 324 36.42 -13.48 -9.25
N PRO E 324 13.63 -24.88 28.36
CA PRO E 324 36.07 -12.30 -8.43
CA PRO E 324 12.88 -25.43 27.20
C PRO E 324 36.42 -10.92 -9.02
C PRO E 324 11.48 -25.97 27.49
N LEU E 325 37.40 -10.85 -9.92
N LEU E 325 11.24 -26.50 28.71
CA LEU E 325 37.80 -9.58 -10.54
CA LEU E 325 9.94 -27.03 29.10
C LEU E 325 36.80 -9.12 -11.61
C LEU E 325 8.89 -25.92 29.28
N HIS E 326 36.09 -10.06 -12.25
N HIS E 326 9.32 -24.72 29.70
CA HIS E 326 35.12 -9.76 -13.31
CA HIS E 326 8.43 -23.57 29.91
C HIS E 326 33.94 -8.93 -12.79
C HIS E 326 7.74 -23.14 28.62
N LEU E 327 33.30 -9.37 -11.70
N LEU E 327 8.52 -22.88 27.55
CA LEU E 327 32.16 -8.65 -11.11
CA LEU E 327 8.01 -22.43 26.26
C LEU E 327 32.58 -7.34 -10.45
C LEU E 327 7.18 -23.51 25.55
N ALA E 328 33.79 -7.29 -9.90
N ALA E 328 7.51 -24.79 25.79
CA ALA E 328 34.32 -6.09 -9.25
CA ALA E 328 6.78 -25.90 25.19
C ALA E 328 34.63 -4.98 -10.25
C ALA E 328 5.41 -26.05 25.85
N ALA E 329 35.03 -5.34 -11.48
N ALA E 329 5.34 -25.87 27.17
CA ALA E 329 35.33 -4.36 -12.52
CA ALA E 329 4.07 -25.98 27.89
C ALA E 329 34.10 -3.95 -13.34
C ALA E 329 3.28 -24.66 27.96
N LYS E 330 33.09 -4.83 -13.42
N LYS E 330 3.81 -23.57 27.38
CA LYS E 330 31.88 -4.55 -14.20
CA LYS E 330 3.13 -22.27 27.40
C LYS E 330 31.01 -3.47 -13.54
C LYS E 330 2.23 -22.13 26.18
N TRP E 331 30.84 -3.55 -12.21
N TRP E 331 2.73 -22.52 25.00
CA TRP E 331 30.01 -2.57 -11.51
CA TRP E 331 1.95 -22.38 23.78
C TRP E 331 30.69 -1.24 -11.19
C TRP E 331 1.20 -23.64 23.35
N GLY E 332 31.94 -1.06 -11.63
N GLY E 332 0.95 -24.55 24.30
CA GLY E 332 32.68 0.18 -11.46
CA GLY E 332 0.19 -25.77 24.11
C GLY E 332 33.09 0.57 -10.05
C GLY E 332 0.68 -26.77 23.09
N TYR E 333 34.05 -0.17 -9.48
N TYR E 333 1.74 -27.52 23.43
CA TYR E 333 34.55 0.15 -8.14
CA TYR E 333 2.26 -28.55 22.53
C TYR E 333 36.08 0.10 -8.14
C TYR E 333 2.30 -29.90 23.24
N LEU E 334 36.72 1.27 -8.07
N LEU E 334 1.35 -30.80 22.92
CA LEU E 334 38.17 1.43 -8.11
CA LEU E 334 1.26 -32.12 23.53
C LEU E 334 38.94 0.77 -6.96
C LEU E 334 2.35 -33.11 23.08
N GLU E 335 38.38 0.77 -5.75
N GLU E 335 3.06 -32.81 21.99
CA GLU E 335 39.07 0.21 -4.59
CA GLU E 335 4.08 -33.71 21.48
C GLU E 335 39.13 -1.32 -4.56
C GLU E 335 5.49 -33.28 21.90
N ILE E 336 38.01 -2.01 -4.86
N ILE E 336 5.76 -31.97 21.96
CA ILE E 336 37.93 -3.46 -4.84
CA ILE E 336 7.06 -31.42 22.34
C ILE E 336 38.90 -4.14 -5.81
C ILE E 336 7.40 -31.68 23.81
N VAL E 337 38.97 -3.68 -7.07
N VAL E 337 6.42 -31.54 24.72
CA VAL E 337 39.88 -4.25 -8.06
CA VAL E 337 6.66 -31.78 26.15
C VAL E 337 41.36 -4.05 -7.67
C VAL E 337 7.00 -33.25 26.44
N GLU E 338 41.67 -2.97 -6.94
N GLU E 338 6.51 -34.18 25.61
CA GLU E 338 43.03 -2.70 -6.48
CA GLU E 338 6.84 -35.61 25.76
C GLU E 338 43.40 -3.68 -5.35
C GLU E 338 8.27 -35.90 25.27
N VAL E 339 42.43 -4.01 -4.47
N VAL E 339 8.75 -35.13 24.27
CA VAL E 339 42.62 -4.95 -3.37
CA VAL E 339 10.10 -35.24 23.73
C VAL E 339 42.74 -6.38 -3.91
C VAL E 339 11.09 -34.71 24.79
N LEU E 340 41.95 -6.71 -4.94
N LEU E 340 10.75 -33.58 25.43
CA LEU E 340 42.00 -8.04 -5.58
CA LEU E 340 11.58 -32.99 26.48
C LEU E 340 43.29 -8.23 -6.41
C LEU E 340 11.59 -33.82 27.77
N LEU E 341 43.87 -7.13 -6.91
N LEU E 341 10.54 -34.62 28.01
CA LEU E 341 45.12 -7.18 -7.68
CA LEU E 341 10.47 -35.52 29.16
C LEU E 341 46.28 -7.56 -6.77
C LEU E 341 11.45 -36.69 28.94
N LYS E 342 46.28 -7.04 -5.52
N LYS E 342 11.58 -37.17 27.68
CA LYS E 342 47.31 -7.32 -4.52
CA LYS E 342 12.51 -38.24 27.30
C LYS E 342 47.37 -8.80 -4.14
C LYS E 342 13.97 -37.80 27.45
N HIS E 343 46.21 -9.48 -4.15
N HIS E 343 14.25 -36.50 27.31
CA HIS E 343 46.16 -10.89 -3.80
CA HIS E 343 15.59 -35.94 27.46
C HIS E 343 46.67 -11.78 -4.93
C HIS E 343 15.94 -35.66 28.93
N GLY E 344 46.28 -11.49 -6.16
N GLY E 344 14.94 -35.42 29.77
CA GLY E 344 46.75 -12.27 -7.31
CA GLY E 344 15.14 -35.21 31.20
C GLY E 344 45.67 -12.74 -8.27
C GLY E 344 15.32 -33.77 31.62
N ALA E 345 44.66 -11.90 -8.52
N ALA E 345 14.22 -33.04 31.77
CA ALA E 345 43.59 -12.25 -9.44
CA ALA E 345 14.27 -31.64 32.20
C ALA E 345 44.05 -12.19 -10.92
C ALA E 345 13.58 -31.43 33.56
N ASP E 346 43.34 -12.90 -11.81
N ASP E 346 13.87 -30.30 34.24
CA ASP E 346 43.69 -12.88 -13.23
CA ASP E 346 13.25 -30.01 35.53
C ASP E 346 42.67 -12.08 -14.04
C ASP E 346 11.81 -29.56 35.33
N VAL E 347 43.12 -11.41 -15.10
N VAL E 347 10.87 -30.24 36.00
CA VAL E 347 42.23 -10.58 -15.93
CA VAL E 347 9.45 -29.94 35.89
C VAL E 347 41.75 -11.31 -17.19
C VAL E 347 9.07 -28.72 36.73
N ASN E 348 42.67 -11.88 -18.00
N ASN E 348 9.75 -28.51 37.87
CA ASN E 348 42.27 -12.55 -19.24
CA ASN E 348 9.47 -27.37 38.75
C ASN E 348 41.73 -13.98 -19.05
C ASN E 348 10.62 -26.35 38.66
N ALA E 349 40.80 -14.15 -18.10
N ALA E 349 10.87 -25.82 37.46
CA ALA E 349 40.19 -15.45 -17.84
CA ALA E 349 11.96 -24.86 37.25
C ALA E 349 39.08 -15.75 -18.85
C ALA E 349 11.63 -23.50 37.82
N GLN E 350 38.82 -17.03 -19.09
N GLN E 350 12.64 -22.80 38.33
CA GLN E 350 37.78 -17.43 -20.04
CA GLN E 350 12.44 -21.47 38.91
C GLN E 350 36.52 -17.90 -19.30
C GLN E 350 13.07 -20.39 38.03
N ASP E 351 35.34 -17.62 -19.87
N ASP E 351 12.43 -19.23 37.95
CA ASP E 351 34.07 -18.02 -19.27
CA ASP E 351 12.93 -18.10 37.16
C ASP E 351 33.08 -18.58 -20.34
C ASP E 351 12.94 -16.78 37.99
N LYS E 352 31.76 -18.55 -20.08
N LYS E 352 12.96 -15.60 37.34
CA LYS E 352 30.77 -19.07 -21.02
CA LYS E 352 12.97 -14.32 38.03
C LYS E 352 30.68 -18.15 -22.24
C LYS E 352 11.63 -14.08 38.73
N PHE E 353 30.64 -16.83 -21.99
N PHE E 353 10.53 -14.42 38.05
CA PHE E 353 30.57 -15.84 -23.07
CA PHE E 353 9.18 -14.30 38.59
C PHE E 353 31.93 -15.71 -23.76
C PHE E 353 8.95 -15.35 39.69
N GLY E 354 33.00 -15.70 -22.98
N GLY E 354 9.45 -16.56 39.47
CA GLY E 354 34.36 -15.52 -23.46
CA GLY E 354 9.29 -17.68 40.38
C GLY E 354 34.79 -14.09 -23.22
C GLY E 354 8.34 -18.75 39.86
N LYS E 355 34.52 -13.57 -22.02
N LYS E 355 7.75 -18.53 38.67
CA LYS E 355 34.83 -12.18 -21.67
CA LYS E 355 6.79 -19.42 38.05
C LYS E 355 35.84 -12.05 -20.53
C LYS E 355 7.40 -20.74 37.56
N THR E 356 36.51 -10.88 -20.46
N THR E 356 6.62 -21.83 37.66
CA THR E 356 37.51 -10.53 -19.45
CA THR E 356 7.03 -23.16 37.24
C THR E 356 37.08 -9.22 -18.73
C THR E 356 6.19 -23.62 36.03
N PRO E 357 37.51 -8.95 -17.49
N PRO E 357 6.72 -24.51 35.16
CA PRO E 357 37.10 -7.71 -16.81
CA PRO E 357 5.92 -24.94 33.99
C PRO E 357 37.42 -6.41 -17.56
C PRO E 357 4.50 -25.41 34.27
N PHE E 358 38.47 -6.42 -18.40
N PHE E 358 4.23 -26.03 35.44
CA PHE E 358 38.83 -5.24 -19.20
CA PHE E 358 2.88 -26.49 35.77
C PHE E 358 37.79 -4.97 -20.30
C PHE E 358 1.96 -25.32 36.14
N ASP E 359 37.24 -6.04 -20.87
N ASP E 359 2.49 -24.32 36.85
CA ASP E 359 36.19 -5.93 -21.90
CA ASP E 359 1.71 -23.16 37.24
C ASP E 359 34.78 -5.97 -21.27
C ASP E 359 1.81 -22.07 36.17
N LEU E 360 34.65 -5.48 -20.03
N LEU E 360 1.64 -22.47 34.90
CA LEU E 360 33.41 -5.43 -19.26
CA LEU E 360 1.71 -21.59 33.74
C LEU E 360 33.19 -4.01 -18.73
C LEU E 360 0.84 -22.14 32.59
N ALA E 361 34.26 -3.36 -18.23
N ALA E 361 0.71 -23.47 32.47
CA ALA E 361 34.20 -2.01 -17.69
CA ALA E 361 -0.08 -24.13 31.44
C ALA E 361 34.03 -0.96 -18.78
C ALA E 361 -1.58 -23.97 31.64
N ILE E 362 34.67 -1.18 -19.95
N ILE E 362 -2.07 -24.11 32.89
CA ILE E 362 34.60 -0.28 -21.10
CA ILE E 362 -3.50 -23.95 33.22
C ILE E 362 33.15 -0.14 -21.59
C ILE E 362 -3.97 -22.54 32.84
N ASP E 363 32.46 -1.28 -21.79
N ASP E 363 -3.18 -21.52 33.21
CA ASP E 363 31.08 -1.30 -22.26
CA ASP E 363 -3.48 -20.11 32.94
C ASP E 363 30.06 -0.84 -21.22
C ASP E 363 -3.46 -19.78 31.45
N ASN E 364 30.41 -0.90 -19.93
N ASN E 364 -2.61 -20.47 30.67
CA ASN E 364 29.52 -0.47 -18.86
CA ASN E 364 -2.51 -20.24 29.23
C ASN E 364 29.53 1.04 -18.59
C ASN E 364 -3.55 -21.03 28.39
N GLY E 365 30.43 1.78 -19.22
N GLY E 365 -4.60 -21.53 29.03
CA GLY E 365 30.54 3.22 -19.03
CA GLY E 365 -5.66 -22.28 28.35
C GLY E 365 31.43 3.62 -17.86
C GLY E 365 -5.25 -23.64 27.86
N ASN E 366 32.21 2.68 -17.32
N ASN E 366 -4.21 -24.23 28.47
CA ASN E 366 33.13 2.92 -16.21
CA ASN E 366 -3.72 -25.57 28.10
C ASN E 366 34.56 2.81 -16.76
C ASN E 366 -4.04 -26.56 29.21
N GLU E 367 35.00 3.85 -17.47
N GLU E 367 -5.28 -27.04 29.25
CA GLU E 367 36.30 3.92 -18.15
CA GLU E 367 -5.74 -27.98 30.27
C GLU E 367 37.51 3.88 -17.23
C GLU E 367 -5.18 -29.38 30.06
N ASP E 368 37.49 4.63 -16.12
N ASP E 368 -5.03 -29.79 28.80
CA ASP E 368 38.61 4.71 -15.17
CA ASP E 368 -4.50 -31.11 28.45
C ASP E 368 38.95 3.38 -14.49
C ASP E 368 -3.00 -31.23 28.70
N ILE E 369 37.98 2.46 -14.41
N ILE E 369 -2.27 -30.12 28.57
CA ILE E 369 38.20 1.15 -13.81
CA ILE E 369 -0.82 -30.06 28.75
C ILE E 369 39.02 0.28 -14.77
C ILE E 369 -0.46 -30.14 30.24
N ALA E 370 38.68 0.32 -16.06
N ALA E 370 -1.24 -29.47 31.09
CA ALA E 370 39.40 -0.42 -17.09
CA ALA E 370 -1.01 -29.43 32.54
C ALA E 370 40.84 0.10 -17.29
C ALA E 370 -1.02 -30.80 33.21
N GLU E 371 41.08 1.39 -16.98
N GLU E 371 -1.92 -31.69 32.79
CA GLU E 371 42.41 2.00 -17.06
CA GLU E 371 -1.97 -33.03 33.38
C GLU E 371 43.34 1.44 -15.97
C GLU E 371 -0.84 -33.97 32.88
N VAL E 372 42.78 0.98 -14.84
N VAL E 372 -0.12 -33.57 31.83
CA VAL E 372 43.55 0.38 -13.75
CA VAL E 372 1.02 -34.33 31.32
C VAL E 372 43.98 -1.02 -14.18
C VAL E 372 2.21 -34.07 32.25
N LEU E 373 43.06 -1.79 -14.77
N LEU E 373 2.46 -32.79 32.59
CA LEU E 373 43.33 -3.15 -15.28
CA LEU E 373 3.51 -32.41 33.53
C LEU E 373 44.31 -3.12 -16.45
C LEU E 373 3.18 -32.79 34.99
N GLN E 374 44.32 -2.03 -17.24
N GLN E 374 1.89 -33.00 35.30
CA GLN E 374 45.23 -1.83 -18.37
CA GLN E 374 1.41 -33.42 36.62
C GLN E 374 46.68 -1.77 -17.86
C GLN E 374 1.96 -34.81 36.92
N LYS E 375 46.89 -1.10 -16.72
N LYS E 375 1.91 -35.72 35.92
CA LYS E 375 48.21 -0.98 -16.09
CA LYS E 375 2.44 -37.07 36.08
C LYS E 375 48.48 -2.12 -15.10
C LYS E 375 3.87 -37.12 35.52
N ALA E 376 47.94 -3.32 -15.37
N ALA E 376 4.68 -36.12 35.88
CA ALA E 376 48.12 -4.48 -14.51
CA ALA E 376 6.07 -35.98 35.46
C ALA E 376 48.12 -5.78 -15.32
C ALA E 376 6.92 -35.33 36.56
N ALA E 377 47.35 -5.84 -16.41
N ALA E 377 6.33 -34.47 37.41
CA ALA E 377 47.30 -7.04 -17.24
CA ALA E 377 7.04 -33.82 38.50
C ALA E 377 48.29 -6.93 -18.40
C ALA E 377 7.34 -34.80 39.64
N1 FMN F . 11.76 -35.80 -19.23
C2 FMN F . 11.77 -35.53 -17.89
O2 FMN F . 12.01 -36.40 -17.07
N3 FMN F . 11.61 -34.26 -17.44
C4 FMN F . 11.47 -33.14 -18.24
O4 FMN F . 11.23 -32.05 -17.71
C4A FMN F . 11.54 -33.41 -19.65
N5 FMN F . 11.49 -32.39 -20.48
C5A FMN F . 11.47 -32.67 -21.83
C6 FMN F . 11.30 -31.62 -22.73
C7 FMN F . 11.16 -31.84 -24.09
C7M FMN F . 10.95 -30.65 -25.01
C8 FMN F . 11.21 -33.16 -24.58
C8M FMN F . 10.97 -33.47 -26.04
C9 FMN F . 11.42 -34.20 -23.70
C9A FMN F . 11.53 -33.99 -22.33
N10 FMN F . 11.58 -35.04 -21.41
C10 FMN F . 11.65 -34.79 -20.07
C1' FMN F . 11.33 -36.41 -21.90
C2' FMN F . 12.59 -37.25 -22.07
O2' FMN F . 13.57 -36.51 -22.79
C3' FMN F . 12.32 -38.56 -22.79
O3' FMN F . 11.52 -38.35 -23.96
C4' FMN F . 11.69 -39.64 -21.90
O4' FMN F . 12.62 -39.98 -20.87
C5' FMN F . 11.21 -40.88 -22.63
O5' FMN F . 12.24 -41.36 -23.52
P FMN F . 13.40 -42.36 -23.00
O1P FMN F . 14.28 -42.64 -24.18
O2P FMN F . 14.11 -41.66 -21.89
O3P FMN F . 12.72 -43.58 -22.39
C1 GOL G . -11.08 -29.48 -26.28
O1 GOL G . -10.08 -30.36 -25.80
C2 GOL G . -10.64 -28.77 -27.54
O2 GOL G . -11.71 -27.96 -28.04
C3 GOL G . -9.44 -27.89 -27.28
O3 GOL G . -8.96 -27.29 -28.49
MG MG H . 13.46 -37.57 -26.62
N1 FMN I . -21.36 13.34 -28.39
C2 FMN I . -21.35 13.84 -29.69
O2 FMN I . -21.60 13.14 -30.69
N3 FMN I . -21.04 15.16 -29.90
C4 FMN I . -20.76 16.08 -28.92
O4 FMN I . -20.46 17.22 -29.23
C4A FMN I . -20.82 15.57 -27.56
N5 FMN I . -20.58 16.40 -26.57
C5A FMN I . -20.54 15.89 -25.29
C6 FMN I . -20.19 16.74 -24.26
C7 FMN I . -20.07 16.29 -22.95
C7M FMN I . -19.66 17.25 -21.87
C8 FMN I . -20.33 14.94 -22.66
C8M FMN I . -20.22 14.38 -21.27
C9 FMN I . -20.68 14.08 -23.71
C9A FMN I . -20.77 14.54 -25.02
N10 FMN I . -21.03 13.68 -26.12
C10 FMN I . -21.09 14.17 -27.40
C1' FMN I . -21.06 12.22 -25.88
C2' FMN I . -22.44 11.63 -25.64
O2' FMN I . -23.17 12.40 -24.67
C3' FMN I . -22.33 10.19 -25.12
O3' FMN I . -21.45 10.11 -24.00
C4' FMN I . -21.97 9.22 -26.25
O4' FMN I . -23.13 9.15 -27.07
C5' FMN I . -21.51 7.84 -25.83
O5' FMN I . -22.40 7.20 -24.89
P FMN I . -23.82 6.53 -25.28
O1P FMN I . -24.66 6.23 -24.04
O2P FMN I . -24.56 7.46 -26.27
O3P FMN I . -23.43 5.26 -26.02
C1 GOL J . 2.68 17.98 -20.70
O1 GOL J . 3.25 17.70 -19.43
C2 GOL J . 1.77 16.84 -21.12
O2 GOL J . 0.52 16.96 -20.43
C3 GOL J . 1.55 16.78 -22.62
O3 GOL J . 1.61 15.43 -23.08
CL CL K . -1.14 12.07 -30.76
MG MG L . -22.99 10.76 -21.38
N1 FMN M . 24.99 7.89 33.12
C2 FMN M . 25.33 7.33 31.93
O2 FMN M . 26.52 7.24 31.61
N3 FMN M . 24.38 6.85 31.09
C4 FMN M . 23.02 6.85 31.32
O4 FMN M . 22.25 6.48 30.43
C4A FMN M . 22.64 7.39 32.62
N5 FMN M . 21.37 7.40 32.96
C5A FMN M . 21.03 7.97 34.18
C6 FMN M . 19.67 8.09 34.50
C7 FMN M . 19.26 8.74 35.67
C7M FMN M . 17.78 8.83 35.97
C8 FMN M . 20.24 9.27 36.55
C8M FMN M . 19.86 10.03 37.79
C9 FMN M . 21.58 9.13 36.23
C9A FMN M . 21.99 8.51 35.05
N10 FMN M . 23.34 8.48 34.64
C10 FMN M . 23.70 7.92 33.45
C1' FMN M . 24.32 9.26 35.43
C2' FMN M . 25.23 8.41 36.32
O2' FMN M . 24.44 7.50 37.07
C3' FMN M . 26.03 9.29 37.29
O3' FMN M . 25.20 10.24 37.94
C4' FMN M . 27.24 9.95 36.63
O4' FMN M . 28.17 8.92 36.28
C5' FMN M . 27.88 11.08 37.39
O5' FMN M . 28.14 10.72 38.77
P FMN M . 29.40 9.81 39.29
O1P FMN M . 29.20 9.67 40.83
O2P FMN M . 29.36 8.47 38.50
O3P FMN M . 30.75 10.48 38.89
C1 GOL N . 12.69 27.01 27.37
O1 GOL N . 13.58 28.11 27.25
C2 GOL N . 11.48 27.36 28.20
O2 GOL N . 10.66 28.29 27.50
C3 GOL N . 10.66 26.12 28.54
O3 GOL N . 9.60 26.45 29.43
MG MG O . 23.70 9.44 40.67
N1 FMN P . -27.62 24.07 9.73
C2 FMN P . -28.60 24.34 10.65
O2 FMN P . -28.43 25.12 11.59
N3 FMN P . -29.80 23.70 10.56
C4 FMN P . -30.17 22.80 9.60
O4 FMN P . -31.28 22.26 9.65
C4A FMN P . -29.13 22.54 8.61
N5 FMN P . -29.41 21.71 7.63
C5A FMN P . -28.41 21.45 6.70
C6 FMN P . -28.67 20.51 5.71
C7 FMN P . -27.69 20.14 4.79
C7M FMN P . -28.03 19.10 3.75
C8 FMN P . -26.42 20.72 4.88
C8M FMN P . -25.29 20.31 3.96
C9 FMN P . -26.17 21.66 5.87
C9A FMN P . -27.15 22.03 6.79
N10 FMN P . -26.90 22.90 7.87
C10 FMN P . -27.88 23.20 8.77
C1' FMN P . -25.50 23.28 8.13
C2' FMN P . -25.01 24.62 7.56
O2' FMN P . -25.38 24.76 6.19
C3' FMN P . -23.49 24.73 7.67
O3' FMN P . -22.86 23.59 7.09
C4' FMN P . -23.01 25.00 9.10
O4' FMN P . -23.56 26.25 9.48
C5' FMN P . -21.50 24.97 9.27
O5' FMN P . -20.82 25.74 8.27
P FMN P . -20.70 27.34 8.46
O1P FMN P . -19.93 27.70 9.68
O2P FMN P . -20.03 27.84 7.16
O3P FMN P . -22.13 27.90 8.53
C1 GOL Q . -23.68 -0.96 12.73
O1 GOL Q . -23.97 -1.54 11.48
C2 GOL Q . -24.22 0.44 12.85
O2 GOL Q . -23.85 0.99 14.12
C3 GOL Q . -23.71 1.33 11.73
O3 GOL Q . -24.19 2.66 11.87
CL CL R . -24.39 7.21 20.91
MG MG S . -22.55 23.93 4.06
N1 FMN T . -4.93 -1.18 -6.39
N1 FMN T . -2.27 6.92 3.46
C2 FMN T . -4.38 0.07 -6.30
C2 FMN T . -3.21 5.97 3.31
O2 FMN T . -4.58 0.93 -7.16
O2 FMN T . -4.37 6.16 3.68
N3 FMN T . -3.64 0.40 -5.20
N3 FMN T . -2.91 4.81 2.66
C4 FMN T . -3.41 -0.41 -4.10
C4 FMN T . -1.70 4.50 2.07
O4 FMN T . -2.61 -0.06 -3.25
O4 FMN T . -1.50 3.37 1.66
C4A FMN T . -4.06 -1.67 -4.15
C4A FMN T . -0.74 5.54 2.14
N5 FMN T . -4.01 -2.43 -3.09
N5 FMN T . 0.40 5.37 1.52
C5A FMN T . -4.65 -3.66 -3.14
C5A FMN T . 1.36 6.36 1.65
C6 FMN T . -4.56 -4.49 -2.03
C6 FMN T . 2.62 6.14 1.10
C7 FMN T . -5.08 -5.78 -2.05
C7 FMN T . 3.68 7.00 1.33
C7M FMN T . -4.84 -6.68 -0.87
C7M FMN T . 5.05 6.65 0.82
C8 FMN T . -5.76 -6.24 -3.21
C8 FMN T . 3.46 8.18 2.08
C8M FMN T . -6.37 -7.61 -3.28
C8M FMN T . 4.56 9.19 2.32
C9 FMN T . -5.85 -5.39 -4.31
C9 FMN T . 2.20 8.42 2.60
C9A FMN T . -5.30 -4.11 -4.29
C9A FMN T . 1.15 7.52 2.42
N10 FMN T . -5.34 -3.25 -5.43
N10 FMN T . -0.10 7.66 3.06
C10 FMN T . -4.77 -2.00 -5.37
C10 FMN T . -1.09 6.71 2.91
C1' FMN T . -5.88 -3.78 -6.69
C1' FMN T . -0.30 8.77 4.02
C2' FMN T . -7.30 -3.34 -7.00
C2' FMN T . -1.13 9.93 3.47
O2' FMN T . -8.22 -3.85 -6.03
O2' FMN T . -0.37 10.71 2.55
C3' FMN T . -7.69 -3.70 -8.43
C3' FMN T . -1.71 10.76 4.62
O3' FMN T . -8.18 -2.55 -9.10
O3' FMN T . -3.09 11.02 4.38
C4' FMN T . -8.72 -4.83 -8.63
C4' FMN T . -1.02 12.08 4.94
O4' FMN T . -8.45 -5.93 -7.77
O4' FMN T . 0.40 11.90 4.97
C5' FMN T . -8.82 -5.25 -10.08
C5' FMN T . -1.55 12.69 6.22
O5' FMN T . -10.20 -5.41 -10.39
O5' FMN T . -1.39 14.12 6.11
P FMN T . -10.99 -4.23 -11.13
P FMN T . -2.64 14.97 5.61
O1P FMN T . -10.31 -2.90 -10.95
O1P FMN T . -3.84 14.06 5.55
O2P FMN T . -11.06 -4.69 -12.59
O2P FMN T . -2.78 16.10 6.60
O3P FMN T . -12.43 -4.25 -10.57
O3P FMN T . -2.29 15.60 4.26
#